data_7WBN
#
_entry.id   7WBN
#
_cell.length_a   1.000
_cell.length_b   1.000
_cell.length_c   1.000
_cell.angle_alpha   90.00
_cell.angle_beta   90.00
_cell.angle_gamma   90.00
#
_symmetry.space_group_name_H-M   'P 1'
#
_entity_poly.entity_id   1
_entity_poly.type   'polypeptide(L)'
_entity_poly.pdbx_seq_one_letter_code
;GGSKENEISHHAKEIERLQKEIERHKQSIKKLKQSEQSNPPPNPEGTRQARRNRRRRWRERQRQKENEISHHAKEIERLQ
KEIERHKQSIKKLKQSEC
;
_entity_poly.pdbx_strand_id   A
#
# COMPACT_ATOMS: atom_id res chain seq x y z
N GLY A 1 10.08 -32.11 9.67
CA GLY A 1 8.85 -31.37 9.50
C GLY A 1 7.63 -32.27 9.41
N GLY A 2 6.47 -31.67 9.20
CA GLY A 2 5.24 -32.45 9.11
C GLY A 2 4.03 -31.58 8.82
N SER A 3 4.01 -30.38 9.40
CA SER A 3 2.90 -29.46 9.21
C SER A 3 3.27 -28.35 8.24
N LYS A 4 2.26 -27.70 7.67
CA LYS A 4 2.48 -26.61 6.72
C LYS A 4 2.95 -25.35 7.44
N GLU A 5 2.39 -25.10 8.62
CA GLU A 5 2.76 -23.93 9.40
C GLU A 5 4.28 -23.82 9.55
N ASN A 6 4.92 -24.97 9.74
CA ASN A 6 6.37 -25.01 9.91
C ASN A 6 7.07 -24.31 8.75
N GLU A 7 6.68 -24.67 7.53
CA GLU A 7 7.27 -24.08 6.34
C GLU A 7 6.86 -22.61 6.20
N ILE A 8 5.57 -22.35 6.37
CA ILE A 8 5.05 -20.99 6.27
C ILE A 8 5.82 -20.03 7.17
N SER A 9 6.17 -20.49 8.36
CA SER A 9 6.92 -19.67 9.31
C SER A 9 8.23 -19.20 8.70
N HIS A 10 8.85 -20.06 7.90
CA HIS A 10 10.12 -19.72 7.25
C HIS A 10 9.96 -18.49 6.37
N HIS A 11 9.05 -18.56 5.41
CA HIS A 11 8.80 -17.46 4.49
C HIS A 11 8.33 -16.21 5.25
N ALA A 12 7.46 -16.43 6.23
CA ALA A 12 6.93 -15.33 7.04
C ALA A 12 8.05 -14.59 7.76
N LYS A 13 9.13 -15.31 8.05
CA LYS A 13 10.27 -14.72 8.75
C LYS A 13 10.92 -13.64 7.89
N GLU A 14 10.87 -13.81 6.57
CA GLU A 14 11.45 -12.85 5.65
C GLU A 14 10.38 -11.95 5.04
N ILE A 15 9.13 -12.39 5.13
CA ILE A 15 8.01 -11.62 4.59
C ILE A 15 7.52 -10.60 5.60
N GLU A 16 7.59 -10.95 6.88
CA GLU A 16 7.16 -10.04 7.94
C GLU A 16 7.92 -8.73 7.88
N ARG A 17 9.22 -8.80 7.66
CA ARG A 17 10.06 -7.61 7.59
C ARG A 17 9.70 -6.78 6.36
N LEU A 18 9.14 -7.43 5.35
CA LEU A 18 8.74 -6.76 4.13
C LEU A 18 7.38 -6.09 4.27
N GLN A 19 6.39 -6.86 4.69
CA GLN A 19 5.04 -6.35 4.89
C GLN A 19 5.04 -5.19 5.88
N LYS A 20 6.03 -5.19 6.77
CA LYS A 20 6.14 -4.14 7.78
C LYS A 20 6.95 -2.96 7.26
N GLU A 21 7.90 -3.25 6.39
CA GLU A 21 8.75 -2.21 5.81
C GLU A 21 8.00 -1.44 4.73
N ILE A 22 7.21 -2.15 3.95
CA ILE A 22 6.43 -1.52 2.88
C ILE A 22 5.67 -0.31 3.39
N GLU A 23 5.21 -0.39 4.64
CA GLU A 23 4.47 0.71 5.25
C GLU A 23 5.28 2.00 5.24
N ARG A 24 6.57 1.87 5.49
CA ARG A 24 7.47 3.02 5.51
C ARG A 24 7.98 3.33 4.11
N HIS A 25 8.44 2.31 3.41
CA HIS A 25 8.96 2.47 2.05
C HIS A 25 7.91 3.10 1.14
N LYS A 26 6.77 2.43 1.01
CA LYS A 26 5.68 2.92 0.17
C LYS A 26 5.35 4.36 0.51
N GLN A 27 5.33 4.68 1.79
CA GLN A 27 5.02 6.02 2.25
C GLN A 27 6.14 6.99 1.89
N SER A 28 7.37 6.51 1.92
CA SER A 28 8.53 7.33 1.60
C SER A 28 8.57 7.66 0.10
N ILE A 29 8.13 6.70 -0.72
CA ILE A 29 8.11 6.89 -2.15
C ILE A 29 6.84 7.61 -2.60
N LYS A 30 5.76 7.38 -1.89
CA LYS A 30 4.48 8.00 -2.21
C LYS A 30 4.64 9.53 -2.34
N LYS A 31 5.55 10.09 -1.55
CA LYS A 31 5.80 11.52 -1.57
C LYS A 31 6.05 11.99 -3.00
N LEU A 32 6.83 11.23 -3.75
CA LEU A 32 7.15 11.57 -5.13
C LEU A 32 6.05 11.09 -6.08
N LYS A 33 5.46 9.95 -5.76
CA LYS A 33 4.39 9.38 -6.57
C LYS A 33 3.20 10.32 -6.64
N GLN A 34 2.93 11.02 -5.54
CA GLN A 34 1.81 11.96 -5.48
C GLN A 34 1.85 12.93 -6.66
N SER A 35 3.05 13.24 -7.12
CA SER A 35 3.23 14.16 -8.24
C SER A 35 2.66 13.56 -9.53
N GLU A 36 2.86 12.26 -9.70
CA GLU A 36 2.37 11.57 -10.88
C GLU A 36 0.86 11.37 -10.82
N GLN A 37 0.41 10.61 -9.83
CA GLN A 37 -1.01 10.35 -9.66
C GLN A 37 -1.80 11.66 -9.55
N SER A 38 -1.26 12.61 -8.78
CA SER A 38 -1.91 13.89 -8.59
C SER A 38 -3.36 13.71 -8.15
N ASN A 39 -3.55 12.99 -7.06
CA ASN A 39 -4.89 12.74 -6.53
C ASN A 39 -4.99 13.14 -5.06
N PRO A 40 -5.01 14.45 -4.81
CA PRO A 40 -5.10 14.99 -3.44
C PRO A 40 -6.46 14.73 -2.80
N PRO A 41 -6.55 14.96 -1.49
CA PRO A 41 -7.79 14.76 -0.73
C PRO A 41 -8.86 15.80 -1.09
N PRO A 42 -10.09 15.55 -0.64
CA PRO A 42 -11.22 16.45 -0.89
C PRO A 42 -11.10 17.76 -0.12
N ASN A 43 -11.76 18.80 -0.63
CA ASN A 43 -11.72 20.11 0.02
C ASN A 43 -11.97 19.98 1.51
N PRO A 44 -11.57 21.02 2.27
CA PRO A 44 -11.74 21.05 3.73
C PRO A 44 -13.21 21.18 4.14
N GLU A 45 -13.82 20.07 4.54
CA GLU A 45 -15.21 20.07 4.95
C GLU A 45 -15.39 19.28 6.25
N GLY A 46 -16.41 19.65 7.02
CA GLY A 46 -16.67 18.97 8.28
C GLY A 46 -15.57 19.19 9.29
N THR A 47 -14.59 18.28 9.31
CA THR A 47 -13.48 18.38 10.24
C THR A 47 -12.30 17.50 9.80
N ARG A 48 -11.24 18.14 9.35
CA ARG A 48 -10.05 17.43 8.89
C ARG A 48 -9.59 16.42 9.95
N GLN A 49 -9.77 16.78 11.22
CA GLN A 49 -9.37 15.90 12.32
C GLN A 49 -10.31 14.71 12.43
N ALA A 50 -11.58 14.93 12.16
CA ALA A 50 -12.58 13.87 12.24
C ALA A 50 -12.30 12.79 11.20
N ARG A 51 -11.85 13.20 10.02
CA ARG A 51 -11.55 12.26 8.95
C ARG A 51 -10.13 11.71 9.08
N ARG A 52 -9.22 12.57 9.54
CA ARG A 52 -7.82 12.18 9.72
C ARG A 52 -7.68 11.19 10.88
N ASN A 53 -8.51 11.37 11.89
CA ASN A 53 -8.47 10.50 13.06
C ASN A 53 -9.22 9.19 12.80
N ARG A 54 -10.21 9.25 11.92
CA ARG A 54 -11.00 8.07 11.58
C ARG A 54 -10.31 7.25 10.50
N ARG A 55 -9.64 7.94 9.58
CA ARG A 55 -8.93 7.28 8.49
C ARG A 55 -7.72 6.51 9.01
N ARG A 56 -7.10 7.04 10.06
CA ARG A 56 -5.93 6.41 10.65
C ARG A 56 -6.21 4.94 10.97
N ARG A 57 -7.45 4.64 11.30
CA ARG A 57 -7.85 3.28 11.63
C ARG A 57 -7.84 2.40 10.39
N TRP A 58 -8.24 2.98 9.25
CA TRP A 58 -8.28 2.26 7.99
C TRP A 58 -6.89 2.14 7.37
N ARG A 59 -6.24 3.29 7.22
CA ARG A 59 -4.89 3.33 6.63
C ARG A 59 -3.97 2.34 7.34
N GLU A 60 -4.18 2.16 8.64
CA GLU A 60 -3.37 1.24 9.42
C GLU A 60 -3.30 -0.13 8.76
N ARG A 61 -4.45 -0.76 8.58
CA ARG A 61 -4.52 -2.08 7.97
C ARG A 61 -4.27 -1.99 6.47
N GLN A 62 -4.83 -0.95 5.84
CA GLN A 62 -4.67 -0.75 4.40
C GLN A 62 -3.20 -0.80 4.00
N ARG A 63 -2.33 -0.31 4.89
CA ARG A 63 -0.89 -0.30 4.62
C ARG A 63 -0.41 -1.68 4.20
N GLN A 64 -0.74 -2.69 5.00
CA GLN A 64 -0.34 -4.05 4.71
C GLN A 64 -1.29 -4.71 3.72
N LYS A 65 -2.58 -4.38 3.83
CA LYS A 65 -3.59 -4.92 2.94
C LYS A 65 -3.25 -4.64 1.47
N GLU A 66 -3.10 -3.36 1.15
CA GLU A 66 -2.77 -2.95 -0.22
C GLU A 66 -1.54 -3.71 -0.73
N ASN A 67 -0.60 -3.97 0.17
CA ASN A 67 0.62 -4.69 -0.18
C ASN A 67 0.29 -6.11 -0.66
N GLU A 68 -0.70 -6.72 -0.03
CA GLU A 68 -1.11 -8.08 -0.39
C GLU A 68 -1.42 -8.18 -1.88
N ILE A 69 -2.40 -7.39 -2.33
CA ILE A 69 -2.80 -7.39 -3.73
C ILE A 69 -1.64 -6.97 -4.63
N SER A 70 -0.82 -6.06 -4.13
CA SER A 70 0.33 -5.55 -4.89
C SER A 70 1.26 -6.70 -5.27
N HIS A 71 1.39 -7.68 -4.38
CA HIS A 71 2.25 -8.83 -4.63
C HIS A 71 1.92 -9.47 -5.97
N HIS A 72 0.64 -9.48 -6.32
CA HIS A 72 0.18 -10.06 -7.58
C HIS A 72 0.52 -9.15 -8.75
N ALA A 73 0.41 -7.85 -8.52
CA ALA A 73 0.70 -6.87 -9.56
C ALA A 73 2.19 -6.85 -9.90
N LYS A 74 3.02 -6.67 -8.88
CA LYS A 74 4.47 -6.63 -9.07
C LYS A 74 4.95 -7.85 -9.85
N GLU A 75 4.30 -9.00 -9.61
CA GLU A 75 4.66 -10.23 -10.28
C GLU A 75 4.69 -10.04 -11.79
N ILE A 76 3.76 -9.22 -12.30
CA ILE A 76 3.69 -8.96 -13.72
C ILE A 76 3.99 -7.49 -14.02
N GLU A 77 5.28 -7.17 -14.09
CA GLU A 77 5.70 -5.80 -14.37
C GLU A 77 6.73 -5.77 -15.49
N ARG A 78 6.80 -4.65 -16.21
CA ARG A 78 7.74 -4.49 -17.31
C ARG A 78 9.15 -4.22 -16.80
N LEU A 79 10.11 -4.97 -17.30
CA LEU A 79 11.51 -4.81 -16.89
C LEU A 79 12.18 -3.68 -17.66
N GLN A 80 12.87 -2.81 -16.94
CA GLN A 80 13.56 -1.69 -17.58
C GLN A 80 15.07 -1.76 -17.33
N LYS A 81 15.68 -2.83 -17.82
CA LYS A 81 17.12 -3.03 -17.65
C LYS A 81 17.80 -3.18 -19.00
N GLU A 82 19.06 -2.74 -19.08
CA GLU A 82 19.83 -2.83 -20.31
C GLU A 82 19.15 -2.05 -21.43
N ILE A 83 18.87 -0.78 -21.16
CA ILE A 83 18.22 0.09 -22.14
C ILE A 83 19.08 1.30 -22.46
N GLU A 84 18.84 1.91 -23.61
CA GLU A 84 19.58 3.09 -24.03
C GLU A 84 19.50 4.19 -22.99
N ARG A 85 20.66 4.73 -22.60
CA ARG A 85 20.72 5.79 -21.61
C ARG A 85 21.76 6.84 -21.99
N HIS A 86 21.62 8.03 -21.43
CA HIS A 86 22.56 9.12 -21.71
C HIS A 86 23.10 9.71 -20.41
N LYS A 87 24.30 10.27 -20.49
CA LYS A 87 24.94 10.88 -19.32
C LYS A 87 25.44 12.28 -19.64
N GLN A 88 24.59 13.27 -19.38
CA GLN A 88 24.95 14.67 -19.65
C GLN A 88 25.95 15.17 -18.61
N SER A 89 27.24 14.91 -18.87
CA SER A 89 28.30 15.34 -17.97
C SER A 89 28.67 16.80 -18.21
N ILE A 90 28.59 17.21 -19.47
CA ILE A 90 28.92 18.58 -19.85
C ILE A 90 28.20 19.58 -18.97
N LYS A 91 26.98 19.22 -18.56
CA LYS A 91 26.17 20.09 -17.71
C LYS A 91 26.97 20.55 -16.49
N LYS A 92 27.85 19.68 -16.01
CA LYS A 92 28.67 19.99 -14.84
C LYS A 92 29.58 21.17 -15.12
N LEU A 93 30.04 21.29 -16.36
CA LEU A 93 30.92 22.38 -16.76
C LEU A 93 30.11 23.59 -17.22
N LYS A 94 29.08 23.33 -18.02
CA LYS A 94 28.23 24.39 -18.54
C LYS A 94 27.59 25.17 -17.38
N GLN A 95 27.10 24.46 -16.38
CA GLN A 95 26.47 25.10 -15.23
C GLN A 95 27.45 26.01 -14.51
N SER A 96 28.71 25.61 -14.47
CA SER A 96 29.75 26.39 -13.82
C SER A 96 30.18 27.58 -14.69
N GLU A 97 30.30 27.33 -15.99
CA GLU A 97 30.70 28.37 -16.92
C GLU A 97 32.00 29.04 -16.47
N CYS A 98 32.90 28.24 -15.90
CA CYS A 98 34.18 28.75 -15.42
C CYS A 98 35.28 28.52 -16.46
N GLY A 1 9.05 -27.86 3.29
CA GLY A 1 8.13 -27.90 4.40
C GLY A 1 7.04 -28.93 4.24
N GLY A 2 6.91 -29.82 5.21
CA GLY A 2 5.88 -30.86 5.14
C GLY A 2 4.48 -30.28 5.11
N SER A 3 4.13 -29.55 6.15
CA SER A 3 2.80 -28.94 6.24
C SER A 3 2.76 -27.60 5.52
N LYS A 4 1.59 -26.99 5.50
CA LYS A 4 1.42 -25.70 4.84
C LYS A 4 1.91 -24.56 5.74
N GLU A 5 1.37 -24.51 6.96
CA GLU A 5 1.76 -23.47 7.91
C GLU A 5 3.28 -23.44 8.11
N ASN A 6 3.90 -24.62 8.08
CA ASN A 6 5.34 -24.73 8.25
C ASN A 6 6.07 -23.88 7.22
N GLU A 7 5.69 -24.03 5.96
CA GLU A 7 6.32 -23.28 4.88
C GLU A 7 6.00 -21.79 4.99
N ILE A 8 4.75 -21.48 5.33
CA ILE A 8 4.32 -20.10 5.47
C ILE A 8 5.15 -19.38 6.54
N SER A 9 5.52 -20.10 7.58
CA SER A 9 6.31 -19.53 8.67
C SER A 9 7.68 -19.09 8.16
N HIS A 10 8.38 -20.00 7.47
CA HIS A 10 9.70 -19.71 6.94
C HIS A 10 9.67 -18.43 6.09
N HIS A 11 8.63 -18.29 5.29
CA HIS A 11 8.48 -17.12 4.43
C HIS A 11 8.07 -15.89 5.24
N ALA A 12 7.22 -16.10 6.23
CA ALA A 12 6.77 -15.01 7.09
C ALA A 12 7.93 -14.39 7.86
N LYS A 13 8.91 -15.21 8.21
CA LYS A 13 10.07 -14.74 8.94
C LYS A 13 10.75 -13.58 8.22
N GLU A 14 10.73 -13.63 6.89
CA GLU A 14 11.33 -12.58 6.08
C GLU A 14 10.28 -11.58 5.61
N ILE A 15 9.12 -12.10 5.23
CA ILE A 15 8.03 -11.25 4.76
C ILE A 15 7.63 -10.22 5.81
N GLU A 16 7.75 -10.61 7.07
CA GLU A 16 7.41 -9.71 8.18
C GLU A 16 8.18 -8.41 8.08
N ARG A 17 9.50 -8.51 7.99
CA ARG A 17 10.36 -7.33 7.89
C ARG A 17 10.00 -6.51 6.66
N LEU A 18 9.39 -7.15 5.67
CA LEU A 18 9.00 -6.47 4.44
C LEU A 18 7.67 -5.73 4.62
N GLN A 19 6.66 -6.46 5.08
CA GLN A 19 5.34 -5.88 5.30
C GLN A 19 5.42 -4.71 6.28
N LYS A 20 6.43 -4.73 7.14
CA LYS A 20 6.62 -3.68 8.13
C LYS A 20 7.48 -2.56 7.57
N GLU A 21 8.39 -2.90 6.67
CA GLU A 21 9.28 -1.92 6.06
C GLU A 21 8.54 -1.11 4.99
N ILE A 22 7.68 -1.79 4.24
CA ILE A 22 6.90 -1.14 3.19
C ILE A 22 6.22 0.12 3.71
N GLU A 23 5.81 0.09 4.97
CA GLU A 23 5.15 1.23 5.58
C GLU A 23 5.97 2.50 5.40
N ARG A 24 7.29 2.36 5.43
CA ARG A 24 8.19 3.50 5.27
C ARG A 24 8.47 3.75 3.80
N HIS A 25 8.90 2.72 3.09
CA HIS A 25 9.21 2.83 1.67
C HIS A 25 8.05 3.47 0.92
N LYS A 26 6.86 2.91 1.08
CA LYS A 26 5.67 3.41 0.41
C LYS A 26 5.52 4.91 0.64
N GLN A 27 5.76 5.35 1.87
CA GLN A 27 5.65 6.76 2.21
C GLN A 27 6.77 7.57 1.56
N SER A 28 7.94 6.94 1.43
CA SER A 28 9.09 7.61 0.83
C SER A 28 8.90 7.76 -0.68
N ILE A 29 8.26 6.78 -1.30
CA ILE A 29 8.01 6.81 -2.73
C ILE A 29 6.77 7.62 -3.05
N LYS A 30 5.78 7.56 -2.16
CA LYS A 30 4.53 8.28 -2.35
C LYS A 30 4.79 9.74 -2.68
N LYS A 31 5.87 10.29 -2.11
CA LYS A 31 6.23 11.68 -2.32
C LYS A 31 6.41 11.96 -3.81
N LEU A 32 6.99 11.00 -4.53
CA LEU A 32 7.23 11.15 -5.96
C LEU A 32 5.98 10.75 -6.75
N LYS A 33 5.26 9.75 -6.26
CA LYS A 33 4.05 9.27 -6.91
C LYS A 33 2.98 10.35 -6.91
N GLN A 34 2.84 11.05 -5.80
CA GLN A 34 1.85 12.11 -5.67
C GLN A 34 1.94 13.09 -6.84
N SER A 35 3.15 13.27 -7.36
CA SER A 35 3.36 14.18 -8.48
C SER A 35 2.97 13.51 -9.80
N GLU A 36 3.19 12.21 -9.88
CA GLU A 36 2.86 11.45 -11.10
C GLU A 36 1.42 11.72 -11.53
N GLN A 37 0.50 11.68 -10.57
CA GLN A 37 -0.91 11.92 -10.85
C GLN A 37 -1.29 13.35 -10.51
N SER A 38 -0.69 13.89 -9.45
CA SER A 38 -0.98 15.26 -9.03
C SER A 38 -2.48 15.48 -8.88
N ASN A 39 -3.18 14.46 -8.41
CA ASN A 39 -4.62 14.53 -8.23
C ASN A 39 -5.02 14.14 -6.81
N PRO A 40 -4.74 15.04 -5.85
CA PRO A 40 -5.06 14.81 -4.43
C PRO A 40 -6.56 14.83 -4.17
N PRO A 41 -6.96 14.38 -2.97
CA PRO A 41 -8.36 14.34 -2.56
C PRO A 41 -8.94 15.74 -2.33
N PRO A 42 -10.27 15.82 -2.24
CA PRO A 42 -10.97 17.09 -2.02
C PRO A 42 -10.73 17.65 -0.62
N ASN A 43 -11.20 18.88 -0.39
CA ASN A 43 -11.03 19.53 0.89
C ASN A 43 -11.51 18.63 2.03
N PRO A 44 -11.01 18.90 3.25
CA PRO A 44 -11.39 18.11 4.43
C PRO A 44 -12.82 18.36 4.86
N GLU A 45 -13.76 17.68 4.21
CA GLU A 45 -15.18 17.82 4.52
C GLU A 45 -15.44 17.49 5.99
N GLY A 46 -16.30 18.29 6.62
CA GLY A 46 -16.63 18.08 8.02
C GLY A 46 -15.51 18.52 8.95
N THR A 47 -14.44 17.73 9.01
CA THR A 47 -13.31 18.06 9.87
C THR A 47 -12.15 17.10 9.63
N ARG A 48 -11.01 17.67 9.24
CA ARG A 48 -9.82 16.87 8.96
C ARG A 48 -9.50 15.94 10.14
N GLN A 49 -9.69 16.46 11.36
CA GLN A 49 -9.42 15.69 12.56
C GLN A 49 -10.44 14.55 12.72
N ALA A 50 -11.68 14.83 12.35
CA ALA A 50 -12.76 13.84 12.45
C ALA A 50 -12.59 12.75 11.40
N ARG A 51 -12.18 13.16 10.19
CA ARG A 51 -12.00 12.21 9.11
C ARG A 51 -10.77 11.33 9.35
N ARG A 52 -9.62 11.96 9.53
CA ARG A 52 -8.38 11.23 9.79
C ARG A 52 -8.55 10.26 10.95
N ASN A 53 -9.33 10.67 11.95
CA ASN A 53 -9.56 9.85 13.12
C ASN A 53 -10.16 8.49 12.73
N ARG A 54 -11.00 8.50 11.70
CA ARG A 54 -11.64 7.28 11.22
C ARG A 54 -10.73 6.53 10.25
N ARG A 55 -10.23 7.25 9.25
CA ARG A 55 -9.35 6.66 8.25
C ARG A 55 -8.15 6.00 8.91
N ARG A 56 -7.51 6.72 9.82
CA ARG A 56 -6.35 6.20 10.53
C ARG A 56 -6.63 4.82 11.10
N ARG A 57 -7.87 4.59 11.51
CA ARG A 57 -8.28 3.31 12.07
C ARG A 57 -8.07 2.18 11.07
N TRP A 58 -8.37 2.46 9.80
CA TRP A 58 -8.22 1.47 8.75
C TRP A 58 -6.80 1.48 8.19
N ARG A 59 -6.21 2.66 8.12
CA ARG A 59 -4.85 2.80 7.60
C ARG A 59 -3.90 1.84 8.30
N GLU A 60 -4.15 1.61 9.59
CA GLU A 60 -3.31 0.71 10.38
C GLU A 60 -3.13 -0.63 9.67
N ARG A 61 -4.25 -1.28 9.37
CA ARG A 61 -4.21 -2.58 8.69
C ARG A 61 -3.97 -2.40 7.20
N GLN A 62 -4.52 -1.34 6.63
CA GLN A 62 -4.35 -1.06 5.21
C GLN A 62 -2.88 -0.98 4.84
N ARG A 63 -2.07 -0.48 5.76
CA ARG A 63 -0.64 -0.35 5.53
C ARG A 63 -0.04 -1.68 5.03
N GLN A 64 -0.38 -2.75 5.72
CA GLN A 64 0.12 -4.09 5.35
C GLN A 64 -0.78 -4.73 4.31
N LYS A 65 -2.09 -4.58 4.48
CA LYS A 65 -3.06 -5.15 3.56
C LYS A 65 -2.76 -4.73 2.12
N GLU A 66 -2.63 -3.42 1.91
CA GLU A 66 -2.34 -2.89 0.58
C GLU A 66 -1.12 -3.59 -0.02
N ASN A 67 -0.15 -3.92 0.82
CA ASN A 67 1.06 -4.58 0.37
C ASN A 67 0.78 -6.02 -0.05
N GLU A 68 -0.14 -6.66 0.67
CA GLU A 68 -0.50 -8.05 0.38
C GLU A 68 -0.87 -8.22 -1.09
N ILE A 69 -1.88 -7.48 -1.53
CA ILE A 69 -2.33 -7.55 -2.92
C ILE A 69 -1.19 -7.21 -3.87
N SER A 70 -0.33 -6.28 -3.46
CA SER A 70 0.80 -5.87 -4.28
C SER A 70 1.65 -7.07 -4.68
N HIS A 71 1.76 -8.03 -3.76
CA HIS A 71 2.55 -9.23 -4.01
C HIS A 71 2.17 -9.87 -5.34
N HIS A 72 0.91 -10.28 -5.45
CA HIS A 72 0.42 -10.92 -6.66
C HIS A 72 0.23 -9.88 -7.77
N ALA A 73 -0.15 -8.68 -7.39
CA ALA A 73 -0.37 -7.60 -8.35
C ALA A 73 0.89 -7.33 -9.16
N LYS A 74 2.04 -7.40 -8.50
CA LYS A 74 3.32 -7.16 -9.16
C LYS A 74 3.66 -8.31 -10.11
N GLU A 75 3.30 -9.53 -9.71
CA GLU A 75 3.57 -10.70 -10.53
C GLU A 75 3.05 -10.52 -11.95
N ILE A 76 1.86 -9.93 -12.07
CA ILE A 76 1.26 -9.69 -13.37
C ILE A 76 1.73 -8.36 -13.96
N GLU A 77 1.95 -8.35 -15.27
CA GLU A 77 2.40 -7.14 -15.95
C GLU A 77 3.74 -6.68 -15.40
N ARG A 78 4.70 -7.60 -15.31
CA ARG A 78 6.03 -7.28 -14.80
C ARG A 78 6.87 -6.62 -15.88
N LEU A 79 8.07 -6.18 -15.49
CA LEU A 79 8.99 -5.52 -16.42
C LEU A 79 8.35 -4.27 -17.01
N GLN A 80 7.86 -3.39 -16.14
CA GLN A 80 7.23 -2.16 -16.58
C GLN A 80 8.08 -0.94 -16.20
N LYS A 81 8.70 -1.01 -15.02
CA LYS A 81 9.55 0.08 -14.55
C LYS A 81 11.02 -0.33 -14.57
N GLU A 82 11.90 0.63 -14.31
CA GLU A 82 13.33 0.38 -14.31
C GLU A 82 14.09 1.51 -13.62
N ILE A 83 15.13 1.15 -12.88
CA ILE A 83 15.94 2.14 -12.17
C ILE A 83 17.42 1.95 -12.46
N GLU A 84 18.09 3.05 -12.80
CA GLU A 84 19.51 3.02 -13.11
C GLU A 84 20.28 4.05 -12.29
N ARG A 85 21.59 3.86 -12.17
CA ARG A 85 22.43 4.78 -11.41
C ARG A 85 23.90 4.56 -11.74
N HIS A 86 24.72 5.58 -11.48
CA HIS A 86 26.15 5.50 -11.75
C HIS A 86 26.95 5.96 -10.54
N LYS A 87 27.76 5.05 -9.99
CA LYS A 87 28.58 5.36 -8.83
C LYS A 87 29.51 4.19 -8.50
N GLN A 88 30.79 4.49 -8.28
CA GLN A 88 31.77 3.47 -7.95
C GLN A 88 32.88 4.04 -7.08
N SER A 89 32.86 3.67 -5.80
CA SER A 89 33.87 4.15 -4.86
C SER A 89 35.27 3.93 -5.41
N ILE A 90 35.44 2.86 -6.17
CA ILE A 90 36.74 2.52 -6.76
C ILE A 90 37.32 3.72 -7.52
N LYS A 91 36.44 4.50 -8.13
CA LYS A 91 36.86 5.67 -8.89
C LYS A 91 37.76 6.57 -8.05
N LYS A 92 37.50 6.61 -6.74
CA LYS A 92 38.28 7.42 -5.83
C LYS A 92 39.72 6.93 -5.75
N LEU A 93 39.89 5.62 -5.88
CA LEU A 93 41.23 5.01 -5.83
C LEU A 93 41.87 5.00 -7.21
N LYS A 94 41.05 4.76 -8.23
CA LYS A 94 41.53 4.71 -9.61
C LYS A 94 41.96 6.10 -10.08
N GLN A 95 41.23 7.12 -9.67
CA GLN A 95 41.54 8.49 -10.05
C GLN A 95 42.99 8.82 -9.76
N SER A 96 43.53 8.25 -8.69
CA SER A 96 44.92 8.48 -8.30
C SER A 96 45.87 7.66 -9.17
N GLU A 97 45.83 7.91 -10.47
CA GLU A 97 46.69 7.20 -11.41
C GLU A 97 48.13 7.71 -11.34
N CYS A 98 48.28 9.01 -11.10
CA CYS A 98 49.59 9.63 -10.99
C CYS A 98 49.74 10.39 -9.68
N GLY A 1 5.61 -31.83 13.65
CA GLY A 1 6.66 -32.13 12.71
C GLY A 1 6.47 -31.43 11.38
N GLY A 2 7.02 -32.01 10.32
CA GLY A 2 6.89 -31.42 9.00
C GLY A 2 5.45 -31.19 8.61
N SER A 3 5.10 -29.94 8.32
CA SER A 3 3.74 -29.59 7.95
C SER A 3 3.72 -28.31 7.11
N LYS A 4 2.53 -27.88 6.72
CA LYS A 4 2.37 -26.67 5.93
C LYS A 4 2.59 -25.42 6.78
N GLU A 5 1.95 -25.39 7.95
CA GLU A 5 2.07 -24.27 8.86
C GLU A 5 3.55 -23.93 9.12
N ASN A 6 4.37 -24.97 9.19
CA ASN A 6 5.80 -24.78 9.44
C ASN A 6 6.46 -24.03 8.29
N GLU A 7 6.18 -24.47 7.06
CA GLU A 7 6.74 -23.84 5.87
C GLU A 7 6.35 -22.37 5.80
N ILE A 8 5.13 -22.06 6.23
CA ILE A 8 4.64 -20.68 6.22
C ILE A 8 5.51 -19.79 7.10
N SER A 9 5.99 -20.34 8.20
CA SER A 9 6.82 -19.58 9.14
C SER A 9 8.15 -19.20 8.48
N HIS A 10 8.67 -20.10 7.66
CA HIS A 10 9.94 -19.86 6.97
C HIS A 10 9.85 -18.61 6.10
N HIS A 11 8.73 -18.45 5.40
CA HIS A 11 8.53 -17.30 4.54
C HIS A 11 8.07 -16.09 5.34
N ALA A 12 7.21 -16.32 6.33
CA ALA A 12 6.70 -15.26 7.17
C ALA A 12 7.82 -14.60 7.97
N LYS A 13 8.82 -15.39 8.33
CA LYS A 13 9.95 -14.89 9.10
C LYS A 13 10.60 -13.70 8.39
N GLU A 14 10.61 -13.74 7.06
CA GLU A 14 11.20 -12.67 6.27
C GLU A 14 10.13 -11.71 5.77
N ILE A 15 8.99 -12.26 5.37
CA ILE A 15 7.89 -11.45 4.86
C ILE A 15 7.43 -10.44 5.92
N GLU A 16 7.55 -10.82 7.19
CA GLU A 16 7.16 -9.94 8.28
C GLU A 16 7.89 -8.61 8.22
N ARG A 17 9.21 -8.68 8.15
CA ARG A 17 10.04 -7.48 8.08
C ARG A 17 9.70 -6.65 6.84
N LEU A 18 9.14 -7.31 5.84
CA LEU A 18 8.77 -6.64 4.59
C LEU A 18 7.42 -5.95 4.74
N GLN A 19 6.41 -6.70 5.17
CA GLN A 19 5.07 -6.15 5.35
C GLN A 19 5.09 -4.98 6.32
N LYS A 20 6.08 -4.98 7.21
CA LYS A 20 6.22 -3.92 8.21
C LYS A 20 7.05 -2.77 7.67
N GLU A 21 8.01 -3.10 6.81
CA GLU A 21 8.88 -2.09 6.22
C GLU A 21 8.15 -1.31 5.13
N ILE A 22 7.33 -2.01 4.35
CA ILE A 22 6.58 -1.37 3.28
C ILE A 22 5.84 -0.13 3.78
N GLU A 23 5.40 -0.17 5.03
CA GLU A 23 4.69 0.96 5.63
C GLU A 23 5.50 2.23 5.51
N ARG A 24 6.81 2.11 5.66
CA ARG A 24 7.70 3.25 5.57
C ARG A 24 8.11 3.53 4.13
N HIS A 25 8.60 2.50 3.46
CA HIS A 25 9.02 2.63 2.06
C HIS A 25 7.92 3.25 1.21
N LYS A 26 6.74 2.65 1.26
CA LYS A 26 5.60 3.15 0.50
C LYS A 26 5.37 4.64 0.76
N GLN A 27 5.49 5.04 2.02
CA GLN A 27 5.30 6.44 2.39
C GLN A 27 6.48 7.29 1.90
N SER A 28 7.65 6.67 1.80
CA SER A 28 8.84 7.38 1.36
C SER A 28 8.82 7.57 -0.15
N ILE A 29 8.23 6.61 -0.86
CA ILE A 29 8.14 6.68 -2.32
C ILE A 29 6.94 7.49 -2.75
N LYS A 30 5.89 7.49 -1.94
CA LYS A 30 4.67 8.24 -2.23
C LYS A 30 5.00 9.67 -2.62
N LYS A 31 6.07 10.21 -2.05
CA LYS A 31 6.49 11.57 -2.35
C LYS A 31 6.60 11.80 -3.85
N LEU A 32 7.19 10.83 -4.55
CA LEU A 32 7.34 10.93 -6.00
C LEU A 32 6.09 10.46 -6.72
N LYS A 33 5.43 9.45 -6.15
CA LYS A 33 4.21 8.89 -6.73
C LYS A 33 3.13 9.97 -6.84
N GLN A 34 3.12 10.90 -5.89
CA GLN A 34 2.14 11.97 -5.89
C GLN A 34 2.09 12.68 -7.24
N SER A 35 3.24 12.72 -7.91
CA SER A 35 3.33 13.37 -9.22
C SER A 35 2.56 12.58 -10.27
N GLU A 36 2.64 11.25 -10.18
CA GLU A 36 1.96 10.38 -11.13
C GLU A 36 0.45 10.47 -10.95
N GLN A 37 -0.03 10.07 -9.77
CA GLN A 37 -1.46 10.10 -9.47
C GLN A 37 -2.03 11.49 -9.70
N SER A 38 -1.26 12.51 -9.33
CA SER A 38 -1.69 13.90 -9.49
C SER A 38 -2.87 14.20 -8.57
N ASN A 39 -2.83 13.66 -7.36
CA ASN A 39 -3.88 13.88 -6.38
C ASN A 39 -3.44 14.88 -5.31
N PRO A 40 -4.42 15.59 -4.74
CA PRO A 40 -4.15 16.59 -3.69
C PRO A 40 -3.71 15.95 -2.39
N PRO A 41 -3.20 16.78 -1.46
CA PRO A 41 -2.72 16.32 -0.15
C PRO A 41 -3.87 15.87 0.75
N PRO A 42 -3.53 15.19 1.86
CA PRO A 42 -4.51 14.70 2.82
C PRO A 42 -5.19 15.82 3.59
N ASN A 43 -6.49 15.67 3.82
CA ASN A 43 -7.26 16.67 4.55
C ASN A 43 -8.30 16.02 5.45
N PRO A 44 -7.83 15.41 6.55
CA PRO A 44 -8.70 14.74 7.52
C PRO A 44 -9.57 15.72 8.31
N GLU A 45 -10.86 15.74 7.99
CA GLU A 45 -11.80 16.64 8.66
C GLU A 45 -12.20 16.07 10.03
N GLY A 46 -12.94 16.86 10.79
CA GLY A 46 -13.38 16.44 12.11
C GLY A 46 -14.23 15.18 12.06
N THR A 47 -15.38 15.27 11.41
CA THR A 47 -16.28 14.13 11.29
C THR A 47 -15.59 12.95 10.61
N ARG A 48 -14.93 13.22 9.50
CA ARG A 48 -14.22 12.19 8.75
C ARG A 48 -13.18 11.50 9.63
N GLN A 49 -12.53 12.28 10.50
CA GLN A 49 -11.51 11.74 11.39
C GLN A 49 -12.09 10.70 12.32
N ALA A 50 -13.34 10.91 12.74
CA ALA A 50 -14.01 9.98 13.64
C ALA A 50 -14.38 8.68 12.92
N ARG A 51 -14.75 8.81 11.64
CA ARG A 51 -15.12 7.65 10.84
C ARG A 51 -13.88 6.88 10.40
N ARG A 52 -13.01 7.55 9.65
CA ARG A 52 -11.79 6.91 9.16
C ARG A 52 -11.01 6.28 10.31
N ASN A 53 -11.09 6.88 11.48
CA ASN A 53 -10.39 6.37 12.65
C ASN A 53 -10.71 4.89 12.87
N ARG A 54 -11.95 4.50 12.58
CA ARG A 54 -12.38 3.12 12.75
C ARG A 54 -11.84 2.25 11.62
N ARG A 55 -12.15 2.63 10.38
CA ARG A 55 -11.70 1.88 9.21
C ARG A 55 -10.18 1.68 9.25
N ARG A 56 -9.47 2.66 9.78
CA ARG A 56 -8.02 2.60 9.87
C ARG A 56 -7.58 1.30 10.55
N ARG A 57 -8.30 0.91 11.59
CA ARG A 57 -7.98 -0.32 12.32
C ARG A 57 -8.06 -1.53 11.40
N TRP A 58 -8.94 -1.48 10.41
CA TRP A 58 -9.11 -2.57 9.47
C TRP A 58 -8.08 -2.49 8.35
N ARG A 59 -8.08 -1.38 7.62
CA ARG A 59 -7.14 -1.17 6.53
C ARG A 59 -5.71 -1.40 6.99
N GLU A 60 -5.44 -1.08 8.25
CA GLU A 60 -4.10 -1.25 8.81
C GLU A 60 -3.69 -2.72 8.80
N ARG A 61 -4.66 -3.59 9.04
CA ARG A 61 -4.40 -5.03 9.06
C ARG A 61 -4.51 -5.62 7.66
N GLN A 62 -5.51 -5.17 6.90
CA GLN A 62 -5.71 -5.66 5.55
C GLN A 62 -4.55 -5.27 4.64
N ARG A 63 -4.00 -4.08 4.87
CA ARG A 63 -2.87 -3.60 4.08
C ARG A 63 -1.75 -4.62 4.04
N GLN A 64 -1.43 -5.19 5.20
CA GLN A 64 -0.37 -6.18 5.29
C GLN A 64 -0.67 -7.39 4.41
N LYS A 65 -1.95 -7.74 4.32
CA LYS A 65 -2.37 -8.87 3.50
C LYS A 65 -2.31 -8.53 2.01
N GLU A 66 -3.09 -7.53 1.61
CA GLU A 66 -3.12 -7.10 0.22
C GLU A 66 -1.72 -6.79 -0.28
N ASN A 67 -0.88 -6.23 0.59
CA ASN A 67 0.48 -5.88 0.24
C ASN A 67 1.21 -7.08 -0.36
N GLU A 68 0.90 -8.26 0.15
CA GLU A 68 1.54 -9.49 -0.33
C GLU A 68 1.23 -9.72 -1.81
N ILE A 69 -0.06 -9.83 -2.13
CA ILE A 69 -0.48 -10.06 -3.50
C ILE A 69 -0.10 -8.87 -4.39
N SER A 70 -0.15 -7.67 -3.82
CA SER A 70 0.19 -6.46 -4.55
C SER A 70 1.57 -6.57 -5.18
N HIS A 71 2.49 -7.21 -4.45
CA HIS A 71 3.86 -7.38 -4.94
C HIS A 71 3.86 -7.98 -6.34
N HIS A 72 3.01 -8.98 -6.56
CA HIS A 72 2.92 -9.63 -7.86
C HIS A 72 2.02 -8.84 -8.80
N ALA A 73 0.96 -8.26 -8.26
CA ALA A 73 0.01 -7.48 -9.06
C ALA A 73 0.74 -6.37 -9.81
N LYS A 74 1.46 -5.53 -9.08
CA LYS A 74 2.19 -4.42 -9.67
C LYS A 74 3.08 -4.91 -10.82
N GLU A 75 3.63 -6.11 -10.66
CA GLU A 75 4.50 -6.69 -11.69
C GLU A 75 3.77 -6.76 -13.03
N ILE A 76 2.60 -7.38 -13.03
CA ILE A 76 1.81 -7.51 -14.25
C ILE A 76 0.31 -7.60 -13.93
N GLU A 77 -0.49 -6.86 -14.69
CA GLU A 77 -1.93 -6.87 -14.49
C GLU A 77 -2.63 -6.03 -15.57
N ARG A 78 -3.86 -6.43 -15.91
CA ARG A 78 -4.62 -5.72 -16.92
C ARG A 78 -5.90 -5.13 -16.32
N LEU A 79 -5.78 -3.95 -15.73
CA LEU A 79 -6.92 -3.28 -15.11
C LEU A 79 -6.69 -1.77 -15.02
N GLN A 80 -7.78 -1.00 -15.04
CA GLN A 80 -7.68 0.45 -14.96
C GLN A 80 -8.18 0.94 -13.60
N LYS A 81 -7.89 2.21 -13.31
CA LYS A 81 -8.30 2.81 -12.05
C LYS A 81 -9.45 3.78 -12.25
N GLU A 82 -10.34 3.85 -11.28
CA GLU A 82 -11.50 4.75 -11.36
C GLU A 82 -11.86 5.29 -9.98
N ILE A 83 -12.32 6.54 -9.95
CA ILE A 83 -12.70 7.17 -8.69
C ILE A 83 -14.15 7.63 -8.72
N GLU A 84 -14.70 7.95 -7.56
CA GLU A 84 -16.08 8.39 -7.45
C GLU A 84 -16.31 9.16 -6.15
N ARG A 85 -17.16 10.17 -6.21
CA ARG A 85 -17.47 10.99 -5.04
C ARG A 85 -18.97 11.01 -4.77
N HIS A 86 -19.39 10.31 -3.73
CA HIS A 86 -20.80 10.25 -3.36
C HIS A 86 -20.97 9.85 -1.90
N LYS A 87 -21.88 10.51 -1.21
CA LYS A 87 -22.14 10.23 0.20
C LYS A 87 -23.39 10.97 0.68
N GLN A 88 -23.82 10.66 1.90
CA GLN A 88 -25.00 11.30 2.48
C GLN A 88 -26.22 11.08 1.59
N SER A 89 -26.30 9.90 0.99
CA SER A 89 -27.42 9.57 0.11
C SER A 89 -28.75 9.83 0.80
N ILE A 90 -28.77 9.66 2.11
CA ILE A 90 -29.98 9.88 2.90
C ILE A 90 -30.60 11.23 2.57
N LYS A 91 -29.75 12.20 2.24
CA LYS A 91 -30.22 13.54 1.91
C LYS A 91 -31.31 13.49 0.84
N LYS A 92 -31.21 12.52 -0.06
CA LYS A 92 -32.19 12.35 -1.12
C LYS A 92 -33.58 12.08 -0.55
N LEU A 93 -33.63 11.35 0.56
CA LEU A 93 -34.89 11.03 1.21
C LEU A 93 -35.29 12.11 2.21
N LYS A 94 -34.33 12.51 3.05
CA LYS A 94 -34.58 13.54 4.05
C LYS A 94 -35.17 14.80 3.40
N GLN A 95 -34.61 15.18 2.26
CA GLN A 95 -35.08 16.37 1.55
C GLN A 95 -36.51 16.17 1.06
N SER A 96 -36.84 14.94 0.67
CA SER A 96 -38.17 14.62 0.18
C SER A 96 -39.05 14.05 1.30
N GLU A 97 -39.23 14.84 2.35
CA GLU A 97 -40.04 14.41 3.49
C GLU A 97 -41.50 14.24 3.07
N CYS A 98 -41.97 15.09 2.16
CA CYS A 98 -43.34 15.02 1.69
C CYS A 98 -43.40 14.58 0.22
N GLY A 1 8.91 -29.75 3.89
CA GLY A 1 7.60 -30.16 3.44
C GLY A 1 6.70 -30.62 4.56
N GLY A 2 5.75 -31.49 4.25
CA GLY A 2 4.84 -31.99 5.26
C GLY A 2 3.54 -31.23 5.30
N SER A 3 3.61 -29.95 5.62
CA SER A 3 2.43 -29.10 5.70
C SER A 3 2.66 -27.77 4.99
N LYS A 4 1.57 -27.08 4.66
CA LYS A 4 1.66 -25.79 3.99
C LYS A 4 2.09 -24.69 4.96
N GLU A 5 1.44 -24.65 6.12
CA GLU A 5 1.76 -23.66 7.13
C GLU A 5 3.26 -23.65 7.44
N ASN A 6 3.86 -24.83 7.42
CA ASN A 6 5.28 -24.97 7.71
C ASN A 6 6.11 -24.15 6.72
N GLU A 7 5.90 -24.39 5.44
CA GLU A 7 6.63 -23.66 4.40
C GLU A 7 6.32 -22.17 4.46
N ILE A 8 5.05 -21.83 4.59
CA ILE A 8 4.62 -20.44 4.66
C ILE A 8 5.35 -19.70 5.78
N SER A 9 5.60 -20.41 6.87
CA SER A 9 6.29 -19.82 8.03
C SER A 9 7.69 -19.38 7.64
N HIS A 10 8.43 -20.26 6.98
CA HIS A 10 9.79 -19.96 6.55
C HIS A 10 9.84 -18.65 5.77
N HIS A 11 8.96 -18.52 4.80
CA HIS A 11 8.91 -17.30 3.98
C HIS A 11 8.38 -16.12 4.79
N ALA A 12 7.43 -16.41 5.69
CA ALA A 12 6.84 -15.36 6.53
C ALA A 12 7.90 -14.74 7.43
N LYS A 13 8.87 -15.53 7.84
CA LYS A 13 9.94 -15.05 8.71
C LYS A 13 10.64 -13.84 8.10
N GLU A 14 10.75 -13.85 6.78
CA GLU A 14 11.40 -12.75 6.07
C GLU A 14 10.37 -11.77 5.52
N ILE A 15 9.27 -12.31 5.02
CA ILE A 15 8.20 -11.48 4.46
C ILE A 15 7.67 -10.50 5.50
N GLU A 16 7.66 -10.92 6.76
CA GLU A 16 7.18 -10.09 7.85
C GLU A 16 7.90 -8.74 7.87
N ARG A 17 9.23 -8.79 7.88
CA ARG A 17 10.04 -7.57 7.90
C ARG A 17 9.75 -6.71 6.67
N LEU A 18 9.21 -7.34 5.62
CA LEU A 18 8.89 -6.63 4.40
C LEU A 18 7.52 -5.98 4.49
N GLN A 19 6.52 -6.77 4.86
CA GLN A 19 5.16 -6.26 4.99
C GLN A 19 5.09 -5.13 6.01
N LYS A 20 6.02 -5.13 6.96
CA LYS A 20 6.06 -4.10 7.99
C LYS A 20 6.90 -2.92 7.53
N GLU A 21 7.88 -3.19 6.68
CA GLU A 21 8.75 -2.14 6.17
C GLU A 21 8.07 -1.34 5.06
N ILE A 22 7.31 -2.04 4.23
CA ILE A 22 6.59 -1.40 3.13
C ILE A 22 5.80 -0.19 3.62
N GLU A 23 5.30 -0.28 4.84
CA GLU A 23 4.53 0.81 5.43
C GLU A 23 5.31 2.12 5.40
N ARG A 24 6.62 2.02 5.60
CA ARG A 24 7.49 3.19 5.60
C ARG A 24 7.93 3.53 4.18
N HIS A 25 8.52 2.56 3.50
CA HIS A 25 8.99 2.76 2.13
C HIS A 25 7.89 3.35 1.25
N LYS A 26 6.73 2.70 1.25
CA LYS A 26 5.60 3.16 0.46
C LYS A 26 5.30 4.63 0.74
N GLN A 27 5.28 4.99 2.02
CA GLN A 27 5.00 6.36 2.43
C GLN A 27 6.14 7.28 2.03
N SER A 28 7.34 6.71 1.86
CA SER A 28 8.51 7.48 1.49
C SER A 28 8.55 7.72 -0.01
N ILE A 29 8.06 6.75 -0.78
CA ILE A 29 8.04 6.86 -2.23
C ILE A 29 6.80 7.60 -2.70
N LYS A 30 5.69 7.43 -1.98
CA LYS A 30 4.44 8.09 -2.32
C LYS A 30 4.65 9.59 -2.54
N LYS A 31 5.61 10.14 -1.81
CA LYS A 31 5.91 11.57 -1.92
C LYS A 31 6.14 11.97 -3.37
N LEU A 32 6.87 11.15 -4.11
CA LEU A 32 7.15 11.41 -5.52
C LEU A 32 6.01 10.91 -6.40
N LYS A 33 5.40 9.79 -6.00
CA LYS A 33 4.30 9.21 -6.76
C LYS A 33 3.14 10.19 -6.86
N GLN A 34 2.95 10.99 -5.82
CA GLN A 34 1.87 11.97 -5.80
C GLN A 34 1.88 12.83 -7.06
N SER A 35 3.07 13.05 -7.60
CA SER A 35 3.22 13.85 -8.81
C SER A 35 2.60 13.16 -10.01
N GLU A 36 2.76 11.83 -10.07
CA GLU A 36 2.20 11.04 -11.16
C GLU A 36 0.68 11.05 -11.13
N GLN A 37 0.10 10.52 -10.05
CA GLN A 37 -1.34 10.48 -9.90
C GLN A 37 -1.96 11.84 -10.12
N SER A 38 -1.34 12.87 -9.55
CA SER A 38 -1.83 14.24 -9.69
C SER A 38 -3.16 14.41 -8.95
N ASN A 39 -3.24 13.87 -7.75
CA ASN A 39 -4.45 13.97 -6.94
C ASN A 39 -4.25 14.93 -5.77
N PRO A 40 -5.36 15.56 -5.34
CA PRO A 40 -5.34 16.50 -4.23
C PRO A 40 -5.07 15.82 -2.89
N PRO A 41 -4.78 16.64 -1.85
CA PRO A 41 -4.50 16.14 -0.51
C PRO A 41 -5.73 15.56 0.16
N PRO A 42 -5.53 14.86 1.29
CA PRO A 42 -6.62 14.24 2.06
C PRO A 42 -7.49 15.28 2.76
N ASN A 43 -8.81 15.05 2.75
CA ASN A 43 -9.75 15.96 3.38
C ASN A 43 -10.86 15.19 4.09
N PRO A 44 -10.52 14.58 5.23
CA PRO A 44 -11.47 13.80 6.03
C PRO A 44 -12.53 14.68 6.70
N GLU A 45 -13.75 14.63 6.19
CA GLU A 45 -14.84 15.42 6.73
C GLU A 45 -15.28 14.89 8.09
N GLY A 46 -16.34 15.46 8.64
CA GLY A 46 -16.84 15.03 9.93
C GLY A 46 -17.25 13.58 9.93
N THR A 47 -18.24 13.24 9.10
CA THR A 47 -18.73 11.87 9.01
C THR A 47 -17.58 10.89 8.79
N ARG A 48 -16.72 11.21 7.83
CA ARG A 48 -15.58 10.35 7.52
C ARG A 48 -14.66 10.20 8.74
N GLN A 49 -14.54 11.27 9.51
CA GLN A 49 -13.68 11.27 10.70
C GLN A 49 -14.15 10.21 11.68
N ALA A 50 -15.47 10.14 11.90
CA ALA A 50 -16.04 9.17 12.82
C ALA A 50 -15.62 7.75 12.45
N ARG A 51 -15.78 7.40 11.18
CA ARG A 51 -15.43 6.08 10.69
C ARG A 51 -13.92 5.88 10.68
N ARG A 52 -13.19 6.94 10.37
CA ARG A 52 -11.74 6.90 10.33
C ARG A 52 -11.17 6.32 11.63
N ASN A 53 -11.82 6.64 12.74
CA ASN A 53 -11.38 6.16 14.05
C ASN A 53 -11.21 4.64 14.04
N ARG A 54 -12.19 3.94 13.47
CA ARG A 54 -12.14 2.49 13.38
C ARG A 54 -11.33 2.03 12.18
N ARG A 55 -11.44 2.78 11.09
CA ARG A 55 -10.71 2.46 9.86
C ARG A 55 -9.23 2.26 10.14
N ARG A 56 -8.64 3.21 10.85
CA ARG A 56 -7.21 3.15 11.18
C ARG A 56 -6.87 1.81 11.84
N ARG A 57 -7.83 1.27 12.58
CA ARG A 57 -7.62 -0.01 13.27
C ARG A 57 -7.58 -1.16 12.26
N TRP A 58 -8.37 -1.04 11.20
CA TRP A 58 -8.41 -2.07 10.17
C TRP A 58 -7.24 -1.93 9.20
N ARG A 59 -7.08 -0.73 8.64
CA ARG A 59 -6.01 -0.46 7.69
C ARG A 59 -4.67 -0.89 8.27
N GLU A 60 -4.52 -0.77 9.59
CA GLU A 60 -3.28 -1.14 10.26
C GLU A 60 -2.85 -2.55 9.87
N ARG A 61 -3.77 -3.51 10.00
CA ARG A 61 -3.48 -4.90 9.65
C ARG A 61 -3.70 -5.14 8.16
N GLN A 62 -4.70 -4.49 7.60
CA GLN A 62 -5.01 -4.63 6.18
C GLN A 62 -3.79 -4.33 5.32
N ARG A 63 -2.99 -3.36 5.76
CA ARG A 63 -1.79 -2.98 5.03
C ARG A 63 -0.93 -4.19 4.72
N GLN A 64 -0.90 -5.14 5.65
CA GLN A 64 -0.10 -6.36 5.49
C GLN A 64 -0.80 -7.34 4.55
N LYS A 65 -2.13 -7.38 4.63
CA LYS A 65 -2.92 -8.27 3.77
C LYS A 65 -2.84 -7.84 2.31
N GLU A 66 -3.02 -6.54 2.08
CA GLU A 66 -2.98 -6.00 0.72
C GLU A 66 -1.57 -6.10 0.14
N ASN A 67 -0.57 -5.89 1.00
CA ASN A 67 0.82 -5.94 0.59
C ASN A 67 1.26 -7.39 0.34
N GLU A 68 0.74 -8.30 1.16
CA GLU A 68 1.08 -9.71 1.04
C GLU A 68 0.85 -10.21 -0.38
N ILE A 69 -0.40 -10.11 -0.84
CA ILE A 69 -0.76 -10.55 -2.18
C ILE A 69 0.13 -9.89 -3.23
N SER A 70 0.50 -8.64 -2.98
CA SER A 70 1.36 -7.91 -3.90
C SER A 70 2.76 -8.52 -3.96
N HIS A 71 3.35 -8.73 -2.79
CA HIS A 71 4.69 -9.31 -2.71
C HIS A 71 4.76 -10.63 -3.47
N HIS A 72 3.68 -11.41 -3.39
CA HIS A 72 3.62 -12.69 -4.07
C HIS A 72 3.94 -12.55 -5.55
N ALA A 73 3.46 -11.45 -6.15
CA ALA A 73 3.69 -11.20 -7.56
C ALA A 73 5.03 -10.50 -7.78
N LYS A 74 5.36 -9.56 -6.91
CA LYS A 74 6.61 -8.83 -7.00
C LYS A 74 7.80 -9.77 -6.94
N GLU A 75 7.67 -10.83 -6.14
CA GLU A 75 8.74 -11.81 -6.00
C GLU A 75 9.20 -12.33 -7.36
N ILE A 76 8.24 -12.78 -8.16
CA ILE A 76 8.54 -13.29 -9.49
C ILE A 76 9.36 -12.30 -10.30
N GLU A 77 10.39 -12.80 -10.98
CA GLU A 77 11.25 -11.95 -11.79
C GLU A 77 11.34 -12.47 -13.21
N ARG A 78 10.20 -12.53 -13.89
CA ARG A 78 10.16 -13.01 -15.27
C ARG A 78 9.07 -12.30 -16.06
N LEU A 79 9.18 -12.35 -17.39
CA LEU A 79 8.20 -11.71 -18.26
C LEU A 79 7.27 -12.75 -18.90
N GLN A 80 6.00 -12.69 -18.51
CA GLN A 80 5.01 -13.63 -19.04
C GLN A 80 4.12 -12.95 -20.07
N LYS A 81 4.70 -12.59 -21.21
CA LYS A 81 3.96 -11.93 -22.28
C LYS A 81 3.81 -12.85 -23.48
N GLU A 82 3.64 -14.14 -23.22
CA GLU A 82 3.47 -15.13 -24.29
C GLU A 82 2.00 -15.39 -24.56
N ILE A 83 1.25 -14.31 -24.78
CA ILE A 83 -0.19 -14.44 -25.06
C ILE A 83 -0.66 -13.29 -25.97
N GLU A 84 -1.61 -13.61 -26.85
CA GLU A 84 -2.15 -12.62 -27.77
C GLU A 84 -3.61 -12.34 -27.47
N ARG A 85 -3.92 -11.09 -27.12
CA ARG A 85 -5.28 -10.70 -26.80
C ARG A 85 -6.16 -10.71 -28.06
N HIS A 86 -6.70 -11.88 -28.38
CA HIS A 86 -7.56 -12.02 -29.56
C HIS A 86 -9.02 -12.12 -29.15
N LYS A 87 -9.61 -10.97 -28.79
CA LYS A 87 -11.00 -10.92 -28.38
C LYS A 87 -11.74 -9.81 -29.11
N GLN A 88 -12.54 -10.19 -30.11
CA GLN A 88 -13.31 -9.23 -30.89
C GLN A 88 -14.57 -9.86 -31.46
N SER A 89 -15.30 -9.09 -32.25
CA SER A 89 -16.54 -9.58 -32.86
C SER A 89 -16.24 -10.40 -34.12
N ILE A 90 -15.20 -10.01 -34.84
CA ILE A 90 -14.82 -10.71 -36.06
C ILE A 90 -14.55 -12.19 -35.78
N LYS A 91 -13.62 -12.45 -34.86
CA LYS A 91 -13.28 -13.82 -34.50
C LYS A 91 -14.52 -14.63 -34.16
N LYS A 92 -15.51 -13.96 -33.59
CA LYS A 92 -16.76 -14.63 -33.22
C LYS A 92 -17.66 -14.80 -34.44
N LEU A 93 -17.59 -13.86 -35.37
CA LEU A 93 -18.39 -13.92 -36.58
C LEU A 93 -17.86 -14.96 -37.55
N LYS A 94 -16.60 -14.80 -37.93
CA LYS A 94 -15.96 -15.74 -38.85
C LYS A 94 -16.09 -17.17 -38.36
N GLN A 95 -16.02 -17.35 -37.04
CA GLN A 95 -16.13 -18.67 -36.43
C GLN A 95 -17.43 -19.34 -36.85
N SER A 96 -18.49 -18.55 -36.98
CA SER A 96 -19.80 -19.07 -37.36
C SER A 96 -19.78 -19.54 -38.81
N GLU A 97 -19.24 -18.71 -39.69
CA GLU A 97 -19.17 -19.04 -41.11
C GLU A 97 -17.74 -18.91 -41.63
N CYS A 98 -16.95 -19.96 -41.43
CA CYS A 98 -15.57 -19.97 -41.87
C CYS A 98 -15.48 -19.84 -43.39
N GLY A 1 5.78 -34.67 7.54
CA GLY A 1 4.98 -34.67 6.33
C GLY A 1 4.22 -33.38 6.14
N GLY A 2 3.86 -33.07 4.89
CA GLY A 2 3.13 -31.85 4.61
C GLY A 2 4.02 -30.63 4.60
N SER A 3 4.41 -30.16 5.79
CA SER A 3 5.27 -29.00 5.92
C SER A 3 4.61 -27.78 5.28
N LYS A 4 3.29 -27.69 5.40
CA LYS A 4 2.54 -26.58 4.83
C LYS A 4 2.76 -25.30 5.65
N GLU A 5 2.53 -25.39 6.96
CA GLU A 5 2.70 -24.25 7.84
C GLU A 5 4.18 -23.99 8.12
N ASN A 6 4.95 -25.07 8.21
CA ASN A 6 6.39 -24.96 8.48
C ASN A 6 7.08 -24.14 7.39
N GLU A 7 6.70 -24.38 6.14
CA GLU A 7 7.27 -23.66 5.02
C GLU A 7 6.81 -22.20 5.00
N ILE A 8 5.50 -22.01 5.05
CA ILE A 8 4.90 -20.67 5.03
C ILE A 8 5.47 -19.82 6.17
N SER A 9 5.54 -20.41 7.36
CA SER A 9 6.05 -19.70 8.53
C SER A 9 7.48 -19.24 8.30
N HIS A 10 8.31 -20.13 7.76
CA HIS A 10 9.71 -19.82 7.49
C HIS A 10 9.83 -18.55 6.65
N HIS A 11 8.88 -18.35 5.74
CA HIS A 11 8.88 -17.18 4.88
C HIS A 11 8.28 -15.98 5.61
N ALA A 12 7.26 -16.22 6.42
CA ALA A 12 6.61 -15.16 7.18
C ALA A 12 7.57 -14.51 8.16
N LYS A 13 8.50 -15.31 8.68
CA LYS A 13 9.49 -14.80 9.64
C LYS A 13 10.25 -13.62 9.06
N GLU A 14 10.48 -13.64 7.75
CA GLU A 14 11.19 -12.56 7.08
C GLU A 14 10.22 -11.59 6.41
N ILE A 15 9.16 -12.14 5.80
CA ILE A 15 8.16 -11.34 5.13
C ILE A 15 7.55 -10.32 6.09
N GLU A 16 7.44 -10.70 7.35
CA GLU A 16 6.86 -9.82 8.37
C GLU A 16 7.63 -8.49 8.43
N ARG A 17 8.94 -8.58 8.61
CA ARG A 17 9.78 -7.40 8.69
C ARG A 17 9.65 -6.55 7.42
N LEU A 18 9.22 -7.18 6.34
CA LEU A 18 9.05 -6.48 5.07
C LEU A 18 7.69 -5.80 4.99
N GLN A 19 6.63 -6.57 5.26
CA GLN A 19 5.27 -6.03 5.23
C GLN A 19 5.11 -4.88 6.22
N LYS A 20 5.93 -4.90 7.26
CA LYS A 20 5.89 -3.86 8.28
C LYS A 20 6.79 -2.69 7.92
N GLU A 21 7.86 -2.98 7.18
CA GLU A 21 8.81 -1.96 6.77
C GLU A 21 8.26 -1.16 5.58
N ILE A 22 7.60 -1.86 4.66
CA ILE A 22 7.01 -1.21 3.49
C ILE A 22 6.19 0.00 3.88
N GLU A 23 5.55 -0.07 5.04
CA GLU A 23 4.72 1.03 5.52
C GLU A 23 5.49 2.34 5.49
N ARG A 24 6.78 2.27 5.76
CA ARG A 24 7.64 3.45 5.75
C ARG A 24 8.08 3.80 4.33
N HIS A 25 8.69 2.83 3.66
CA HIS A 25 9.16 3.04 2.28
C HIS A 25 8.06 3.60 1.41
N LYS A 26 6.91 2.92 1.38
CA LYS A 26 5.78 3.36 0.59
C LYS A 26 5.45 4.83 0.85
N GLN A 27 5.58 5.24 2.11
CA GLN A 27 5.30 6.62 2.49
C GLN A 27 6.41 7.55 2.01
N SER A 28 7.64 7.04 1.99
CA SER A 28 8.78 7.83 1.56
C SER A 28 8.79 7.99 0.04
N ILE A 29 8.35 6.96 -0.66
CA ILE A 29 8.30 6.98 -2.11
C ILE A 29 7.01 7.63 -2.62
N LYS A 30 5.94 7.47 -1.83
CA LYS A 30 4.65 8.05 -2.19
C LYS A 30 4.78 9.53 -2.55
N LYS A 31 5.71 10.20 -1.88
CA LYS A 31 5.95 11.62 -2.13
C LYS A 31 6.15 11.89 -3.62
N LEU A 32 6.93 11.01 -4.27
CA LEU A 32 7.21 11.15 -5.70
C LEU A 32 6.10 10.52 -6.53
N LYS A 33 5.54 9.42 -6.02
CA LYS A 33 4.47 8.72 -6.72
C LYS A 33 3.26 9.63 -6.93
N GLN A 34 3.04 10.53 -5.97
CA GLN A 34 1.93 11.47 -6.05
C GLN A 34 1.89 12.16 -7.41
N SER A 35 3.06 12.38 -7.99
CA SER A 35 3.17 13.04 -9.29
C SER A 35 2.30 12.34 -10.32
N GLU A 36 2.20 11.01 -10.22
CA GLU A 36 1.39 10.23 -11.14
C GLU A 36 -0.05 10.16 -10.68
N GLN A 37 -0.25 10.13 -9.37
CA GLN A 37 -1.60 10.06 -8.80
C GLN A 37 -2.50 11.16 -9.38
N SER A 38 -2.02 12.39 -9.33
CA SER A 38 -2.77 13.53 -9.85
C SER A 38 -4.02 13.78 -9.01
N ASN A 39 -3.92 13.57 -7.71
CA ASN A 39 -5.04 13.76 -6.80
C ASN A 39 -4.98 15.15 -6.17
N PRO A 40 -6.16 15.69 -5.83
CA PRO A 40 -6.28 17.02 -5.20
C PRO A 40 -5.75 17.04 -3.78
N PRO A 41 -5.58 18.25 -3.23
CA PRO A 41 -5.07 18.44 -1.86
C PRO A 41 -6.07 17.99 -0.81
N PRO A 42 -5.61 17.89 0.44
CA PRO A 42 -6.45 17.47 1.57
C PRO A 42 -7.48 18.53 1.93
N ASN A 43 -8.71 18.08 2.24
CA ASN A 43 -9.78 18.98 2.61
C ASN A 43 -10.57 18.44 3.79
N PRO A 44 -9.96 18.51 4.99
CA PRO A 44 -10.60 18.03 6.23
C PRO A 44 -11.77 18.90 6.65
N GLU A 45 -12.98 18.38 6.49
CA GLU A 45 -14.19 19.11 6.86
C GLU A 45 -14.57 18.82 8.31
N GLY A 46 -13.60 18.88 9.21
CA GLY A 46 -13.86 18.62 10.61
C GLY A 46 -14.15 17.15 10.88
N THR A 47 -15.40 16.76 10.68
CA THR A 47 -15.81 15.38 10.90
C THR A 47 -14.88 14.40 10.18
N ARG A 48 -14.62 14.68 8.91
CA ARG A 48 -13.74 13.83 8.10
C ARG A 48 -12.36 13.71 8.74
N GLN A 49 -11.90 14.80 9.34
CA GLN A 49 -10.60 14.82 9.99
C GLN A 49 -10.62 14.03 11.29
N ALA A 50 -11.74 14.10 12.00
CA ALA A 50 -11.90 13.40 13.27
C ALA A 50 -12.07 11.91 13.04
N ARG A 51 -12.77 11.56 11.97
CA ARG A 51 -13.01 10.15 11.64
C ARG A 51 -11.75 9.49 11.09
N ARG A 52 -11.15 10.12 10.08
CA ARG A 52 -9.93 9.59 9.48
C ARG A 52 -8.88 9.29 10.53
N ASN A 53 -8.84 10.12 11.57
CA ASN A 53 -7.88 9.95 12.65
C ASN A 53 -7.91 8.53 13.19
N ARG A 54 -9.12 7.96 13.28
CA ARG A 54 -9.29 6.61 13.78
C ARG A 54 -9.05 5.58 12.68
N ARG A 55 -9.62 5.84 11.50
CA ARG A 55 -9.48 4.94 10.36
C ARG A 55 -8.01 4.71 10.04
N ARG A 56 -7.20 5.75 10.22
CA ARG A 56 -5.76 5.66 9.95
C ARG A 56 -5.08 4.73 10.94
N ARG A 57 -5.51 4.79 12.20
CA ARG A 57 -4.93 3.95 13.24
C ARG A 57 -5.17 2.47 12.94
N TRP A 58 -6.32 2.17 12.37
CA TRP A 58 -6.67 0.79 12.03
C TRP A 58 -6.06 0.39 10.69
N ARG A 59 -6.02 1.34 9.76
CA ARG A 59 -5.48 1.09 8.43
C ARG A 59 -4.07 0.49 8.53
N GLU A 60 -3.31 0.95 9.52
CA GLU A 60 -1.95 0.47 9.72
C GLU A 60 -1.92 -1.05 9.77
N ARG A 61 -2.79 -1.64 10.59
CA ARG A 61 -2.85 -3.08 10.73
C ARG A 61 -3.61 -3.71 9.57
N GLN A 62 -4.65 -3.02 9.09
CA GLN A 62 -5.46 -3.51 7.99
C GLN A 62 -4.58 -3.81 6.77
N ARG A 63 -3.55 -2.99 6.57
CA ARG A 63 -2.65 -3.16 5.44
C ARG A 63 -2.12 -4.59 5.39
N GLN A 64 -1.45 -5.01 6.46
CA GLN A 64 -0.89 -6.36 6.53
C GLN A 64 -1.95 -7.41 6.21
N LYS A 65 -3.18 -7.14 6.64
CA LYS A 65 -4.30 -8.07 6.40
C LYS A 65 -4.54 -8.23 4.90
N GLU A 66 -4.87 -7.13 4.24
CA GLU A 66 -5.14 -7.14 2.80
C GLU A 66 -3.91 -7.63 2.03
N ASN A 67 -2.73 -7.26 2.51
CA ASN A 67 -1.48 -7.64 1.86
C ASN A 67 -1.35 -9.16 1.82
N GLU A 68 -1.82 -9.83 2.88
CA GLU A 68 -1.75 -11.28 2.96
C GLU A 68 -2.37 -11.93 1.73
N ILE A 69 -3.65 -11.65 1.50
CA ILE A 69 -4.35 -12.21 0.35
C ILE A 69 -3.78 -11.68 -0.96
N SER A 70 -3.32 -10.44 -0.94
CA SER A 70 -2.74 -9.82 -2.12
C SER A 70 -1.47 -10.54 -2.56
N HIS A 71 -0.70 -11.02 -1.58
CA HIS A 71 0.54 -11.73 -1.85
C HIS A 71 0.25 -13.08 -2.51
N HIS A 72 -0.84 -13.72 -2.09
CA HIS A 72 -1.23 -15.01 -2.63
C HIS A 72 -1.36 -14.95 -4.15
N ALA A 73 -2.01 -13.89 -4.64
CA ALA A 73 -2.20 -13.70 -6.07
C ALA A 73 -0.99 -13.03 -6.71
N LYS A 74 -0.44 -12.04 -6.02
CA LYS A 74 0.73 -11.32 -6.52
C LYS A 74 1.83 -12.28 -6.93
N GLU A 75 1.90 -13.42 -6.26
CA GLU A 75 2.91 -14.43 -6.56
C GLU A 75 2.95 -14.73 -8.05
N ILE A 76 1.79 -14.65 -8.70
CA ILE A 76 1.68 -14.92 -10.12
C ILE A 76 2.72 -14.12 -10.91
N GLU A 77 3.06 -12.93 -10.41
CA GLU A 77 4.04 -12.08 -11.06
C GLU A 77 5.14 -11.66 -10.08
N ARG A 78 6.39 -11.82 -10.50
CA ARG A 78 7.52 -11.46 -9.67
C ARG A 78 8.84 -11.60 -10.44
N LEU A 79 9.94 -11.26 -9.79
CA LEU A 79 11.26 -11.34 -10.41
C LEU A 79 12.24 -12.08 -9.51
N GLN A 80 13.50 -12.13 -9.94
CA GLN A 80 14.54 -12.81 -9.17
C GLN A 80 15.39 -11.80 -8.41
N LYS A 81 14.99 -11.48 -7.19
CA LYS A 81 15.72 -10.53 -6.36
C LYS A 81 15.15 -10.51 -4.94
N GLU A 82 16.02 -10.23 -3.97
CA GLU A 82 15.62 -10.19 -2.57
C GLU A 82 16.73 -9.61 -1.70
N ILE A 83 16.34 -8.94 -0.62
CA ILE A 83 17.31 -8.33 0.30
C ILE A 83 17.76 -9.34 1.35
N GLU A 84 19.07 -9.47 1.51
CA GLU A 84 19.63 -10.39 2.49
C GLU A 84 20.44 -9.65 3.54
N ARG A 85 19.75 -9.05 4.50
CA ARG A 85 20.41 -8.30 5.56
C ARG A 85 19.43 -7.98 6.69
N HIS A 86 19.75 -8.49 7.88
CA HIS A 86 18.90 -8.26 9.05
C HIS A 86 19.67 -7.55 10.15
N LYS A 87 18.99 -6.64 10.84
CA LYS A 87 19.60 -5.88 11.93
C LYS A 87 18.57 -5.47 12.97
N GLN A 88 18.97 -5.48 14.23
CA GLN A 88 18.07 -5.10 15.32
C GLN A 88 18.25 -3.64 15.70
N SER A 89 18.12 -2.76 14.71
CA SER A 89 18.28 -1.33 14.94
C SER A 89 17.41 -0.86 16.10
N ILE A 90 16.26 -1.50 16.27
CA ILE A 90 15.33 -1.16 17.34
C ILE A 90 16.06 -1.10 18.68
N LYS A 91 17.09 -1.94 18.84
CA LYS A 91 17.85 -1.97 20.08
C LYS A 91 18.32 -0.58 20.47
N LYS A 92 18.59 0.25 19.47
CA LYS A 92 19.04 1.63 19.72
C LYS A 92 17.98 2.41 20.49
N LEU A 93 16.72 2.14 20.20
CA LEU A 93 15.62 2.83 20.87
C LEU A 93 15.21 2.09 22.14
N LYS A 94 15.04 0.77 22.02
CA LYS A 94 14.65 -0.05 23.16
C LYS A 94 15.58 0.18 24.35
N GLN A 95 16.88 0.21 24.07
CA GLN A 95 17.88 0.43 25.12
C GLN A 95 17.55 1.67 25.93
N SER A 96 16.98 2.67 25.27
CA SER A 96 16.62 3.92 25.92
C SER A 96 15.23 3.83 26.54
N GLU A 97 14.23 3.57 25.70
CA GLU A 97 12.85 3.46 26.15
C GLU A 97 12.45 4.68 26.96
N CYS A 98 12.71 5.86 26.41
CA CYS A 98 12.38 7.12 27.09
C CYS A 98 10.89 7.40 26.99
N GLY A 1 4.48 -36.13 9.15
CA GLY A 1 5.35 -35.18 8.48
C GLY A 1 5.17 -33.77 9.01
N GLY A 2 5.93 -32.83 8.46
CA GLY A 2 5.84 -31.45 8.90
C GLY A 2 4.54 -30.80 8.49
N SER A 3 3.99 -29.96 9.36
CA SER A 3 2.73 -29.27 9.09
C SER A 3 2.91 -28.21 8.01
N LYS A 4 1.81 -27.77 7.42
CA LYS A 4 1.84 -26.75 6.38
C LYS A 4 2.11 -25.38 6.97
N GLU A 5 1.53 -25.11 8.13
CA GLU A 5 1.70 -23.83 8.81
C GLU A 5 3.16 -23.59 9.15
N ASN A 6 3.86 -24.67 9.52
CA ASN A 6 5.27 -24.57 9.89
C ASN A 6 6.09 -24.03 8.73
N GLU A 7 5.89 -24.60 7.54
CA GLU A 7 6.62 -24.16 6.36
C GLU A 7 6.37 -22.69 6.07
N ILE A 8 5.11 -22.28 6.21
CA ILE A 8 4.73 -20.89 5.96
C ILE A 8 5.46 -19.96 6.91
N SER A 9 5.60 -20.38 8.16
CA SER A 9 6.26 -19.57 9.18
C SER A 9 7.70 -19.26 8.77
N HIS A 10 8.36 -20.25 8.16
CA HIS A 10 9.75 -20.08 7.71
C HIS A 10 9.88 -18.86 6.81
N HIS A 11 8.97 -18.74 5.85
CA HIS A 11 9.00 -17.62 4.92
C HIS A 11 8.50 -16.35 5.59
N ALA A 12 7.48 -16.48 6.43
CA ALA A 12 6.91 -15.35 7.14
C ALA A 12 7.97 -14.66 8.00
N LYS A 13 8.91 -15.44 8.51
CA LYS A 13 9.98 -14.90 9.34
C LYS A 13 10.73 -13.79 8.62
N GLU A 14 10.94 -13.95 7.32
CA GLU A 14 11.64 -12.97 6.52
C GLU A 14 10.66 -12.01 5.85
N ILE A 15 9.53 -12.55 5.40
CA ILE A 15 8.51 -11.75 4.74
C ILE A 15 7.99 -10.65 5.67
N GLU A 16 7.70 -11.03 6.91
CA GLU A 16 7.20 -10.08 7.90
C GLU A 16 8.09 -8.84 7.98
N ARG A 17 9.37 -9.05 7.70
CA ARG A 17 10.34 -7.95 7.74
C ARG A 17 10.13 -7.00 6.57
N LEU A 18 9.75 -7.56 5.43
CA LEU A 18 9.53 -6.76 4.22
C LEU A 18 8.14 -6.12 4.24
N GLN A 19 7.17 -6.85 4.78
CA GLN A 19 5.80 -6.37 4.86
C GLN A 19 5.71 -5.18 5.81
N LYS A 20 6.65 -5.10 6.75
CA LYS A 20 6.67 -4.02 7.72
C LYS A 20 7.48 -2.83 7.19
N GLU A 21 8.46 -3.13 6.35
CA GLU A 21 9.31 -2.09 5.77
C GLU A 21 8.57 -1.33 4.67
N ILE A 22 7.81 -2.06 3.87
CA ILE A 22 7.05 -1.45 2.77
C ILE A 22 6.25 -0.25 3.27
N GLU A 23 5.76 -0.33 4.50
CA GLU A 23 4.98 0.76 5.08
C GLU A 23 5.78 2.06 5.06
N ARG A 24 7.07 1.97 5.34
CA ARG A 24 7.94 3.14 5.37
C ARG A 24 8.32 3.55 3.94
N HIS A 25 8.75 2.59 3.15
CA HIS A 25 9.15 2.85 1.77
C HIS A 25 8.01 3.49 0.99
N LYS A 26 6.88 2.80 0.94
CA LYS A 26 5.70 3.30 0.22
C LYS A 26 5.38 4.73 0.64
N GLN A 27 5.54 5.01 1.93
CA GLN A 27 5.26 6.35 2.46
C GLN A 27 6.35 7.33 2.05
N SER A 28 7.57 6.83 1.92
CA SER A 28 8.70 7.68 1.53
C SER A 28 8.65 8.00 0.04
N ILE A 29 8.19 7.03 -0.74
CA ILE A 29 8.09 7.20 -2.19
C ILE A 29 6.79 7.89 -2.58
N LYS A 30 5.74 7.63 -1.80
CA LYS A 30 4.43 8.22 -2.05
C LYS A 30 4.55 9.73 -2.24
N LYS A 31 5.47 10.34 -1.51
CA LYS A 31 5.69 11.78 -1.60
C LYS A 31 5.84 12.22 -3.05
N LEU A 32 6.60 11.45 -3.83
CA LEU A 32 6.83 11.76 -5.23
C LEU A 32 5.70 11.22 -6.10
N LYS A 33 5.17 10.06 -5.71
CA LYS A 33 4.08 9.44 -6.46
C LYS A 33 2.85 10.34 -6.50
N GLN A 34 2.65 11.10 -5.42
CA GLN A 34 1.51 12.01 -5.34
C GLN A 34 1.44 12.90 -6.58
N SER A 35 2.60 13.22 -7.14
CA SER A 35 2.67 14.06 -8.33
C SER A 35 1.81 13.49 -9.46
N GLU A 36 1.78 12.17 -9.55
CA GLU A 36 1.00 11.49 -10.59
C GLU A 36 -0.48 11.47 -10.21
N GLN A 37 -0.75 11.32 -8.92
CA GLN A 37 -2.13 11.27 -8.44
C GLN A 37 -2.94 12.47 -8.95
N SER A 38 -2.36 13.65 -8.83
CA SER A 38 -3.01 14.87 -9.28
C SER A 38 -4.23 15.19 -8.41
N ASN A 39 -4.12 14.89 -7.12
CA ASN A 39 -5.21 15.14 -6.19
C ASN A 39 -5.03 16.49 -5.49
N PRO A 40 -6.15 17.07 -5.05
CA PRO A 40 -6.15 18.37 -4.37
C PRO A 40 -5.53 18.29 -2.98
N PRO A 41 -5.26 19.47 -2.38
CA PRO A 41 -4.66 19.55 -1.04
C PRO A 41 -5.62 19.11 0.05
N PRO A 42 -5.09 18.92 1.27
CA PRO A 42 -5.89 18.50 2.42
C PRO A 42 -6.84 19.59 2.90
N ASN A 43 -8.05 19.19 3.28
CA ASN A 43 -9.04 20.14 3.77
C ASN A 43 -9.87 19.53 4.89
N PRO A 44 -10.50 20.40 5.70
CA PRO A 44 -11.32 19.97 6.84
C PRO A 44 -12.63 19.31 6.38
N GLU A 45 -12.65 17.98 6.42
CA GLU A 45 -13.84 17.23 6.02
C GLU A 45 -14.70 16.89 7.22
N GLY A 46 -15.94 16.47 6.95
CA GLY A 46 -16.84 16.11 8.03
C GLY A 46 -16.90 14.62 8.28
N THR A 47 -17.89 13.95 7.71
CA THR A 47 -18.04 12.51 7.88
C THR A 47 -16.81 11.76 7.39
N ARG A 48 -16.34 12.11 6.21
CA ARG A 48 -15.15 11.48 5.63
C ARG A 48 -13.95 11.62 6.55
N GLN A 49 -13.85 12.77 7.21
CA GLN A 49 -12.75 13.04 8.13
C GLN A 49 -12.83 12.12 9.35
N ALA A 50 -14.06 11.85 9.80
CA ALA A 50 -14.27 10.99 10.96
C ALA A 50 -14.03 9.52 10.61
N ARG A 51 -14.39 9.14 9.39
CA ARG A 51 -14.22 7.76 8.93
C ARG A 51 -12.75 7.47 8.67
N ARG A 52 -12.11 8.31 7.87
CA ARG A 52 -10.70 8.13 7.54
C ARG A 52 -9.86 7.97 8.81
N ASN A 53 -10.24 8.69 9.86
CA ASN A 53 -9.52 8.63 11.12
C ASN A 53 -9.37 7.18 11.59
N ARG A 54 -10.46 6.43 11.52
CA ARG A 54 -10.45 5.03 11.93
C ARG A 54 -9.94 4.13 10.82
N ARG A 55 -10.27 4.48 9.58
CA ARG A 55 -9.84 3.71 8.42
C ARG A 55 -8.33 3.48 8.45
N ARG A 56 -7.58 4.46 8.94
CA ARG A 56 -6.13 4.36 9.02
C ARG A 56 -5.72 3.08 9.74
N ARG A 57 -6.54 2.67 10.70
CA ARG A 57 -6.26 1.45 11.47
C ARG A 57 -6.46 0.20 10.61
N TRP A 58 -7.43 0.26 9.72
CA TRP A 58 -7.73 -0.86 8.84
C TRP A 58 -6.75 -0.92 7.68
N ARG A 59 -6.59 0.20 6.98
CA ARG A 59 -5.68 0.27 5.85
C ARG A 59 -4.29 -0.23 6.23
N GLU A 60 -3.91 -0.01 7.49
CA GLU A 60 -2.61 -0.44 7.98
C GLU A 60 -2.51 -1.97 7.98
N ARG A 61 -3.61 -2.63 8.28
CA ARG A 61 -3.64 -4.08 8.32
C ARG A 61 -3.91 -4.66 6.92
N GLN A 62 -4.74 -3.97 6.16
CA GLN A 62 -5.07 -4.40 4.81
C GLN A 62 -3.89 -4.24 3.87
N ARG A 63 -3.13 -3.17 4.06
CA ARG A 63 -1.96 -2.89 3.24
C ARG A 63 -1.03 -4.10 3.19
N GLN A 64 -0.90 -4.78 4.32
CA GLN A 64 -0.04 -5.96 4.40
C GLN A 64 -0.60 -7.10 3.57
N LYS A 65 -1.92 -7.22 3.55
CA LYS A 65 -2.59 -8.28 2.79
C LYS A 65 -2.37 -8.08 1.30
N GLU A 66 -2.35 -6.82 0.86
CA GLU A 66 -2.15 -6.50 -0.55
C GLU A 66 -0.67 -6.51 -0.91
N ASN A 67 0.15 -6.05 0.02
CA ASN A 67 1.60 -6.00 -0.19
C ASN A 67 2.13 -7.35 -0.67
N GLU A 68 1.54 -8.42 -0.14
CA GLU A 68 1.95 -9.78 -0.51
C GLU A 68 1.87 -9.97 -2.02
N ILE A 69 0.68 -9.81 -2.58
CA ILE A 69 0.48 -9.97 -4.01
C ILE A 69 1.16 -8.85 -4.79
N SER A 70 1.18 -7.66 -4.20
CA SER A 70 1.80 -6.51 -4.84
C SER A 70 3.27 -6.78 -5.15
N HIS A 71 3.94 -7.44 -4.22
CA HIS A 71 5.37 -7.76 -4.40
C HIS A 71 5.59 -8.52 -5.70
N HIS A 72 4.69 -9.45 -6.00
CA HIS A 72 4.79 -10.25 -7.21
C HIS A 72 4.69 -9.36 -8.46
N ALA A 73 3.86 -8.33 -8.38
CA ALA A 73 3.68 -7.41 -9.49
C ALA A 73 4.97 -6.66 -9.80
N LYS A 74 5.45 -5.89 -8.83
CA LYS A 74 6.69 -5.13 -8.99
C LYS A 74 7.82 -6.02 -9.49
N GLU A 75 7.84 -7.27 -9.02
CA GLU A 75 8.86 -8.21 -9.42
C GLU A 75 8.98 -8.29 -10.94
N ILE A 76 7.86 -8.57 -11.59
CA ILE A 76 7.82 -8.68 -13.04
C ILE A 76 7.11 -7.48 -13.67
N GLU A 77 7.87 -6.63 -14.36
CA GLU A 77 7.30 -5.46 -15.00
C GLU A 77 6.53 -5.84 -16.26
N ARG A 78 7.07 -6.81 -17.00
CA ARG A 78 6.44 -7.28 -18.23
C ARG A 78 5.13 -7.99 -17.94
N LEU A 79 4.03 -7.26 -18.03
CA LEU A 79 2.70 -7.82 -17.77
C LEU A 79 1.81 -7.69 -19.00
N GLN A 80 1.57 -6.45 -19.43
CA GLN A 80 0.74 -6.19 -20.59
C GLN A 80 0.93 -4.77 -21.10
N LYS A 81 1.43 -4.65 -22.32
CA LYS A 81 1.67 -3.35 -22.93
C LYS A 81 0.38 -2.55 -23.06
N GLU A 82 0.13 -1.66 -22.11
CA GLU A 82 -1.07 -0.83 -22.12
C GLU A 82 -0.88 0.40 -22.99
N ILE A 83 -1.98 0.85 -23.61
CA ILE A 83 -1.93 2.02 -24.48
C ILE A 83 -3.05 3.00 -24.14
N GLU A 84 -2.80 4.28 -24.35
CA GLU A 84 -3.78 5.32 -24.07
C GLU A 84 -4.18 6.06 -25.34
N ARG A 85 -5.46 6.03 -25.66
CA ARG A 85 -5.97 6.70 -26.86
C ARG A 85 -7.04 7.73 -26.50
N HIS A 86 -8.11 7.26 -25.87
CA HIS A 86 -9.20 8.14 -25.47
C HIS A 86 -9.77 7.72 -24.11
N LYS A 87 -10.50 8.63 -23.48
CA LYS A 87 -11.09 8.36 -22.18
C LYS A 87 -12.13 7.24 -22.27
N GLN A 88 -12.96 7.29 -23.30
CA GLN A 88 -13.99 6.28 -23.50
C GLN A 88 -13.54 5.25 -24.52
N SER A 89 -12.31 4.78 -24.39
CA SER A 89 -11.76 3.79 -25.32
C SER A 89 -12.69 2.60 -25.45
N ILE A 90 -13.38 2.28 -24.36
CA ILE A 90 -14.31 1.15 -24.36
C ILE A 90 -15.27 1.24 -25.54
N LYS A 91 -15.64 2.45 -25.92
CA LYS A 91 -16.55 2.67 -27.04
C LYS A 91 -16.08 1.92 -28.28
N LYS A 92 -14.77 1.81 -28.43
CA LYS A 92 -14.18 1.11 -29.57
C LYS A 92 -14.59 -0.35 -29.58
N LEU A 93 -14.70 -0.94 -28.38
CA LEU A 93 -15.08 -2.34 -28.26
C LEU A 93 -16.60 -2.49 -28.19
N LYS A 94 -17.22 -1.74 -27.30
CA LYS A 94 -18.68 -1.77 -27.15
C LYS A 94 -19.38 -1.55 -28.49
N GLN A 95 -18.79 -0.69 -29.32
CA GLN A 95 -19.36 -0.39 -30.63
C GLN A 95 -19.55 -1.66 -31.45
N SER A 96 -18.56 -2.55 -31.37
CA SER A 96 -18.61 -3.81 -32.12
C SER A 96 -19.36 -4.88 -31.32
N GLU A 97 -18.86 -5.18 -30.13
CA GLU A 97 -19.48 -6.18 -29.27
C GLU A 97 -19.66 -7.51 -30.02
N CYS A 98 -18.57 -7.98 -30.63
CA CYS A 98 -18.61 -9.23 -31.38
C CYS A 98 -17.68 -10.27 -30.74
N GLY A 1 8.55 -30.71 2.01
CA GLY A 1 7.18 -31.18 1.98
C GLY A 1 6.64 -31.49 3.36
N GLY A 2 5.56 -32.28 3.42
CA GLY A 2 4.97 -32.63 4.69
C GLY A 2 4.01 -31.57 5.20
N SER A 3 4.50 -30.74 6.13
CA SER A 3 3.68 -29.68 6.70
C SER A 3 3.82 -28.39 5.90
N LYS A 4 2.72 -27.97 5.28
CA LYS A 4 2.72 -26.75 4.49
C LYS A 4 2.96 -25.52 5.35
N GLU A 5 2.37 -25.53 6.56
CA GLU A 5 2.52 -24.42 7.49
C GLU A 5 4.00 -24.09 7.71
N ASN A 6 4.82 -25.13 7.83
CA ASN A 6 6.25 -24.95 8.05
C ASN A 6 6.86 -24.08 6.95
N GLU A 7 6.60 -24.44 5.69
CA GLU A 7 7.12 -23.69 4.56
C GLU A 7 6.62 -22.25 4.58
N ILE A 8 5.38 -22.07 5.00
CA ILE A 8 4.79 -20.74 5.07
C ILE A 8 5.42 -19.90 6.18
N SER A 9 5.74 -20.56 7.30
CA SER A 9 6.35 -19.89 8.43
C SER A 9 7.73 -19.36 8.06
N HIS A 10 8.47 -20.14 7.28
CA HIS A 10 9.82 -19.76 6.86
C HIS A 10 9.78 -18.49 6.02
N HIS A 11 8.76 -18.38 5.17
CA HIS A 11 8.61 -17.21 4.30
C HIS A 11 8.02 -16.03 5.08
N ALA A 12 7.05 -16.33 5.94
CA ALA A 12 6.40 -15.29 6.74
C ALA A 12 7.39 -14.66 7.72
N LYS A 13 8.33 -15.46 8.19
CA LYS A 13 9.34 -14.98 9.14
C LYS A 13 10.12 -13.80 8.56
N GLU A 14 10.35 -13.85 7.25
CA GLU A 14 11.07 -12.78 6.58
C GLU A 14 10.11 -11.76 5.98
N ILE A 15 8.98 -12.24 5.47
CA ILE A 15 7.98 -11.37 4.87
C ILE A 15 7.42 -10.39 5.90
N GLU A 16 7.32 -10.83 7.15
CA GLU A 16 6.80 -10.00 8.22
C GLU A 16 7.55 -8.66 8.28
N ARG A 17 8.87 -8.74 8.27
CA ARG A 17 9.70 -7.53 8.32
C ARG A 17 9.53 -6.70 7.05
N LEU A 18 9.10 -7.35 5.97
CA LEU A 18 8.90 -6.66 4.70
C LEU A 18 7.56 -5.93 4.68
N GLN A 19 6.50 -6.64 5.05
CA GLN A 19 5.16 -6.05 5.09
C GLN A 19 5.14 -4.81 5.99
N LYS A 20 6.04 -4.78 6.97
CA LYS A 20 6.12 -3.66 7.90
C LYS A 20 7.06 -2.58 7.37
N GLU A 21 8.08 -3.01 6.64
CA GLU A 21 9.06 -2.08 6.07
C GLU A 21 8.47 -1.34 4.88
N ILE A 22 7.67 -2.04 4.08
CA ILE A 22 7.06 -1.43 2.91
C ILE A 22 6.37 -0.11 3.26
N GLU A 23 5.84 -0.03 4.48
CA GLU A 23 5.16 1.17 4.93
C GLU A 23 6.03 2.41 4.72
N ARG A 24 7.34 2.23 4.84
CA ARG A 24 8.28 3.33 4.65
C ARG A 24 8.64 3.48 3.18
N HIS A 25 9.10 2.39 2.57
CA HIS A 25 9.50 2.41 1.16
C HIS A 25 8.39 3.01 0.30
N LYS A 26 7.18 2.48 0.46
CA LYS A 26 6.03 2.97 -0.30
C LYS A 26 5.92 4.48 -0.23
N GLN A 27 6.10 5.03 0.97
CA GLN A 27 6.03 6.47 1.17
C GLN A 27 7.22 7.17 0.51
N SER A 28 8.37 6.51 0.53
CA SER A 28 9.57 7.07 -0.07
C SER A 28 9.48 7.08 -1.59
N ILE A 29 8.85 6.06 -2.15
CA ILE A 29 8.69 5.94 -3.59
C ILE A 29 7.46 6.72 -4.07
N LYS A 30 6.51 6.91 -3.17
CA LYS A 30 5.29 7.64 -3.49
C LYS A 30 5.60 8.94 -4.22
N LYS A 31 6.70 9.58 -3.83
CA LYS A 31 7.12 10.83 -4.45
C LYS A 31 7.16 10.70 -5.97
N LEU A 32 7.69 9.57 -6.45
CA LEU A 32 7.79 9.32 -7.88
C LEU A 32 6.49 8.74 -8.43
N LYS A 33 5.83 7.92 -7.61
CA LYS A 33 4.59 7.29 -8.00
C LYS A 33 3.52 8.35 -8.32
N GLN A 34 3.55 9.44 -7.57
CA GLN A 34 2.59 10.52 -7.77
C GLN A 34 2.54 10.94 -9.23
N SER A 35 3.66 10.82 -9.92
CA SER A 35 3.74 11.19 -11.32
C SER A 35 3.20 10.07 -12.21
N GLU A 36 3.68 8.86 -11.97
CA GLU A 36 3.25 7.70 -12.74
C GLU A 36 1.73 7.54 -12.70
N GLN A 37 1.21 7.38 -11.49
CA GLN A 37 -0.24 7.22 -11.30
C GLN A 37 -0.99 8.49 -11.72
N SER A 38 -0.35 9.63 -11.50
CA SER A 38 -0.96 10.92 -11.85
C SER A 38 -2.16 11.21 -10.95
N ASN A 39 -2.02 10.89 -9.68
CA ASN A 39 -3.10 11.12 -8.71
C ASN A 39 -3.38 12.61 -8.57
N PRO A 40 -4.66 12.94 -8.37
CA PRO A 40 -5.11 14.34 -8.21
C PRO A 40 -4.64 14.94 -6.88
N PRO A 41 -4.78 16.27 -6.76
CA PRO A 41 -4.38 17.00 -5.56
C PRO A 41 -5.30 16.69 -4.37
N PRO A 42 -4.86 17.11 -3.17
CA PRO A 42 -5.63 16.90 -1.94
C PRO A 42 -6.89 17.74 -1.89
N ASN A 43 -7.97 17.16 -1.37
CA ASN A 43 -9.24 17.87 -1.27
C ASN A 43 -9.98 17.45 0.00
N PRO A 44 -9.50 17.92 1.16
CA PRO A 44 -10.11 17.61 2.46
C PRO A 44 -11.47 18.29 2.64
N GLU A 45 -12.53 17.50 2.57
CA GLU A 45 -13.88 18.02 2.73
C GLU A 45 -14.41 17.75 4.14
N GLY A 46 -15.42 18.51 4.54
CA GLY A 46 -16.00 18.34 5.85
C GLY A 46 -15.06 18.77 6.97
N THR A 47 -14.20 17.85 7.40
CA THR A 47 -13.24 18.13 8.46
C THR A 47 -12.14 17.08 8.51
N ARG A 48 -10.92 17.49 8.17
CA ARG A 48 -9.79 16.57 8.17
C ARG A 48 -9.68 15.85 9.52
N GLN A 49 -10.05 16.54 10.59
CA GLN A 49 -10.00 15.96 11.93
C GLN A 49 -11.09 14.91 12.11
N ALA A 50 -12.25 15.16 11.51
CA ALA A 50 -13.37 14.23 11.61
C ALA A 50 -13.12 12.98 10.79
N ARG A 51 -12.45 13.14 9.66
CA ARG A 51 -12.15 12.01 8.77
C ARG A 51 -10.91 11.25 9.27
N ARG A 52 -9.83 11.98 9.52
CA ARG A 52 -8.60 11.37 10.00
C ARG A 52 -8.86 10.51 11.22
N ASN A 53 -9.84 10.91 12.03
CA ASN A 53 -10.19 10.17 13.23
C ASN A 53 -10.39 8.69 12.92
N ARG A 54 -11.28 8.40 11.99
CA ARG A 54 -11.57 7.02 11.60
C ARG A 54 -10.56 6.53 10.57
N ARG A 55 -10.22 7.39 9.62
CA ARG A 55 -9.27 7.04 8.58
C ARG A 55 -7.98 6.48 9.18
N ARG A 56 -7.39 7.23 10.10
CA ARG A 56 -6.15 6.81 10.75
C ARG A 56 -6.30 5.40 11.32
N ARG A 57 -7.50 5.06 11.76
CA ARG A 57 -7.76 3.74 12.33
C ARG A 57 -7.70 2.67 11.24
N TRP A 58 -8.15 3.02 10.04
CA TRP A 58 -8.14 2.08 8.93
C TRP A 58 -6.77 2.01 8.29
N ARG A 59 -6.23 3.15 7.90
CA ARG A 59 -4.91 3.21 7.28
C ARG A 59 -3.88 2.46 8.10
N GLU A 60 -4.08 2.45 9.43
CA GLU A 60 -3.16 1.77 10.33
C GLU A 60 -2.91 0.34 9.86
N ARG A 61 -3.98 -0.39 9.60
CA ARG A 61 -3.88 -1.78 9.16
C ARG A 61 -3.82 -1.85 7.63
N GLN A 62 -4.58 -0.99 6.97
CA GLN A 62 -4.59 -0.96 5.51
C GLN A 62 -3.18 -0.86 4.94
N ARG A 63 -2.32 -0.13 5.64
CA ARG A 63 -0.93 0.03 5.22
C ARG A 63 -0.29 -1.32 4.91
N GLN A 64 -0.64 -2.32 5.71
CA GLN A 64 -0.09 -3.66 5.53
C GLN A 64 -0.92 -4.46 4.52
N LYS A 65 -2.24 -4.34 4.63
CA LYS A 65 -3.14 -5.05 3.74
C LYS A 65 -2.84 -4.73 2.29
N GLU A 66 -2.73 -3.43 1.99
CA GLU A 66 -2.43 -2.99 0.63
C GLU A 66 -1.21 -3.71 0.07
N ASN A 67 -0.25 -3.99 0.94
CA ASN A 67 0.97 -4.67 0.53
C ASN A 67 0.67 -6.10 0.05
N GLU A 68 -0.30 -6.74 0.70
CA GLU A 68 -0.69 -8.10 0.34
C GLU A 68 -1.10 -8.17 -1.13
N ILE A 69 -2.12 -7.41 -1.49
CA ILE A 69 -2.61 -7.39 -2.86
C ILE A 69 -1.51 -6.94 -3.83
N SER A 70 -0.67 -6.02 -3.37
CA SER A 70 0.41 -5.51 -4.19
C SER A 70 1.38 -6.62 -4.59
N HIS A 71 1.60 -7.55 -3.67
CA HIS A 71 2.49 -8.68 -3.91
C HIS A 71 2.14 -9.38 -5.23
N HIS A 72 0.84 -9.46 -5.51
CA HIS A 72 0.37 -10.10 -6.74
C HIS A 72 0.53 -9.18 -7.94
N ALA A 73 0.33 -7.88 -7.72
CA ALA A 73 0.47 -6.91 -8.78
C ALA A 73 1.92 -6.77 -9.24
N LYS A 74 2.80 -6.46 -8.30
CA LYS A 74 4.21 -6.30 -8.59
C LYS A 74 4.75 -7.52 -9.34
N GLU A 75 4.25 -8.70 -8.98
CA GLU A 75 4.67 -9.94 -9.60
C GLU A 75 4.52 -9.87 -11.12
N ILE A 76 3.36 -9.39 -11.57
CA ILE A 76 3.09 -9.27 -12.99
C ILE A 76 1.85 -8.42 -13.24
N GLU A 77 2.00 -7.36 -14.04
CA GLU A 77 0.90 -6.48 -14.36
C GLU A 77 1.28 -5.50 -15.47
N ARG A 78 0.36 -5.29 -16.41
CA ARG A 78 0.60 -4.39 -17.53
C ARG A 78 -0.72 -3.87 -18.10
N LEU A 79 -0.91 -2.56 -18.01
CA LEU A 79 -2.13 -1.94 -18.52
C LEU A 79 -1.80 -0.75 -19.43
N GLN A 80 -1.49 -1.05 -20.68
CA GLN A 80 -1.16 -0.01 -21.66
C GLN A 80 -2.40 0.79 -22.05
N LYS A 81 -2.23 2.10 -22.19
CA LYS A 81 -3.35 2.98 -22.56
C LYS A 81 -2.83 4.28 -23.15
N GLU A 82 -3.53 4.79 -24.16
CA GLU A 82 -3.14 6.03 -24.82
C GLU A 82 -4.35 6.95 -24.99
N ILE A 83 -4.83 7.50 -23.88
CA ILE A 83 -5.98 8.40 -23.91
C ILE A 83 -5.54 9.86 -23.89
N GLU A 84 -4.49 10.17 -24.66
CA GLU A 84 -3.97 11.53 -24.73
C GLU A 84 -4.63 12.29 -25.87
N ARG A 85 -5.95 12.31 -25.87
CA ARG A 85 -6.70 13.02 -26.92
C ARG A 85 -8.12 13.30 -26.46
N HIS A 86 -8.51 14.57 -26.52
CA HIS A 86 -9.85 14.99 -26.10
C HIS A 86 -10.26 16.28 -26.81
N LYS A 87 -11.28 16.19 -27.65
CA LYS A 87 -11.77 17.36 -28.38
C LYS A 87 -13.28 17.28 -28.56
N GLN A 88 -13.98 18.32 -28.10
CA GLN A 88 -15.43 18.37 -28.21
C GLN A 88 -16.07 17.11 -27.64
N SER A 89 -15.61 16.71 -26.45
CA SER A 89 -16.13 15.53 -25.79
C SER A 89 -17.42 15.85 -25.04
N ILE A 90 -17.50 17.05 -24.49
CA ILE A 90 -18.67 17.48 -23.74
C ILE A 90 -19.94 17.25 -24.54
N LYS A 91 -19.84 17.42 -25.86
CA LYS A 91 -20.99 17.23 -26.74
C LYS A 91 -21.65 15.87 -26.50
N LYS A 92 -20.82 14.88 -26.16
CA LYS A 92 -21.33 13.54 -25.89
C LYS A 92 -22.28 13.53 -24.71
N LEU A 93 -22.00 14.39 -23.73
CA LEU A 93 -22.84 14.48 -22.53
C LEU A 93 -23.98 15.47 -22.74
N LYS A 94 -23.67 16.58 -23.41
CA LYS A 94 -24.67 17.61 -23.69
C LYS A 94 -25.77 17.07 -24.61
N GLN A 95 -25.37 16.27 -25.59
CA GLN A 95 -26.32 15.70 -26.53
C GLN A 95 -27.25 14.71 -25.84
N SER A 96 -26.73 14.00 -24.85
CA SER A 96 -27.51 13.03 -24.10
C SER A 96 -28.39 13.72 -23.06
N GLU A 97 -27.80 14.67 -22.33
CA GLU A 97 -28.53 15.40 -21.31
C GLU A 97 -29.14 14.46 -20.28
N CYS A 98 -28.38 13.43 -19.92
CA CYS A 98 -28.86 12.44 -18.95
C CYS A 98 -29.03 13.07 -17.57
N GLY A 1 8.08 -31.92 10.19
CA GLY A 1 6.92 -32.25 11.01
C GLY A 1 5.74 -32.74 10.18
N GLY A 2 5.05 -31.80 9.54
CA GLY A 2 3.90 -32.15 8.73
C GLY A 2 2.97 -30.98 8.51
N SER A 3 2.86 -30.12 9.52
CA SER A 3 1.98 -28.96 9.44
C SER A 3 2.50 -27.96 8.40
N LYS A 4 1.58 -27.40 7.62
CA LYS A 4 1.93 -26.43 6.58
C LYS A 4 2.49 -25.16 7.21
N GLU A 5 1.93 -24.76 8.35
CA GLU A 5 2.39 -23.55 9.04
C GLU A 5 3.90 -23.58 9.26
N ASN A 6 4.43 -24.77 9.53
CA ASN A 6 5.87 -24.93 9.75
C ASN A 6 6.66 -24.35 8.59
N GLU A 7 6.20 -24.60 7.37
CA GLU A 7 6.87 -24.09 6.18
C GLU A 7 6.59 -22.61 5.98
N ILE A 8 5.32 -22.23 6.09
CA ILE A 8 4.92 -20.84 5.93
C ILE A 8 5.73 -19.93 6.83
N SER A 9 6.03 -20.40 8.03
CA SER A 9 6.81 -19.62 8.99
C SER A 9 8.18 -19.27 8.43
N HIS A 10 8.75 -20.19 7.67
CA HIS A 10 10.07 -19.99 7.07
C HIS A 10 10.07 -18.74 6.18
N HIS A 11 9.00 -18.58 5.40
CA HIS A 11 8.88 -17.44 4.51
C HIS A 11 8.38 -16.21 5.27
N ALA A 12 7.45 -16.42 6.18
CA ALA A 12 6.89 -15.33 6.98
C ALA A 12 7.97 -14.67 7.84
N LYS A 13 8.93 -15.47 8.28
CA LYS A 13 10.02 -14.97 9.11
C LYS A 13 10.73 -13.80 8.43
N GLU A 14 10.82 -13.86 7.10
CA GLU A 14 11.48 -12.81 6.34
C GLU A 14 10.45 -11.84 5.75
N ILE A 15 9.34 -12.39 5.26
CA ILE A 15 8.28 -11.58 4.68
C ILE A 15 7.78 -10.53 5.67
N GLU A 16 7.78 -10.89 6.95
CA GLU A 16 7.33 -9.97 7.99
C GLU A 16 8.09 -8.66 7.93
N ARG A 17 9.41 -8.75 7.97
CA ARG A 17 10.26 -7.56 7.93
C ARG A 17 9.98 -6.74 6.67
N LEU A 18 9.43 -7.40 5.65
CA LEU A 18 9.12 -6.73 4.40
C LEU A 18 7.75 -6.04 4.47
N GLN A 19 6.73 -6.80 4.83
CA GLN A 19 5.38 -6.26 4.94
C GLN A 19 5.32 -5.15 5.98
N LYS A 20 6.25 -5.18 6.93
CA LYS A 20 6.30 -4.17 7.97
C LYS A 20 7.15 -2.97 7.54
N GLU A 21 8.13 -3.23 6.67
CA GLU A 21 8.99 -2.18 6.16
C GLU A 21 8.30 -1.37 5.06
N ILE A 22 7.56 -2.07 4.21
CA ILE A 22 6.85 -1.43 3.11
C ILE A 22 6.04 -0.24 3.61
N GLU A 23 5.53 -0.34 4.83
CA GLU A 23 4.73 0.72 5.43
C GLU A 23 5.49 2.04 5.41
N ARG A 24 6.80 1.97 5.62
CA ARG A 24 7.64 3.15 5.62
C ARG A 24 8.10 3.51 4.21
N HIS A 25 8.72 2.55 3.53
CA HIS A 25 9.21 2.76 2.18
C HIS A 25 8.11 3.33 1.29
N LYS A 26 6.98 2.62 1.24
CA LYS A 26 5.84 3.05 0.42
C LYS A 26 5.49 4.50 0.72
N GLN A 27 5.50 4.87 2.00
CA GLN A 27 5.18 6.23 2.41
C GLN A 27 6.27 7.20 1.99
N SER A 28 7.51 6.73 2.01
CA SER A 28 8.65 7.56 1.64
C SER A 28 8.66 7.83 0.14
N ILE A 29 8.22 6.84 -0.64
CA ILE A 29 8.16 6.97 -2.08
C ILE A 29 6.88 7.65 -2.54
N LYS A 30 5.80 7.42 -1.79
CA LYS A 30 4.51 8.03 -2.12
C LYS A 30 4.65 9.54 -2.32
N LYS A 31 5.56 10.15 -1.57
CA LYS A 31 5.79 11.59 -1.67
C LYS A 31 6.01 12.00 -3.11
N LEU A 32 6.78 11.21 -3.85
CA LEU A 32 7.06 11.50 -5.25
C LEU A 32 5.95 10.96 -6.15
N LYS A 33 5.39 9.82 -5.77
CA LYS A 33 4.33 9.20 -6.54
C LYS A 33 3.11 10.12 -6.63
N GLN A 34 2.88 10.89 -5.58
CA GLN A 34 1.76 11.82 -5.54
C GLN A 34 1.73 12.69 -6.79
N SER A 35 2.91 12.98 -7.33
CA SER A 35 3.02 13.81 -8.53
C SER A 35 2.30 13.15 -9.71
N GLU A 36 2.43 11.83 -9.81
CA GLU A 36 1.81 11.08 -10.89
C GLU A 36 0.38 10.68 -10.51
N GLN A 37 0.16 10.38 -9.24
CA GLN A 37 -1.15 9.99 -8.75
C GLN A 37 -2.22 10.99 -9.19
N SER A 38 -1.89 12.27 -9.09
CA SER A 38 -2.82 13.32 -9.47
C SER A 38 -4.00 13.39 -8.51
N ASN A 39 -3.73 13.11 -7.23
CA ASN A 39 -4.77 13.13 -6.21
C ASN A 39 -5.01 14.55 -5.71
N PRO A 40 -6.23 14.81 -5.22
CA PRO A 40 -6.61 16.12 -4.71
C PRO A 40 -5.91 16.46 -3.40
N PRO A 41 -6.02 17.73 -2.98
CA PRO A 41 -5.40 18.21 -1.75
C PRO A 41 -6.08 17.65 -0.50
N PRO A 42 -5.44 17.83 0.66
CA PRO A 42 -5.96 17.36 1.94
C PRO A 42 -7.18 18.14 2.39
N ASN A 43 -8.21 17.42 2.85
CA ASN A 43 -9.44 18.05 3.31
C ASN A 43 -10.12 17.19 4.38
N PRO A 44 -9.55 17.22 5.60
CA PRO A 44 -10.08 16.46 6.73
C PRO A 44 -11.41 17.01 7.23
N GLU A 45 -12.49 16.29 6.97
CA GLU A 45 -13.82 16.71 7.38
C GLU A 45 -14.24 16.00 8.66
N GLY A 46 -15.49 16.19 9.06
CA GLY A 46 -15.99 15.56 10.26
C GLY A 46 -16.63 14.21 10.00
N THR A 47 -17.27 14.09 8.84
CA THR A 47 -17.93 12.85 8.46
C THR A 47 -16.91 11.75 8.16
N ARG A 48 -16.13 11.95 7.10
CA ARG A 48 -15.12 10.97 6.71
C ARG A 48 -14.22 10.62 7.89
N GLN A 49 -13.90 11.62 8.71
CA GLN A 49 -13.05 11.41 9.88
C GLN A 49 -13.57 10.27 10.74
N ALA A 50 -14.90 10.14 10.81
CA ALA A 50 -15.52 9.09 11.59
C ALA A 50 -15.33 7.73 10.93
N ARG A 51 -15.35 7.71 9.61
CA ARG A 51 -15.18 6.46 8.86
C ARG A 51 -13.73 6.04 8.85
N ARG A 52 -12.85 6.92 8.38
CA ARG A 52 -11.42 6.62 8.32
C ARG A 52 -10.90 6.14 9.66
N ASN A 53 -11.46 6.68 10.73
CA ASN A 53 -11.06 6.30 12.09
C ASN A 53 -11.10 4.79 12.26
N ARG A 54 -12.19 4.18 11.81
CA ARG A 54 -12.35 2.74 11.91
C ARG A 54 -11.64 2.02 10.76
N ARG A 55 -11.79 2.56 9.56
CA ARG A 55 -11.17 1.98 8.37
C ARG A 55 -9.67 1.81 8.58
N ARG A 56 -9.06 2.75 9.30
CA ARG A 56 -7.62 2.70 9.55
C ARG A 56 -7.23 1.35 10.14
N ARG A 57 -8.07 0.81 11.02
CA ARG A 57 -7.81 -0.48 11.65
C ARG A 57 -7.72 -1.59 10.61
N TRP A 58 -8.47 -1.44 9.52
CA TRP A 58 -8.47 -2.42 8.46
C TRP A 58 -7.28 -2.24 7.53
N ARG A 59 -7.17 -1.05 6.94
CA ARG A 59 -6.07 -0.75 6.03
C ARG A 59 -4.73 -1.06 6.68
N GLU A 60 -4.69 -0.97 8.01
CA GLU A 60 -3.46 -1.24 8.75
C GLU A 60 -2.84 -2.57 8.32
N ARG A 61 -3.59 -3.65 8.50
CA ARG A 61 -3.12 -4.98 8.12
C ARG A 61 -3.29 -5.22 6.63
N GLN A 62 -4.36 -4.66 6.06
CA GLN A 62 -4.64 -4.81 4.65
C GLN A 62 -3.44 -4.39 3.81
N ARG A 63 -2.73 -3.36 4.26
CA ARG A 63 -1.56 -2.86 3.55
C ARG A 63 -0.59 -3.99 3.23
N GLN A 64 -0.48 -4.94 4.16
CA GLN A 64 0.42 -6.08 3.98
C GLN A 64 -0.12 -7.03 2.92
N LYS A 65 -1.44 -7.19 2.88
CA LYS A 65 -2.07 -8.07 1.91
C LYS A 65 -2.04 -7.47 0.51
N GLU A 66 -2.66 -6.29 0.37
CA GLU A 66 -2.69 -5.61 -0.92
C GLU A 66 -1.29 -5.45 -1.50
N ASN A 67 -0.32 -5.23 -0.62
CA ASN A 67 1.06 -5.07 -1.05
C ASN A 67 1.53 -6.26 -1.87
N GLU A 68 1.06 -7.45 -1.49
CA GLU A 68 1.43 -8.67 -2.19
C GLU A 68 0.86 -8.68 -3.61
N ILE A 69 -0.45 -8.60 -3.71
CA ILE A 69 -1.12 -8.60 -5.01
C ILE A 69 -0.63 -7.44 -5.88
N SER A 70 -0.33 -6.32 -5.24
CA SER A 70 0.15 -5.14 -5.94
C SER A 70 1.47 -5.43 -6.66
N HIS A 71 2.31 -6.24 -6.03
CA HIS A 71 3.60 -6.61 -6.60
C HIS A 71 3.43 -7.13 -8.02
N HIS A 72 2.35 -7.86 -8.26
CA HIS A 72 2.08 -8.42 -9.58
C HIS A 72 1.62 -7.33 -10.55
N ALA A 73 0.84 -6.38 -10.04
CA ALA A 73 0.34 -5.29 -10.86
C ALA A 73 1.46 -4.34 -11.25
N LYS A 74 2.35 -4.06 -10.31
CA LYS A 74 3.49 -3.16 -10.55
C LYS A 74 4.27 -3.61 -11.77
N GLU A 75 4.38 -4.93 -11.95
CA GLU A 75 5.12 -5.49 -13.08
C GLU A 75 4.64 -4.87 -14.40
N ILE A 76 3.33 -4.87 -14.60
CA ILE A 76 2.74 -4.32 -15.81
C ILE A 76 1.55 -3.42 -15.49
N GLU A 77 1.60 -2.18 -15.97
CA GLU A 77 0.52 -1.23 -15.74
C GLU A 77 0.17 -0.47 -17.01
N ARG A 78 -1.12 -0.27 -17.24
CA ARG A 78 -1.58 0.44 -18.43
C ARG A 78 -2.39 1.68 -18.05
N LEU A 79 -1.79 2.54 -17.23
CA LEU A 79 -2.46 3.76 -16.78
C LEU A 79 -1.80 4.99 -17.39
N GLN A 80 -2.05 5.21 -18.69
CA GLN A 80 -1.48 6.36 -19.39
C GLN A 80 -2.12 7.66 -18.92
N LYS A 81 -1.40 8.76 -19.07
CA LYS A 81 -1.90 10.06 -18.66
C LYS A 81 -1.43 11.15 -19.62
N GLU A 82 -2.36 11.98 -20.09
CA GLU A 82 -2.03 13.07 -21.01
C GLU A 82 -2.43 14.42 -20.42
N ILE A 83 -2.22 14.58 -19.12
CA ILE A 83 -2.57 15.82 -18.44
C ILE A 83 -1.36 16.42 -17.74
N GLU A 84 -1.13 17.71 -17.96
CA GLU A 84 0.00 18.40 -17.35
C GLU A 84 -0.26 19.90 -17.28
N ARG A 85 0.74 20.64 -16.79
CA ARG A 85 0.61 22.09 -16.67
C ARG A 85 1.98 22.73 -16.42
N HIS A 86 2.03 24.06 -16.49
CA HIS A 86 3.27 24.78 -16.28
C HIS A 86 3.35 25.30 -14.84
N LYS A 87 4.24 24.71 -14.05
CA LYS A 87 4.41 25.11 -12.66
C LYS A 87 5.85 25.49 -12.39
N GLN A 88 6.21 26.74 -12.71
CA GLN A 88 7.55 27.23 -12.50
C GLN A 88 7.57 28.32 -11.43
N SER A 89 8.25 28.04 -10.32
CA SER A 89 8.34 29.00 -9.22
C SER A 89 8.81 30.36 -9.72
N ILE A 90 9.65 30.36 -10.75
CA ILE A 90 10.16 31.59 -11.32
C ILE A 90 9.03 32.57 -11.64
N LYS A 91 7.88 32.01 -12.02
CA LYS A 91 6.72 32.82 -12.35
C LYS A 91 6.41 33.82 -11.24
N LYS A 92 6.68 33.42 -10.00
CA LYS A 92 6.43 34.28 -8.85
C LYS A 92 7.28 35.54 -8.92
N LEU A 93 8.49 35.40 -9.45
CA LEU A 93 9.40 36.54 -9.58
C LEU A 93 9.17 37.28 -10.90
N LYS A 94 9.00 36.52 -11.97
CA LYS A 94 8.77 37.09 -13.29
C LYS A 94 7.56 38.02 -13.27
N GLN A 95 6.54 37.64 -12.49
CA GLN A 95 5.33 38.44 -12.39
C GLN A 95 5.43 39.46 -11.25
N SER A 96 6.64 39.62 -10.73
CA SER A 96 6.88 40.55 -9.63
C SER A 96 7.22 41.95 -10.16
N GLU A 97 7.98 41.99 -11.25
CA GLU A 97 8.38 43.25 -11.86
C GLU A 97 7.23 43.85 -12.67
N CYS A 98 6.17 44.24 -11.97
CA CYS A 98 4.99 44.84 -12.63
C CYS A 98 5.28 46.27 -13.06
N GLY A 1 4.55 -33.47 12.39
CA GLY A 1 3.68 -33.13 11.28
C GLY A 1 4.32 -32.14 10.33
N GLY A 2 5.00 -32.65 9.31
CA GLY A 2 5.65 -31.79 8.34
C GLY A 2 4.78 -31.50 7.13
N SER A 3 4.24 -30.30 7.06
CA SER A 3 3.37 -29.91 5.96
C SER A 3 3.71 -28.49 5.48
N LYS A 4 2.85 -27.95 4.62
CA LYS A 4 3.05 -26.61 4.10
C LYS A 4 3.02 -25.57 5.21
N GLU A 5 2.21 -25.82 6.23
CA GLU A 5 2.08 -24.91 7.36
C GLU A 5 3.46 -24.50 7.87
N ASN A 6 4.26 -25.48 8.26
CA ASN A 6 5.61 -25.22 8.77
C ASN A 6 6.41 -24.38 7.77
N GLU A 7 6.16 -24.60 6.49
CA GLU A 7 6.86 -23.86 5.44
C GLU A 7 6.45 -22.39 5.44
N ILE A 8 5.19 -22.13 5.77
CA ILE A 8 4.67 -20.77 5.81
C ILE A 8 5.54 -19.88 6.70
N SER A 9 5.88 -20.38 7.88
CA SER A 9 6.69 -19.63 8.83
C SER A 9 8.02 -19.24 8.20
N HIS A 10 8.59 -20.15 7.41
CA HIS A 10 9.86 -19.89 6.75
C HIS A 10 9.79 -18.61 5.92
N HIS A 11 8.69 -18.43 5.19
CA HIS A 11 8.50 -17.25 4.36
C HIS A 11 8.05 -16.06 5.20
N ALA A 12 7.23 -16.33 6.20
CA ALA A 12 6.72 -15.28 7.08
C ALA A 12 7.86 -14.62 7.86
N LYS A 13 8.88 -15.41 8.20
CA LYS A 13 10.02 -14.92 8.94
C LYS A 13 10.65 -13.71 8.24
N GLU A 14 10.64 -13.74 6.91
CA GLU A 14 11.20 -12.65 6.12
C GLU A 14 10.12 -11.69 5.67
N ILE A 15 8.97 -12.23 5.28
CA ILE A 15 7.84 -11.42 4.83
C ILE A 15 7.41 -10.43 5.90
N GLU A 16 7.58 -10.83 7.16
CA GLU A 16 7.20 -9.97 8.28
C GLU A 16 7.93 -8.64 8.22
N ARG A 17 9.25 -8.70 8.12
CA ARG A 17 10.08 -7.49 8.04
C ARG A 17 9.70 -6.65 6.82
N LEU A 18 9.12 -7.30 5.83
CA LEU A 18 8.71 -6.61 4.59
C LEU A 18 7.37 -5.91 4.79
N GLN A 19 6.37 -6.68 5.23
CA GLN A 19 5.04 -6.13 5.46
C GLN A 19 5.08 -4.97 6.45
N LYS A 20 6.09 -4.98 7.31
CA LYS A 20 6.25 -3.92 8.30
C LYS A 20 7.08 -2.77 7.75
N GLU A 21 8.02 -3.09 6.86
CA GLU A 21 8.88 -2.08 6.26
C GLU A 21 8.13 -1.29 5.20
N ILE A 22 7.28 -1.97 4.43
CA ILE A 22 6.49 -1.33 3.39
C ILE A 22 5.79 -0.09 3.92
N GLU A 23 5.38 -0.13 5.18
CA GLU A 23 4.69 1.00 5.80
C GLU A 23 5.49 2.28 5.61
N ARG A 24 6.80 2.19 5.74
CA ARG A 24 7.68 3.34 5.59
C ARG A 24 8.05 3.55 4.12
N HIS A 25 8.47 2.48 3.46
CA HIS A 25 8.84 2.55 2.05
C HIS A 25 7.74 3.20 1.22
N LYS A 26 6.54 2.65 1.31
CA LYS A 26 5.40 3.18 0.56
C LYS A 26 5.25 4.68 0.79
N GLN A 27 5.42 5.10 2.04
CA GLN A 27 5.30 6.52 2.39
C GLN A 27 6.47 7.31 1.82
N SER A 28 7.64 6.69 1.76
CA SER A 28 8.84 7.35 1.25
C SER A 28 8.74 7.53 -0.27
N ILE A 29 8.13 6.56 -0.93
CA ILE A 29 7.97 6.61 -2.39
C ILE A 29 6.74 7.44 -2.77
N LYS A 30 5.71 7.40 -1.93
CA LYS A 30 4.49 8.14 -2.18
C LYS A 30 4.80 9.60 -2.52
N LYS A 31 5.85 10.14 -1.91
CA LYS A 31 6.25 11.51 -2.15
C LYS A 31 6.40 11.78 -3.65
N LEU A 32 7.01 10.84 -4.36
CA LEU A 32 7.20 10.98 -5.80
C LEU A 32 5.97 10.50 -6.57
N LYS A 33 5.32 9.46 -6.05
CA LYS A 33 4.12 8.92 -6.68
C LYS A 33 3.04 9.99 -6.81
N GLN A 34 2.98 10.88 -5.83
CA GLN A 34 1.99 11.96 -5.83
C GLN A 34 1.99 12.69 -7.16
N SER A 35 3.15 12.76 -7.80
CA SER A 35 3.28 13.44 -9.08
C SER A 35 2.45 12.74 -10.16
N GLU A 36 2.46 11.40 -10.13
CA GLU A 36 1.72 10.62 -11.10
C GLU A 36 0.26 10.45 -10.66
N GLN A 37 0.07 9.98 -9.43
CA GLN A 37 -1.27 9.79 -8.89
C GLN A 37 -2.11 11.04 -9.04
N SER A 38 -1.47 12.20 -8.89
CA SER A 38 -2.16 13.48 -9.00
C SER A 38 -3.47 13.46 -8.22
N ASN A 39 -3.46 12.79 -7.07
CA ASN A 39 -4.63 12.69 -6.22
C ASN A 39 -4.57 13.71 -5.08
N PRO A 40 -5.71 14.36 -4.80
CA PRO A 40 -5.81 15.36 -3.74
C PRO A 40 -5.69 14.75 -2.35
N PRO A 41 -5.52 15.61 -1.34
CA PRO A 41 -5.40 15.18 0.06
C PRO A 41 -6.71 14.64 0.61
N PRO A 42 -6.63 13.98 1.79
CA PRO A 42 -7.81 13.41 2.46
C PRO A 42 -8.75 14.48 3.00
N ASN A 43 -10.05 14.26 2.85
CA ASN A 43 -11.05 15.20 3.32
C ASN A 43 -12.24 14.46 3.94
N PRO A 44 -12.03 13.92 5.16
CA PRO A 44 -13.07 13.19 5.87
C PRO A 44 -14.19 14.10 6.37
N GLU A 45 -15.35 14.01 5.74
CA GLU A 45 -16.50 14.83 6.11
C GLU A 45 -17.08 14.37 7.45
N GLY A 46 -18.09 15.10 7.92
CA GLY A 46 -18.72 14.74 9.18
C GLY A 46 -19.25 13.32 9.19
N THR A 47 -19.69 12.84 8.03
CA THR A 47 -20.23 11.50 7.91
C THR A 47 -19.12 10.48 7.66
N ARG A 48 -18.31 10.72 6.63
CA ARG A 48 -17.22 9.83 6.29
C ARG A 48 -16.32 9.57 7.51
N GLN A 49 -16.03 10.63 8.26
CA GLN A 49 -15.19 10.52 9.44
C GLN A 49 -15.84 9.62 10.48
N ALA A 50 -17.17 9.66 10.54
CA ALA A 50 -17.91 8.84 11.50
C ALA A 50 -17.48 7.38 11.41
N ARG A 51 -17.59 6.81 10.22
CA ARG A 51 -17.22 5.40 10.01
C ARG A 51 -15.70 5.27 9.85
N ARG A 52 -15.10 6.19 9.11
CA ARG A 52 -13.66 6.17 8.88
C ARG A 52 -12.91 6.07 10.20
N ASN A 53 -13.43 6.73 11.23
CA ASN A 53 -12.80 6.72 12.54
C ASN A 53 -12.56 5.29 13.02
N ARG A 54 -13.50 4.41 12.70
CA ARG A 54 -13.39 3.01 13.10
C ARG A 54 -12.54 2.23 12.11
N ARG A 55 -12.63 2.58 10.84
CA ARG A 55 -11.87 1.91 9.80
C ARG A 55 -10.38 1.86 10.16
N ARG A 56 -9.93 2.85 10.93
CA ARG A 56 -8.54 2.91 11.34
C ARG A 56 -8.09 1.59 11.97
N ARG A 57 -9.03 0.92 12.65
CA ARG A 57 -8.73 -0.35 13.29
C ARG A 57 -8.49 -1.44 12.27
N TRP A 58 -9.19 -1.35 11.13
CA TRP A 58 -9.05 -2.34 10.07
C TRP A 58 -7.84 -2.02 9.19
N ARG A 59 -7.79 -0.79 8.69
CA ARG A 59 -6.69 -0.37 7.82
C ARG A 59 -5.34 -0.67 8.48
N GLU A 60 -5.31 -0.61 9.81
CA GLU A 60 -4.09 -0.87 10.55
C GLU A 60 -3.45 -2.19 10.11
N ARG A 61 -4.26 -3.25 10.09
CA ARG A 61 -3.78 -4.56 9.68
C ARG A 61 -3.92 -4.76 8.18
N GLN A 62 -4.98 -4.21 7.61
CA GLN A 62 -5.23 -4.32 6.18
C GLN A 62 -4.02 -3.85 5.38
N ARG A 63 -3.34 -2.83 5.89
CA ARG A 63 -2.17 -2.28 5.23
C ARG A 63 -1.16 -3.38 4.90
N GLN A 64 -1.07 -4.36 5.80
CA GLN A 64 -0.13 -5.48 5.61
C GLN A 64 -0.66 -6.45 4.56
N LYS A 65 -1.97 -6.62 4.53
CA LYS A 65 -2.60 -7.53 3.57
C LYS A 65 -2.55 -6.94 2.16
N GLU A 66 -3.15 -5.76 2.00
CA GLU A 66 -3.18 -5.08 0.71
C GLU A 66 -1.78 -4.98 0.11
N ASN A 67 -0.79 -4.78 0.98
CA ASN A 67 0.60 -4.67 0.54
C ASN A 67 1.00 -5.85 -0.34
N GLU A 68 0.46 -7.03 -0.01
CA GLU A 68 0.76 -8.23 -0.78
C GLU A 68 0.39 -8.04 -2.25
N ILE A 69 -0.89 -7.78 -2.51
CA ILE A 69 -1.36 -7.58 -3.87
C ILE A 69 -0.78 -6.31 -4.48
N SER A 70 -0.58 -5.31 -3.64
CA SER A 70 -0.03 -4.03 -4.09
C SER A 70 1.30 -4.24 -4.81
N HIS A 71 2.09 -5.20 -4.33
CA HIS A 71 3.38 -5.50 -4.93
C HIS A 71 3.25 -5.74 -6.44
N HIS A 72 2.26 -6.55 -6.82
CA HIS A 72 2.02 -6.85 -8.22
C HIS A 72 1.23 -5.73 -8.90
N ALA A 73 0.20 -5.25 -8.21
CA ALA A 73 -0.64 -4.19 -8.73
C ALA A 73 0.20 -3.00 -9.19
N LYS A 74 1.10 -2.55 -8.33
CA LYS A 74 1.97 -1.43 -8.64
C LYS A 74 2.68 -1.65 -9.97
N GLU A 75 3.08 -2.88 -10.23
CA GLU A 75 3.77 -3.23 -11.47
C GLU A 75 2.99 -2.73 -12.68
N ILE A 76 1.75 -3.20 -12.82
CA ILE A 76 0.90 -2.80 -13.93
C ILE A 76 -0.54 -2.65 -13.49
N GLU A 77 -1.16 -1.53 -13.87
CA GLU A 77 -2.54 -1.26 -13.51
C GLU A 77 -3.03 0.03 -14.18
N ARG A 78 -4.35 0.11 -14.40
CA ARG A 78 -4.94 1.27 -15.03
C ARG A 78 -6.40 1.43 -14.62
N LEU A 79 -6.93 2.64 -14.74
CA LEU A 79 -8.30 2.93 -14.38
C LEU A 79 -9.27 2.23 -15.33
N GLN A 80 -10.33 1.65 -14.77
CA GLN A 80 -11.33 0.95 -15.57
C GLN A 80 -12.49 0.48 -14.69
N LYS A 81 -13.71 0.71 -15.17
CA LYS A 81 -14.90 0.33 -14.43
C LYS A 81 -15.85 -0.47 -15.33
N GLU A 82 -16.26 -1.65 -14.84
CA GLU A 82 -17.16 -2.51 -15.61
C GLU A 82 -17.59 -3.71 -14.77
N ILE A 83 -18.84 -4.12 -14.94
CA ILE A 83 -19.38 -5.27 -14.21
C ILE A 83 -19.76 -6.40 -15.15
N GLU A 84 -18.74 -7.02 -15.75
CA GLU A 84 -18.97 -8.13 -16.67
C GLU A 84 -17.65 -8.74 -17.12
N ARG A 85 -17.46 -10.02 -16.82
CA ARG A 85 -16.24 -10.72 -17.20
C ARG A 85 -16.37 -12.21 -16.95
N HIS A 86 -15.97 -13.01 -17.93
CA HIS A 86 -16.04 -14.46 -17.82
C HIS A 86 -15.26 -15.14 -18.94
N LYS A 87 -14.31 -16.00 -18.58
CA LYS A 87 -13.50 -16.71 -19.55
C LYS A 87 -13.50 -18.20 -19.27
N GLN A 88 -13.26 -18.99 -20.32
CA GLN A 88 -13.24 -20.45 -20.18
C GLN A 88 -11.80 -20.96 -20.13
N SER A 89 -11.06 -20.51 -19.13
CA SER A 89 -9.67 -20.92 -18.97
C SER A 89 -9.54 -22.44 -18.99
N ILE A 90 -10.56 -23.12 -18.47
CA ILE A 90 -10.58 -24.57 -18.44
C ILE A 90 -10.25 -25.16 -19.80
N LYS A 91 -10.68 -24.48 -20.85
CA LYS A 91 -10.43 -24.93 -22.22
C LYS A 91 -8.95 -25.22 -22.43
N LYS A 92 -8.09 -24.45 -21.76
CA LYS A 92 -6.66 -24.62 -21.87
C LYS A 92 -6.23 -26.00 -21.37
N LEU A 93 -6.92 -26.49 -20.34
CA LEU A 93 -6.61 -27.79 -19.78
C LEU A 93 -7.38 -28.90 -20.49
N LYS A 94 -8.69 -28.72 -20.61
CA LYS A 94 -9.55 -29.69 -21.28
C LYS A 94 -9.03 -30.01 -22.67
N GLN A 95 -8.48 -28.99 -23.33
CA GLN A 95 -7.94 -29.16 -24.69
C GLN A 95 -6.90 -30.27 -24.72
N SER A 96 -6.05 -30.31 -23.69
CA SER A 96 -5.00 -31.32 -23.61
C SER A 96 -5.20 -32.21 -22.38
N GLU A 97 -6.19 -33.10 -22.46
CA GLU A 97 -6.48 -34.01 -21.35
C GLU A 97 -5.91 -35.40 -21.62
N CYS A 98 -4.59 -35.49 -21.68
CA CYS A 98 -3.91 -36.75 -21.93
C CYS A 98 -3.07 -37.16 -20.73
N GLY A 1 7.11 -29.25 2.74
CA GLY A 1 7.43 -30.51 3.37
C GLY A 1 6.26 -31.10 4.14
N GLY A 2 6.39 -31.15 5.45
CA GLY A 2 5.31 -31.70 6.28
C GLY A 2 4.20 -30.71 6.51
N SER A 3 4.08 -30.23 7.73
CA SER A 3 3.03 -29.27 8.09
C SER A 3 3.16 -28.00 7.25
N LYS A 4 2.09 -27.64 6.56
CA LYS A 4 2.08 -26.45 5.72
C LYS A 4 2.49 -25.22 6.51
N GLU A 5 1.96 -25.10 7.74
CA GLU A 5 2.27 -23.97 8.59
C GLU A 5 3.78 -23.81 8.74
N ASN A 6 4.50 -24.93 8.78
CA ASN A 6 5.95 -24.90 8.93
C ASN A 6 6.58 -24.06 7.83
N GLU A 7 6.31 -24.42 6.57
CA GLU A 7 6.86 -23.70 5.44
C GLU A 7 6.42 -22.23 5.47
N ILE A 8 5.14 -22.00 5.76
CA ILE A 8 4.60 -20.65 5.82
C ILE A 8 5.38 -19.79 6.81
N SER A 9 5.81 -20.40 7.91
CA SER A 9 6.56 -19.69 8.93
C SER A 9 7.93 -19.25 8.41
N HIS A 10 8.61 -20.16 7.74
CA HIS A 10 9.93 -19.87 7.17
C HIS A 10 9.88 -18.63 6.29
N HIS A 11 8.84 -18.53 5.48
CA HIS A 11 8.67 -17.39 4.58
C HIS A 11 8.17 -16.16 5.34
N ALA A 12 7.28 -16.39 6.29
CA ALA A 12 6.72 -15.31 7.09
C ALA A 12 7.81 -14.63 7.91
N LYS A 13 8.80 -15.41 8.33
CA LYS A 13 9.91 -14.87 9.12
C LYS A 13 10.57 -13.69 8.42
N GLU A 14 10.63 -13.76 7.09
CA GLU A 14 11.24 -12.70 6.30
C GLU A 14 10.17 -11.76 5.75
N ILE A 15 9.05 -12.33 5.30
CA ILE A 15 7.96 -11.54 4.75
C ILE A 15 7.46 -10.51 5.76
N GLU A 16 7.54 -10.86 7.04
CA GLU A 16 7.09 -9.96 8.10
C GLU A 16 7.83 -8.62 8.03
N ARG A 17 9.16 -8.69 8.02
CA ARG A 17 9.98 -7.49 7.95
C ARG A 17 9.67 -6.69 6.68
N LEU A 18 9.14 -7.37 5.67
CA LEU A 18 8.80 -6.73 4.40
C LEU A 18 7.44 -6.04 4.49
N GLN A 19 6.43 -6.81 4.87
CA GLN A 19 5.08 -6.26 4.99
C GLN A 19 5.04 -5.09 5.96
N LYS A 20 6.01 -5.06 6.88
CA LYS A 20 6.09 -3.99 7.87
C LYS A 20 6.93 -2.84 7.34
N GLU A 21 7.94 -3.16 6.53
CA GLU A 21 8.82 -2.15 5.97
C GLU A 21 8.12 -1.38 4.84
N ILE A 22 7.33 -2.10 4.05
CA ILE A 22 6.60 -1.49 2.95
C ILE A 22 5.87 -0.23 3.40
N GLU A 23 5.39 -0.25 4.64
CA GLU A 23 4.67 0.90 5.20
C GLU A 23 5.50 2.17 5.10
N ARG A 24 6.80 2.05 5.38
CA ARG A 24 7.70 3.19 5.31
C ARG A 24 8.09 3.50 3.87
N HIS A 25 8.60 2.50 3.17
CA HIS A 25 9.02 2.66 1.78
C HIS A 25 7.90 3.28 0.96
N LYS A 26 6.72 2.69 1.01
CA LYS A 26 5.57 3.18 0.27
C LYS A 26 5.35 4.67 0.53
N GLN A 27 5.49 5.07 1.80
CA GLN A 27 5.32 6.47 2.18
C GLN A 27 6.46 7.33 1.65
N SER A 28 7.66 6.75 1.60
CA SER A 28 8.83 7.47 1.13
C SER A 28 8.77 7.66 -0.38
N ILE A 29 8.20 6.68 -1.08
CA ILE A 29 8.08 6.75 -2.53
C ILE A 29 6.83 7.53 -2.93
N LYS A 30 5.79 7.42 -2.12
CA LYS A 30 4.53 8.12 -2.39
C LYS A 30 4.78 9.60 -2.68
N LYS A 31 5.77 10.18 -2.00
CA LYS A 31 6.11 11.58 -2.18
C LYS A 31 6.41 11.88 -3.65
N LEU A 32 7.03 10.93 -4.33
CA LEU A 32 7.36 11.09 -5.74
C LEU A 32 6.18 10.72 -6.63
N LYS A 33 5.38 9.77 -6.17
CA LYS A 33 4.21 9.32 -6.92
C LYS A 33 3.12 10.38 -6.90
N GLN A 34 3.12 11.23 -5.87
CA GLN A 34 2.13 12.28 -5.74
C GLN A 34 1.99 13.06 -7.03
N SER A 35 3.09 13.18 -7.77
CA SER A 35 3.09 13.91 -9.03
C SER A 35 2.05 13.34 -9.98
N GLU A 36 1.95 12.02 -10.03
CA GLU A 36 0.99 11.35 -10.90
C GLU A 36 -0.42 11.41 -10.31
N GLN A 37 -0.52 11.15 -9.01
CA GLN A 37 -1.81 11.17 -8.33
C GLN A 37 -2.54 12.49 -8.59
N SER A 38 -1.82 13.59 -8.46
CA SER A 38 -2.39 14.92 -8.68
C SER A 38 -3.42 15.24 -7.60
N ASN A 39 -3.08 14.90 -6.36
CA ASN A 39 -3.97 15.16 -5.23
C ASN A 39 -3.36 16.16 -4.27
N PRO A 40 -4.22 16.92 -3.58
CA PRO A 40 -3.77 17.94 -2.61
C PRO A 40 -3.15 17.31 -1.37
N PRO A 41 -2.50 18.15 -0.55
CA PRO A 41 -1.84 17.71 0.69
C PRO A 41 -2.85 17.31 1.77
N PRO A 42 -2.36 16.65 2.82
CA PRO A 42 -3.20 16.21 3.94
C PRO A 42 -3.73 17.37 4.77
N ASN A 43 -5.03 17.36 5.05
CA ASN A 43 -5.66 18.41 5.83
C ASN A 43 -6.78 17.84 6.70
N PRO A 44 -6.40 17.17 7.79
CA PRO A 44 -7.35 16.56 8.73
C PRO A 44 -8.11 17.61 9.52
N GLU A 45 -9.39 17.78 9.20
CA GLU A 45 -10.23 18.76 9.89
C GLU A 45 -10.80 18.16 11.18
N GLY A 46 -9.92 17.66 12.03
CA GLY A 46 -10.36 17.07 13.28
C GLY A 46 -10.96 15.68 13.10
N THR A 47 -12.10 15.61 12.42
CA THR A 47 -12.76 14.34 12.17
C THR A 47 -11.80 13.32 11.57
N ARG A 48 -11.05 13.75 10.55
CA ARG A 48 -10.10 12.87 9.89
C ARG A 48 -9.16 12.23 10.90
N GLN A 49 -8.80 12.98 11.94
CA GLN A 49 -7.91 12.48 12.98
C GLN A 49 -8.68 11.67 14.01
N ALA A 50 -9.90 12.08 14.30
CA ALA A 50 -10.75 11.39 15.27
C ALA A 50 -10.83 9.91 14.95
N ARG A 51 -11.27 9.59 13.75
CA ARG A 51 -11.40 8.20 13.32
C ARG A 51 -10.03 7.57 13.09
N ARG A 52 -9.09 8.36 12.57
CA ARG A 52 -7.75 7.89 12.30
C ARG A 52 -7.13 7.24 13.54
N ASN A 53 -7.45 7.81 14.71
CA ASN A 53 -6.93 7.29 15.96
C ASN A 53 -7.19 5.79 16.08
N ARG A 54 -8.45 5.40 16.07
CA ARG A 54 -8.83 3.99 16.17
C ARG A 54 -8.49 3.25 14.89
N ARG A 55 -8.74 3.88 13.75
CA ARG A 55 -8.47 3.27 12.45
C ARG A 55 -7.01 2.80 12.37
N ARG A 56 -6.12 3.56 13.00
CA ARG A 56 -4.71 3.24 12.99
C ARG A 56 -4.48 1.80 13.45
N ARG A 57 -5.23 1.37 14.45
CA ARG A 57 -5.11 0.02 14.98
C ARG A 57 -5.50 -1.01 13.92
N TRP A 58 -6.41 -0.62 13.03
CA TRP A 58 -6.86 -1.52 11.98
C TRP A 58 -5.91 -1.49 10.79
N ARG A 59 -5.68 -0.30 10.24
CA ARG A 59 -4.77 -0.15 9.11
C ARG A 59 -3.43 -0.81 9.38
N GLU A 60 -3.03 -0.80 10.65
CA GLU A 60 -1.75 -1.39 11.04
C GLU A 60 -1.63 -2.82 10.51
N ARG A 61 -2.68 -3.62 10.71
CA ARG A 61 -2.69 -5.00 10.25
C ARG A 61 -3.25 -5.09 8.83
N GLN A 62 -4.28 -4.30 8.56
CA GLN A 62 -4.90 -4.30 7.24
C GLN A 62 -3.88 -4.03 6.14
N ARG A 63 -2.91 -3.17 6.45
CA ARG A 63 -1.87 -2.82 5.50
C ARG A 63 -1.23 -4.08 4.91
N GLN A 64 -1.10 -5.11 5.74
CA GLN A 64 -0.51 -6.38 5.30
C GLN A 64 -1.40 -7.07 4.29
N LYS A 65 -2.71 -6.96 4.48
CA LYS A 65 -3.68 -7.58 3.58
C LYS A 65 -3.58 -6.99 2.18
N GLU A 66 -3.30 -5.69 2.11
CA GLU A 66 -3.19 -4.99 0.84
C GLU A 66 -1.82 -5.25 0.20
N ASN A 67 -0.76 -4.93 0.95
CA ASN A 67 0.60 -5.13 0.46
C ASN A 67 0.79 -6.55 -0.07
N GLU A 68 0.16 -7.52 0.60
CA GLU A 68 0.27 -8.91 0.20
C GLU A 68 -0.07 -9.08 -1.29
N ILE A 69 -1.29 -8.70 -1.66
CA ILE A 69 -1.73 -8.81 -3.03
C ILE A 69 -1.03 -7.77 -3.92
N SER A 70 -0.74 -6.61 -3.35
CA SER A 70 -0.08 -5.54 -4.08
C SER A 70 1.27 -6.01 -4.63
N HIS A 71 2.02 -6.73 -3.79
CA HIS A 71 3.33 -7.24 -4.19
C HIS A 71 3.19 -8.34 -5.24
N HIS A 72 2.14 -9.15 -5.11
CA HIS A 72 1.90 -10.24 -6.05
C HIS A 72 1.88 -9.72 -7.49
N ALA A 73 1.13 -8.63 -7.71
CA ALA A 73 1.03 -8.05 -9.03
C ALA A 73 2.39 -7.58 -9.53
N LYS A 74 3.16 -6.95 -8.65
CA LYS A 74 4.48 -6.45 -9.01
C LYS A 74 5.39 -7.59 -9.46
N GLU A 75 5.23 -8.75 -8.85
CA GLU A 75 6.02 -9.92 -9.20
C GLU A 75 5.98 -10.18 -10.70
N ILE A 76 4.77 -10.15 -11.26
CA ILE A 76 4.59 -10.38 -12.69
C ILE A 76 5.03 -9.17 -13.51
N GLU A 77 4.23 -8.10 -13.45
CA GLU A 77 4.55 -6.88 -14.19
C GLU A 77 5.55 -6.02 -13.41
N ARG A 78 6.58 -5.55 -14.10
CA ARG A 78 7.60 -4.72 -13.48
C ARG A 78 7.14 -3.27 -13.37
N LEU A 79 7.91 -2.46 -12.67
CA LEU A 79 7.58 -1.05 -12.50
C LEU A 79 7.63 -0.30 -13.82
N GLN A 80 6.60 0.49 -14.08
CA GLN A 80 6.51 1.26 -15.31
C GLN A 80 5.45 2.35 -15.22
N LYS A 81 5.26 3.09 -16.30
CA LYS A 81 4.27 4.15 -16.34
C LYS A 81 2.96 3.67 -16.94
N GLU A 82 2.15 2.99 -16.13
CA GLU A 82 0.87 2.46 -16.59
C GLU A 82 -0.25 2.89 -15.64
N ILE A 83 -1.45 3.04 -16.19
CA ILE A 83 -2.61 3.44 -15.39
C ILE A 83 -3.69 2.37 -15.43
N GLU A 84 -4.18 1.98 -14.26
CA GLU A 84 -5.22 0.97 -14.16
C GLU A 84 -5.73 0.84 -12.72
N ARG A 85 -7.01 0.55 -12.58
CA ARG A 85 -7.63 0.41 -11.26
C ARG A 85 -8.55 -0.81 -11.22
N HIS A 86 -8.37 -1.64 -10.20
CA HIS A 86 -9.18 -2.84 -10.04
C HIS A 86 -8.94 -3.48 -8.68
N LYS A 87 -9.70 -4.53 -8.38
CA LYS A 87 -9.57 -5.24 -7.12
C LYS A 87 -10.37 -6.54 -7.12
N GLN A 88 -10.00 -7.47 -6.26
CA GLN A 88 -10.69 -8.75 -6.17
C GLN A 88 -11.27 -8.97 -4.78
N SER A 89 -12.14 -8.05 -4.36
CA SER A 89 -12.77 -8.14 -3.04
C SER A 89 -13.95 -9.09 -3.06
N ILE A 90 -14.66 -9.11 -4.19
CA ILE A 90 -15.83 -9.98 -4.34
C ILE A 90 -15.49 -11.42 -3.94
N LYS A 91 -14.27 -11.83 -4.21
CA LYS A 91 -13.82 -13.18 -3.87
C LYS A 91 -14.11 -13.50 -2.40
N LYS A 92 -14.04 -12.48 -1.56
CA LYS A 92 -14.31 -12.65 -0.13
C LYS A 92 -15.74 -13.11 0.11
N LEU A 93 -16.66 -12.62 -0.72
CA LEU A 93 -18.08 -12.97 -0.60
C LEU A 93 -18.39 -14.22 -1.41
N LYS A 94 -17.98 -14.22 -2.67
CA LYS A 94 -18.23 -15.36 -3.55
C LYS A 94 -17.71 -16.65 -2.92
N GLN A 95 -16.59 -16.55 -2.21
CA GLN A 95 -15.99 -17.71 -1.55
C GLN A 95 -17.03 -18.43 -0.69
N SER A 96 -17.87 -17.67 -0.02
CA SER A 96 -18.90 -18.25 0.84
C SER A 96 -20.25 -18.28 0.13
N GLU A 97 -20.29 -18.97 -1.00
CA GLU A 97 -21.53 -19.09 -1.77
C GLU A 97 -22.43 -20.18 -1.22
N CYS A 98 -23.24 -19.82 -0.22
CA CYS A 98 -24.15 -20.78 0.40
C CYS A 98 -25.21 -21.24 -0.59
N GLY A 1 5.30 -31.11 14.80
CA GLY A 1 6.33 -31.10 13.78
C GLY A 1 5.82 -31.60 12.44
N GLY A 2 5.98 -30.77 11.40
CA GLY A 2 5.52 -31.15 10.09
C GLY A 2 4.08 -30.75 9.83
N SER A 3 3.81 -29.45 9.87
CA SER A 3 2.46 -28.94 9.65
C SER A 3 2.45 -27.92 8.52
N LYS A 4 1.32 -27.24 8.36
CA LYS A 4 1.18 -26.24 7.31
C LYS A 4 1.92 -24.95 7.67
N GLU A 5 1.65 -24.43 8.86
CA GLU A 5 2.29 -23.21 9.32
C GLU A 5 3.80 -23.38 9.38
N ASN A 6 4.25 -24.60 9.68
CA ASN A 6 5.68 -24.90 9.76
C ASN A 6 6.40 -24.44 8.49
N GLU A 7 5.74 -24.59 7.35
CA GLU A 7 6.31 -24.19 6.08
C GLU A 7 6.14 -22.70 5.84
N ILE A 8 4.91 -22.22 6.01
CA ILE A 8 4.61 -20.79 5.82
C ILE A 8 5.56 -19.92 6.65
N SER A 9 5.84 -20.35 7.86
CA SER A 9 6.72 -19.61 8.76
C SER A 9 8.06 -19.33 8.09
N HIS A 10 8.52 -20.29 7.29
CA HIS A 10 9.79 -20.15 6.59
C HIS A 10 9.84 -18.83 5.82
N HIS A 11 8.86 -18.62 4.94
CA HIS A 11 8.79 -17.41 4.14
C HIS A 11 8.33 -16.22 5.00
N ALA A 12 7.30 -16.45 5.80
CA ALA A 12 6.76 -15.41 6.66
C ALA A 12 7.86 -14.75 7.50
N LYS A 13 8.85 -15.55 7.89
CA LYS A 13 9.96 -15.05 8.69
C LYS A 13 10.58 -13.82 8.04
N GLU A 14 10.62 -13.81 6.71
CA GLU A 14 11.19 -12.70 5.97
C GLU A 14 10.09 -11.72 5.52
N ILE A 15 9.01 -12.27 4.99
CA ILE A 15 7.90 -11.45 4.52
C ILE A 15 7.45 -10.47 5.59
N GLU A 16 7.56 -10.88 6.86
CA GLU A 16 7.16 -10.04 7.98
C GLU A 16 7.93 -8.72 7.96
N ARG A 17 9.25 -8.80 7.86
CA ARG A 17 10.10 -7.62 7.83
C ARG A 17 9.80 -6.77 6.61
N LEU A 18 9.24 -7.40 5.58
CA LEU A 18 8.90 -6.70 4.35
C LEU A 18 7.58 -5.96 4.47
N GLN A 19 6.54 -6.70 4.87
CA GLN A 19 5.21 -6.12 5.03
C GLN A 19 5.24 -4.97 6.04
N LYS A 20 6.22 -5.00 6.94
CA LYS A 20 6.36 -3.97 7.96
C LYS A 20 7.25 -2.83 7.46
N GLU A 21 8.20 -3.17 6.60
CA GLU A 21 9.12 -2.18 6.04
C GLU A 21 8.43 -1.35 4.96
N ILE A 22 7.60 -2.01 4.17
CA ILE A 22 6.88 -1.34 3.09
C ILE A 22 6.17 -0.08 3.61
N GLU A 23 5.72 -0.13 4.86
CA GLU A 23 5.03 0.99 5.47
C GLU A 23 5.89 2.26 5.40
N ARG A 24 7.19 2.09 5.52
CA ARG A 24 8.12 3.21 5.47
C ARG A 24 8.43 3.59 4.03
N HIS A 25 8.94 2.63 3.26
CA HIS A 25 9.28 2.87 1.86
C HIS A 25 8.12 3.51 1.12
N LYS A 26 6.93 2.92 1.28
CA LYS A 26 5.73 3.43 0.62
C LYS A 26 5.55 4.92 0.90
N GLN A 27 5.71 5.31 2.16
CA GLN A 27 5.57 6.70 2.55
C GLN A 27 6.71 7.55 1.99
N SER A 28 7.83 6.91 1.70
CA SER A 28 8.99 7.60 1.15
C SER A 28 8.85 7.80 -0.35
N ILE A 29 8.22 6.84 -1.01
CA ILE A 29 8.01 6.91 -2.45
C ILE A 29 6.77 7.71 -2.79
N LYS A 30 5.75 7.62 -1.94
CA LYS A 30 4.51 8.34 -2.15
C LYS A 30 4.77 9.82 -2.42
N LYS A 31 5.84 10.34 -1.84
CA LYS A 31 6.22 11.74 -2.02
C LYS A 31 6.24 12.11 -3.51
N LEU A 32 6.83 11.23 -4.31
CA LEU A 32 6.92 11.44 -5.75
C LEU A 32 5.65 11.00 -6.46
N LYS A 33 5.04 9.93 -5.96
CA LYS A 33 3.82 9.40 -6.53
C LYS A 33 2.70 10.44 -6.50
N GLN A 34 2.70 11.26 -5.46
CA GLN A 34 1.69 12.30 -5.31
C GLN A 34 1.56 13.13 -6.58
N SER A 35 2.68 13.28 -7.29
CA SER A 35 2.69 14.05 -8.52
C SER A 35 1.59 13.58 -9.48
N GLU A 36 1.34 12.27 -9.47
CA GLU A 36 0.31 11.69 -10.33
C GLU A 36 -1.06 11.77 -9.67
N GLN A 37 -1.08 11.61 -8.36
CA GLN A 37 -2.33 11.65 -7.60
C GLN A 37 -3.12 12.91 -7.93
N SER A 38 -2.41 14.01 -8.16
CA SER A 38 -3.05 15.28 -8.49
C SER A 38 -3.99 15.71 -7.37
N ASN A 39 -3.65 15.35 -6.14
CA ASN A 39 -4.47 15.70 -4.98
C ASN A 39 -4.50 17.21 -4.78
N PRO A 40 -5.69 17.74 -4.42
CA PRO A 40 -5.88 19.17 -4.18
C PRO A 40 -5.17 19.65 -2.92
N PRO A 41 -5.07 20.98 -2.76
CA PRO A 41 -4.41 21.59 -1.60
C PRO A 41 -5.20 21.39 -0.31
N PRO A 42 -4.57 21.70 0.83
CA PRO A 42 -5.19 21.56 2.14
C PRO A 42 -6.29 22.60 2.38
N ASN A 43 -7.38 22.16 3.00
CA ASN A 43 -8.50 23.05 3.29
C ASN A 43 -9.11 22.75 4.66
N PRO A 44 -9.81 23.75 5.22
CA PRO A 44 -10.46 23.61 6.53
C PRO A 44 -11.64 22.65 6.49
N GLU A 45 -11.42 21.43 6.97
CA GLU A 45 -12.47 20.42 7.01
C GLU A 45 -12.57 19.77 8.38
N GLY A 46 -13.39 20.35 9.25
CA GLY A 46 -13.57 19.81 10.59
C GLY A 46 -14.70 18.83 10.68
N THR A 47 -14.79 17.93 9.69
CA THR A 47 -15.85 16.93 9.67
C THR A 47 -15.29 15.54 9.40
N ARG A 48 -14.84 15.30 8.18
CA ARG A 48 -14.27 14.01 7.81
C ARG A 48 -13.06 13.68 8.66
N GLN A 49 -12.28 14.71 9.00
CA GLN A 49 -11.08 14.52 9.82
C GLN A 49 -11.43 13.84 11.14
N ALA A 50 -12.59 14.18 11.69
CA ALA A 50 -13.03 13.59 12.95
C ALA A 50 -12.97 12.07 12.90
N ARG A 51 -13.64 11.48 11.92
CA ARG A 51 -13.66 10.03 11.76
C ARG A 51 -12.35 9.53 11.17
N ARG A 52 -11.77 10.32 10.26
CA ARG A 52 -10.51 9.95 9.62
C ARG A 52 -9.46 9.60 10.66
N ASN A 53 -9.48 10.31 11.79
CA ASN A 53 -8.52 10.06 12.87
C ASN A 53 -8.49 8.59 13.25
N ARG A 54 -9.66 7.96 13.25
CA ARG A 54 -9.76 6.54 13.59
C ARG A 54 -9.44 5.67 12.38
N ARG A 55 -9.85 6.11 11.20
CA ARG A 55 -9.60 5.36 9.98
C ARG A 55 -8.12 5.04 9.82
N ARG A 56 -7.27 5.97 10.24
CA ARG A 56 -5.83 5.79 10.16
C ARG A 56 -5.41 4.46 10.78
N ARG A 57 -6.00 4.14 11.92
CA ARG A 57 -5.69 2.90 12.62
C ARG A 57 -6.02 1.68 11.76
N TRP A 58 -7.05 1.82 10.93
CA TRP A 58 -7.47 0.73 10.04
C TRP A 58 -6.64 0.71 8.77
N ARG A 59 -6.66 1.82 8.03
CA ARG A 59 -5.89 1.93 6.79
C ARG A 59 -4.44 1.56 7.02
N GLU A 60 -3.93 1.87 8.20
CA GLU A 60 -2.54 1.56 8.54
C GLU A 60 -2.28 0.06 8.49
N ARG A 61 -3.28 -0.72 8.89
CA ARG A 61 -3.15 -2.18 8.88
C ARG A 61 -3.60 -2.76 7.55
N GLN A 62 -4.62 -2.15 6.95
CA GLN A 62 -5.14 -2.59 5.67
C GLN A 62 -4.05 -2.60 4.61
N ARG A 63 -3.15 -1.63 4.69
CA ARG A 63 -2.05 -1.52 3.73
C ARG A 63 -1.30 -2.83 3.60
N GLN A 64 -1.15 -3.53 4.72
CA GLN A 64 -0.45 -4.81 4.73
C GLN A 64 -1.20 -5.84 3.90
N LYS A 65 -2.52 -5.77 3.92
CA LYS A 65 -3.36 -6.70 3.16
C LYS A 65 -3.17 -6.49 1.66
N GLU A 66 -2.99 -5.24 1.26
CA GLU A 66 -2.82 -4.90 -0.14
C GLU A 66 -1.36 -5.12 -0.57
N ASN A 67 -0.43 -4.81 0.34
CA ASN A 67 0.98 -4.97 0.05
C ASN A 67 1.28 -6.38 -0.48
N GLU A 68 0.57 -7.36 0.06
CA GLU A 68 0.76 -8.75 -0.37
C GLU A 68 0.60 -8.89 -1.88
N ILE A 69 -0.58 -8.54 -2.38
CA ILE A 69 -0.87 -8.62 -3.80
C ILE A 69 -0.05 -7.60 -4.59
N SER A 70 0.18 -6.44 -3.97
CA SER A 70 0.94 -5.37 -4.61
C SER A 70 2.29 -5.89 -5.10
N HIS A 71 2.89 -6.80 -4.33
CA HIS A 71 4.18 -7.37 -4.68
C HIS A 71 4.17 -7.91 -6.11
N HIS A 72 3.03 -8.45 -6.53
CA HIS A 72 2.89 -9.00 -7.87
C HIS A 72 2.73 -7.88 -8.90
N ALA A 73 2.04 -6.82 -8.50
CA ALA A 73 1.81 -5.69 -9.39
C ALA A 73 3.10 -4.91 -9.62
N LYS A 74 3.74 -4.48 -8.54
CA LYS A 74 4.98 -3.73 -8.63
C LYS A 74 5.99 -4.45 -9.50
N GLU A 75 5.98 -5.79 -9.43
CA GLU A 75 6.90 -6.60 -10.22
C GLU A 75 6.86 -6.20 -11.70
N ILE A 76 5.67 -5.84 -12.17
CA ILE A 76 5.50 -5.43 -13.56
C ILE A 76 5.00 -3.99 -13.65
N GLU A 77 5.75 -3.17 -14.37
CA GLU A 77 5.39 -1.76 -14.54
C GLU A 77 6.39 -1.05 -15.45
N ARG A 78 6.04 0.17 -15.85
CA ARG A 78 6.90 0.96 -16.72
C ARG A 78 7.30 2.27 -16.05
N LEU A 79 8.59 2.49 -15.88
CA LEU A 79 9.10 3.70 -15.26
C LEU A 79 9.75 4.62 -16.28
N GLN A 80 10.06 5.84 -15.86
CA GLN A 80 10.68 6.82 -16.75
C GLN A 80 11.39 7.90 -15.96
N LYS A 81 12.73 7.87 -16.00
CA LYS A 81 13.54 8.86 -15.28
C LYS A 81 14.23 9.80 -16.25
N GLU A 82 14.99 10.74 -15.70
CA GLU A 82 15.70 11.72 -16.52
C GLU A 82 16.78 11.02 -17.37
N ILE A 83 17.57 11.82 -18.08
CA ILE A 83 18.63 11.28 -18.93
C ILE A 83 19.99 11.45 -18.28
N GLU A 84 20.45 12.69 -18.20
CA GLU A 84 21.74 12.99 -17.60
C GLU A 84 21.75 14.38 -16.97
N ARG A 85 22.91 14.80 -16.47
CA ARG A 85 23.05 16.11 -15.85
C ARG A 85 24.51 16.41 -15.51
N HIS A 86 24.85 17.69 -15.50
CA HIS A 86 26.22 18.10 -15.19
C HIS A 86 26.23 19.15 -14.09
N LYS A 87 27.42 19.46 -13.59
CA LYS A 87 27.57 20.44 -12.52
C LYS A 87 28.97 21.04 -12.52
N GLN A 88 29.19 22.06 -11.71
CA GLN A 88 30.49 22.72 -11.62
C GLN A 88 30.89 22.94 -10.17
N SER A 89 31.29 21.85 -9.50
CA SER A 89 31.69 21.93 -8.11
C SER A 89 33.14 22.38 -7.98
N ILE A 90 33.97 21.96 -8.94
CA ILE A 90 35.38 22.33 -8.94
C ILE A 90 35.56 23.84 -8.78
N LYS A 91 34.63 24.60 -9.35
CA LYS A 91 34.68 26.05 -9.27
C LYS A 91 34.84 26.51 -7.81
N LYS A 92 34.25 25.76 -6.89
CA LYS A 92 34.33 26.08 -5.47
C LYS A 92 35.77 26.02 -4.98
N LEU A 93 36.55 25.11 -5.55
CA LEU A 93 37.95 24.96 -5.16
C LEU A 93 38.84 25.87 -5.99
N LYS A 94 38.66 25.84 -7.31
CA LYS A 94 39.44 26.66 -8.21
C LYS A 94 39.39 28.13 -7.79
N GLN A 95 38.21 28.61 -7.47
CA GLN A 95 38.04 30.00 -7.04
C GLN A 95 38.86 30.29 -5.79
N SER A 96 38.96 29.30 -4.91
CA SER A 96 39.72 29.45 -3.67
C SER A 96 41.11 28.85 -3.81
N GLU A 97 41.79 29.19 -4.90
CA GLU A 97 43.15 28.69 -5.15
C GLU A 97 44.18 29.80 -5.01
N CYS A 98 44.15 30.49 -3.87
CA CYS A 98 45.09 31.57 -3.62
C CYS A 98 45.90 31.32 -2.35
N GLY A 1 10.62 -26.33 8.67
CA GLY A 1 11.20 -27.65 8.44
C GLY A 1 10.30 -28.76 8.93
N GLY A 2 9.11 -28.88 8.34
CA GLY A 2 8.18 -29.92 8.73
C GLY A 2 6.85 -29.80 8.02
N SER A 3 5.79 -29.53 8.80
CA SER A 3 4.45 -29.40 8.23
C SER A 3 4.26 -28.02 7.61
N LYS A 4 3.06 -27.77 7.12
CA LYS A 4 2.75 -26.49 6.48
C LYS A 4 3.00 -25.33 7.44
N GLU A 5 2.48 -25.45 8.66
CA GLU A 5 2.66 -24.41 9.66
C GLU A 5 4.14 -24.06 9.82
N ASN A 6 5.00 -25.06 9.71
CA ASN A 6 6.44 -24.86 9.84
C ASN A 6 7.02 -24.22 8.58
N GLU A 7 6.56 -24.69 7.42
CA GLU A 7 7.03 -24.16 6.15
C GLU A 7 6.67 -22.69 6.00
N ILE A 8 5.40 -22.37 6.22
CA ILE A 8 4.92 -20.99 6.11
C ILE A 8 5.74 -20.06 6.99
N SER A 9 6.11 -20.54 8.17
CA SER A 9 6.89 -19.76 9.12
C SER A 9 8.19 -19.28 8.47
N HIS A 10 8.77 -20.13 7.64
CA HIS A 10 10.02 -19.78 6.95
C HIS A 10 9.86 -18.52 6.12
N HIS A 11 8.92 -18.56 5.18
CA HIS A 11 8.66 -17.41 4.31
C HIS A 11 8.16 -16.22 5.12
N ALA A 12 7.31 -16.49 6.10
CA ALA A 12 6.76 -15.44 6.94
C ALA A 12 7.86 -14.74 7.74
N LYS A 13 8.89 -15.50 8.11
CA LYS A 13 10.01 -14.95 8.88
C LYS A 13 10.61 -13.75 8.15
N GLU A 14 10.64 -13.80 6.83
CA GLU A 14 11.20 -12.73 6.03
C GLU A 14 10.09 -11.79 5.52
N ILE A 15 8.97 -12.38 5.13
CA ILE A 15 7.83 -11.60 4.64
C ILE A 15 7.36 -10.60 5.68
N GLU A 16 7.47 -10.97 6.96
CA GLU A 16 7.05 -10.10 8.05
C GLU A 16 7.76 -8.75 7.97
N ARG A 17 9.09 -8.78 7.88
CA ARG A 17 9.87 -7.55 7.80
C ARG A 17 9.49 -6.75 6.55
N LEU A 18 8.95 -7.43 5.55
CA LEU A 18 8.54 -6.78 4.31
C LEU A 18 7.17 -6.12 4.47
N GLN A 19 6.20 -6.90 4.92
CA GLN A 19 4.84 -6.39 5.11
C GLN A 19 4.84 -5.18 6.05
N LYS A 20 5.84 -5.12 6.92
CA LYS A 20 5.96 -4.02 7.87
C LYS A 20 6.77 -2.87 7.27
N GLU A 21 7.74 -3.20 6.43
CA GLU A 21 8.58 -2.20 5.80
C GLU A 21 7.82 -1.47 4.70
N ILE A 22 7.00 -2.20 3.96
CA ILE A 22 6.22 -1.62 2.88
C ILE A 22 5.48 -0.36 3.35
N GLU A 23 5.07 -0.37 4.61
CA GLU A 23 4.34 0.77 5.18
C GLU A 23 5.18 2.04 5.07
N ARG A 24 6.46 1.95 5.43
CA ARG A 24 7.35 3.09 5.37
C ARG A 24 7.81 3.35 3.93
N HIS A 25 8.19 2.28 3.25
CA HIS A 25 8.65 2.40 1.86
C HIS A 25 7.60 3.08 0.99
N LYS A 26 6.39 2.53 0.99
CA LYS A 26 5.29 3.10 0.20
C LYS A 26 5.10 4.57 0.51
N GLN A 27 5.16 4.93 1.79
CA GLN A 27 5.00 6.31 2.21
C GLN A 27 6.23 7.14 1.81
N SER A 28 7.36 6.47 1.64
CA SER A 28 8.59 7.15 1.26
C SER A 28 8.64 7.39 -0.25
N ILE A 29 8.07 6.47 -1.00
CA ILE A 29 8.05 6.58 -2.46
C ILE A 29 6.88 7.45 -2.93
N LYS A 30 5.77 7.37 -2.21
CA LYS A 30 4.59 8.16 -2.55
C LYS A 30 4.95 9.63 -2.73
N LYS A 31 5.96 10.09 -2.00
CA LYS A 31 6.40 11.47 -2.08
C LYS A 31 6.64 11.88 -3.53
N LEU A 32 7.27 11.00 -4.29
CA LEU A 32 7.57 11.27 -5.70
C LEU A 32 6.37 10.90 -6.58
N LYS A 33 5.66 9.85 -6.19
CA LYS A 33 4.50 9.39 -6.94
C LYS A 33 3.42 10.49 -6.99
N GLN A 34 3.33 11.26 -5.92
CA GLN A 34 2.34 12.33 -5.84
C GLN A 34 2.41 13.21 -7.08
N SER A 35 3.60 13.35 -7.65
CA SER A 35 3.80 14.17 -8.84
C SER A 35 2.80 13.80 -9.92
N GLU A 36 2.62 12.50 -10.14
CA GLU A 36 1.69 12.02 -11.16
C GLU A 36 0.29 11.88 -10.58
N GLN A 37 0.19 11.28 -9.39
CA GLN A 37 -1.09 11.08 -8.73
C GLN A 37 -1.87 12.39 -8.66
N SER A 38 -1.16 13.49 -8.50
CA SER A 38 -1.79 14.81 -8.42
C SER A 38 -2.69 14.90 -7.18
N ASN A 39 -2.06 14.85 -6.00
CA ASN A 39 -2.80 14.92 -4.74
C ASN A 39 -2.50 16.24 -4.03
N PRO A 40 -3.56 16.86 -3.47
CA PRO A 40 -3.45 18.13 -2.75
C PRO A 40 -2.71 17.98 -1.42
N PRO A 41 -2.34 19.12 -0.83
CA PRO A 41 -1.63 19.14 0.46
C PRO A 41 -2.50 18.69 1.62
N PRO A 42 -1.87 18.43 2.78
CA PRO A 42 -2.57 17.99 3.99
C PRO A 42 -3.43 19.10 4.59
N ASN A 43 -4.62 18.74 5.05
CA ASN A 43 -5.53 19.70 5.65
C ASN A 43 -6.19 19.12 6.90
N PRO A 44 -5.39 18.91 7.95
CA PRO A 44 -5.88 18.36 9.22
C PRO A 44 -6.77 19.34 9.97
N GLU A 45 -8.07 19.04 10.00
CA GLU A 45 -9.03 19.89 10.69
C GLU A 45 -9.34 19.35 12.08
N GLY A 46 -8.33 18.77 12.73
CA GLY A 46 -8.52 18.22 14.06
C GLY A 46 -9.50 17.08 14.08
N THR A 47 -10.76 17.38 14.35
CA THR A 47 -11.81 16.36 14.40
C THR A 47 -11.81 15.51 13.14
N ARG A 48 -11.79 16.18 11.98
CA ARG A 48 -11.79 15.49 10.70
C ARG A 48 -10.68 14.44 10.65
N GLN A 49 -9.54 14.77 11.23
CA GLN A 49 -8.40 13.86 11.26
C GLN A 49 -8.67 12.65 12.14
N ALA A 50 -9.40 12.89 13.24
CA ALA A 50 -9.75 11.82 14.16
C ALA A 50 -10.36 10.63 13.44
N ARG A 51 -11.13 10.91 12.40
CA ARG A 51 -11.78 9.86 11.63
C ARG A 51 -10.75 8.88 11.09
N ARG A 52 -9.69 9.39 10.48
CA ARG A 52 -8.63 8.56 9.92
C ARG A 52 -7.71 8.05 11.02
N ASN A 53 -7.50 8.87 12.04
CA ASN A 53 -6.63 8.51 13.15
C ASN A 53 -7.01 7.14 13.72
N ARG A 54 -8.32 6.87 13.72
CA ARG A 54 -8.82 5.59 14.24
C ARG A 54 -8.68 4.49 13.18
N ARG A 55 -9.24 4.73 12.00
CA ARG A 55 -9.19 3.77 10.92
C ARG A 55 -7.75 3.31 10.67
N ARG A 56 -6.81 4.22 10.87
CA ARG A 56 -5.39 3.91 10.66
C ARG A 56 -4.99 2.65 11.42
N ARG A 57 -5.48 2.52 12.64
CA ARG A 57 -5.18 1.36 13.47
C ARG A 57 -5.68 0.07 12.81
N TRP A 58 -6.76 0.19 12.04
CA TRP A 58 -7.33 -0.97 11.36
C TRP A 58 -6.54 -1.29 10.09
N ARG A 59 -6.47 -0.32 9.18
CA ARG A 59 -5.75 -0.51 7.93
C ARG A 59 -4.28 -0.84 8.19
N GLU A 60 -3.77 -0.37 9.32
CA GLU A 60 -2.38 -0.61 9.68
C GLU A 60 -2.05 -2.10 9.60
N ARG A 61 -2.93 -2.93 10.15
CA ARG A 61 -2.72 -4.38 10.13
C ARG A 61 -3.36 -5.00 8.90
N GLN A 62 -4.59 -4.62 8.61
CA GLN A 62 -5.31 -5.14 7.45
C GLN A 62 -4.47 -5.00 6.19
N ARG A 63 -3.70 -3.92 6.11
CA ARG A 63 -2.86 -3.67 4.95
C ARG A 63 -1.99 -4.89 4.65
N GLN A 64 -1.38 -5.46 5.68
CA GLN A 64 -0.52 -6.63 5.52
C GLN A 64 -1.24 -7.72 4.74
N LYS A 65 -2.54 -7.83 4.95
CA LYS A 65 -3.34 -8.84 4.27
C LYS A 65 -3.41 -8.56 2.76
N GLU A 66 -3.44 -7.29 2.42
CA GLU A 66 -3.50 -6.88 1.01
C GLU A 66 -2.12 -6.93 0.37
N ASN A 67 -1.15 -6.30 1.02
CA ASN A 67 0.21 -6.28 0.51
C ASN A 67 0.70 -7.68 0.18
N GLU A 68 0.29 -8.65 0.99
CA GLU A 68 0.67 -10.04 0.78
C GLU A 68 0.34 -10.50 -0.64
N ILE A 69 -0.94 -10.43 -0.99
CA ILE A 69 -1.39 -10.84 -2.32
C ILE A 69 -0.93 -9.84 -3.38
N SER A 70 -0.87 -8.57 -3.00
CA SER A 70 -0.46 -7.52 -3.92
C SER A 70 0.96 -7.77 -4.42
N HIS A 71 1.81 -8.27 -3.54
CA HIS A 71 3.20 -8.56 -3.90
C HIS A 71 3.27 -9.43 -5.15
N HIS A 72 2.35 -10.38 -5.25
CA HIS A 72 2.31 -11.28 -6.40
C HIS A 72 1.90 -10.53 -7.66
N ALA A 73 1.01 -9.55 -7.51
CA ALA A 73 0.55 -8.76 -8.64
C ALA A 73 1.60 -7.75 -9.08
N LYS A 74 2.34 -7.21 -8.11
CA LYS A 74 3.38 -6.23 -8.39
C LYS A 74 4.58 -6.90 -9.04
N GLU A 75 5.08 -7.96 -8.40
CA GLU A 75 6.23 -8.68 -8.92
C GLU A 75 6.03 -9.07 -10.37
N ILE A 76 4.79 -9.41 -10.72
CA ILE A 76 4.45 -9.80 -12.09
C ILE A 76 2.96 -9.65 -12.35
N GLU A 77 2.61 -9.29 -13.58
CA GLU A 77 1.21 -9.12 -13.96
C GLU A 77 1.09 -8.84 -15.45
N ARG A 78 -0.04 -9.23 -16.04
CA ARG A 78 -0.28 -9.03 -17.46
C ARG A 78 -1.17 -7.79 -17.68
N LEU A 79 -2.45 -7.93 -17.36
CA LEU A 79 -3.40 -6.84 -17.52
C LEU A 79 -4.17 -6.58 -16.23
N GLN A 80 -4.44 -5.32 -15.95
CA GLN A 80 -5.16 -4.93 -14.74
C GLN A 80 -5.53 -3.45 -14.78
N LYS A 81 -6.59 -3.10 -14.05
CA LYS A 81 -7.05 -1.72 -13.99
C LYS A 81 -7.97 -1.49 -12.79
N GLU A 82 -7.75 -0.39 -12.09
CA GLU A 82 -8.55 -0.07 -10.91
C GLU A 82 -8.54 1.44 -10.64
N ILE A 83 -9.60 1.93 -10.01
CA ILE A 83 -9.71 3.35 -9.70
C ILE A 83 -10.83 3.60 -8.69
N GLU A 84 -10.54 4.45 -7.70
CA GLU A 84 -11.52 4.78 -6.67
C GLU A 84 -10.99 5.87 -5.75
N ARG A 85 -11.91 6.56 -5.07
CA ARG A 85 -11.53 7.63 -4.15
C ARG A 85 -12.64 7.88 -3.14
N HIS A 86 -12.29 8.54 -2.04
CA HIS A 86 -13.25 8.85 -0.99
C HIS A 86 -13.22 10.33 -0.64
N LYS A 87 -13.50 11.17 -1.63
CA LYS A 87 -13.51 12.62 -1.43
C LYS A 87 -14.58 13.28 -2.30
N GLN A 88 -15.33 14.19 -1.70
CA GLN A 88 -16.39 14.90 -2.41
C GLN A 88 -16.56 16.31 -1.89
N SER A 89 -17.31 17.13 -2.62
CA SER A 89 -17.53 18.51 -2.22
C SER A 89 -18.67 18.60 -1.21
N ILE A 90 -19.67 17.73 -1.35
CA ILE A 90 -20.81 17.71 -0.46
C ILE A 90 -20.42 17.19 0.92
N LYS A 91 -19.71 16.07 0.93
CA LYS A 91 -19.26 15.46 2.18
C LYS A 91 -18.23 16.34 2.87
N LYS A 92 -17.42 17.03 2.09
CA LYS A 92 -16.39 17.92 2.63
C LYS A 92 -17.01 19.22 3.12
N LEU A 93 -18.05 19.66 2.44
CA LEU A 93 -18.73 20.91 2.80
C LEU A 93 -19.66 20.69 4.00
N LYS A 94 -20.60 19.77 3.84
CA LYS A 94 -21.56 19.46 4.89
C LYS A 94 -20.84 19.18 6.21
N GLN A 95 -19.67 18.54 6.11
CA GLN A 95 -18.88 18.20 7.29
C GLN A 95 -18.39 19.47 7.99
N SER A 96 -18.06 20.49 7.20
CA SER A 96 -17.56 21.74 7.74
C SER A 96 -18.59 22.85 7.55
N GLU A 97 -19.84 22.57 7.90
CA GLU A 97 -20.91 23.54 7.77
C GLU A 97 -21.27 24.16 9.12
N CYS A 98 -20.26 24.72 9.77
CA CYS A 98 -20.46 25.36 11.07
C CYS A 98 -20.73 26.85 10.92
N GLY A 1 10.84 -33.51 5.92
CA GLY A 1 10.01 -32.42 6.41
C GLY A 1 9.07 -32.86 7.51
N GLY A 2 8.08 -32.01 7.83
CA GLY A 2 7.13 -32.33 8.86
C GLY A 2 5.71 -31.92 8.49
N SER A 3 5.41 -30.64 8.67
CA SER A 3 4.09 -30.12 8.35
C SER A 3 4.18 -28.94 7.39
N LYS A 4 3.03 -28.51 6.88
CA LYS A 4 2.99 -27.39 5.94
C LYS A 4 3.08 -26.06 6.69
N GLU A 5 2.43 -25.98 7.84
CA GLU A 5 2.45 -24.77 8.65
C GLU A 5 3.89 -24.34 8.96
N ASN A 6 4.77 -25.32 9.11
CA ASN A 6 6.17 -25.06 9.41
C ASN A 6 6.80 -24.20 8.32
N GLU A 7 6.46 -24.50 7.07
CA GLU A 7 6.99 -23.74 5.94
C GLU A 7 6.39 -22.35 5.87
N ILE A 8 5.08 -22.27 6.09
CA ILE A 8 4.38 -20.99 6.06
C ILE A 8 4.97 -20.01 7.07
N SER A 9 5.29 -20.51 8.26
CA SER A 9 5.86 -19.69 9.31
C SER A 9 7.25 -19.18 8.92
N HIS A 10 8.01 -20.01 8.23
CA HIS A 10 9.35 -19.65 7.78
C HIS A 10 9.31 -18.43 6.88
N HIS A 11 8.34 -18.41 5.96
CA HIS A 11 8.18 -17.30 5.03
C HIS A 11 7.72 -16.04 5.76
N ALA A 12 6.77 -16.21 6.67
CA ALA A 12 6.24 -15.09 7.44
C ALA A 12 7.32 -14.44 8.29
N LYS A 13 8.26 -15.25 8.76
CA LYS A 13 9.36 -14.76 9.58
C LYS A 13 10.11 -13.62 8.88
N GLU A 14 10.21 -13.73 7.57
CA GLU A 14 10.90 -12.70 6.78
C GLU A 14 9.90 -11.72 6.17
N ILE A 15 8.77 -12.25 5.70
CA ILE A 15 7.74 -11.42 5.10
C ILE A 15 7.26 -10.35 6.07
N GLU A 16 7.26 -10.68 7.36
CA GLU A 16 6.81 -9.75 8.38
C GLU A 16 7.61 -8.46 8.32
N ARG A 17 8.93 -8.57 8.35
CA ARG A 17 9.81 -7.41 8.30
C ARG A 17 9.58 -6.61 7.01
N LEU A 18 9.05 -7.29 6.00
CA LEU A 18 8.79 -6.65 4.71
C LEU A 18 7.46 -5.90 4.74
N GLN A 19 6.39 -6.62 5.10
CA GLN A 19 5.07 -6.02 5.16
C GLN A 19 5.05 -4.83 6.12
N LYS A 20 5.98 -4.84 7.07
CA LYS A 20 6.07 -3.76 8.06
C LYS A 20 6.99 -2.64 7.55
N GLU A 21 7.99 -3.02 6.76
CA GLU A 21 8.93 -2.06 6.22
C GLU A 21 8.31 -1.28 5.06
N ILE A 22 7.50 -1.97 4.26
CA ILE A 22 6.84 -1.34 3.11
C ILE A 22 6.15 -0.04 3.52
N GLU A 23 5.64 -0.02 4.76
CA GLU A 23 4.95 1.16 5.27
C GLU A 23 5.83 2.40 5.17
N ARG A 24 7.13 2.22 5.41
CA ARG A 24 8.09 3.32 5.34
C ARG A 24 8.47 3.61 3.90
N HIS A 25 8.98 2.60 3.21
CA HIS A 25 9.39 2.75 1.82
C HIS A 25 8.28 3.38 0.98
N LYS A 26 7.08 2.80 1.07
CA LYS A 26 5.93 3.29 0.33
C LYS A 26 5.75 4.79 0.55
N GLN A 27 5.91 5.23 1.80
CA GLN A 27 5.77 6.64 2.13
C GLN A 27 6.91 7.45 1.56
N SER A 28 8.10 6.86 1.53
CA SER A 28 9.28 7.54 1.02
C SER A 28 9.20 7.68 -0.50
N ILE A 29 8.61 6.70 -1.16
CA ILE A 29 8.47 6.72 -2.61
C ILE A 29 7.22 7.50 -3.03
N LYS A 30 6.19 7.43 -2.21
CA LYS A 30 4.94 8.14 -2.49
C LYS A 30 5.21 9.60 -2.82
N LYS A 31 6.23 10.17 -2.18
CA LYS A 31 6.58 11.57 -2.41
C LYS A 31 6.72 11.86 -3.90
N LEU A 32 7.35 10.94 -4.62
CA LEU A 32 7.55 11.09 -6.06
C LEU A 32 6.33 10.61 -6.83
N LYS A 33 5.69 9.56 -6.32
CA LYS A 33 4.51 8.99 -6.96
C LYS A 33 3.39 10.03 -7.03
N GLN A 34 3.31 10.89 -6.02
CA GLN A 34 2.29 11.92 -5.97
C GLN A 34 2.24 12.70 -7.28
N SER A 35 3.40 12.84 -7.92
CA SER A 35 3.50 13.57 -9.18
C SER A 35 2.51 13.02 -10.21
N GLU A 36 2.32 11.70 -10.18
CA GLU A 36 1.40 11.05 -11.11
C GLU A 36 -0.03 11.14 -10.60
N GLN A 37 -0.20 11.06 -9.29
CA GLN A 37 -1.53 11.12 -8.68
C GLN A 37 -2.30 12.35 -9.18
N SER A 38 -1.67 13.52 -9.09
CA SER A 38 -2.29 14.75 -9.52
C SER A 38 -3.52 15.08 -8.68
N ASN A 39 -3.50 14.61 -7.43
CA ASN A 39 -4.61 14.85 -6.51
C ASN A 39 -4.62 16.30 -6.01
N PRO A 40 -5.81 16.83 -5.75
CA PRO A 40 -5.97 18.21 -5.28
C PRO A 40 -5.48 18.38 -3.83
N PRO A 41 -5.35 19.64 -3.41
CA PRO A 41 -4.89 19.97 -2.05
C PRO A 41 -5.91 19.61 -0.99
N PRO A 42 -5.49 19.63 0.28
CA PRO A 42 -6.35 19.32 1.42
C PRO A 42 -7.42 20.38 1.65
N ASN A 43 -8.62 19.94 2.00
CA ASN A 43 -9.72 20.85 2.25
C ASN A 43 -10.60 20.36 3.40
N PRO A 44 -11.34 21.27 4.03
CA PRO A 44 -12.23 20.95 5.15
C PRO A 44 -13.43 20.13 4.72
N GLU A 45 -13.37 18.83 4.98
CA GLU A 45 -14.46 17.92 4.62
C GLU A 45 -14.80 16.99 5.78
N GLY A 46 -15.89 17.30 6.47
CA GLY A 46 -16.31 16.48 7.59
C GLY A 46 -15.20 16.29 8.62
N THR A 47 -14.56 15.13 8.59
CA THR A 47 -13.49 14.82 9.52
C THR A 47 -12.95 13.41 9.30
N ARG A 48 -11.64 13.26 9.38
CA ARG A 48 -11.00 11.96 9.18
C ARG A 48 -11.12 11.11 10.45
N GLN A 49 -10.78 11.71 11.59
CA GLN A 49 -10.84 11.00 12.86
C GLN A 49 -12.21 10.35 13.06
N ALA A 50 -13.25 10.99 12.53
CA ALA A 50 -14.60 10.46 12.64
C ALA A 50 -14.66 9.00 12.20
N ARG A 51 -14.23 8.73 10.98
CA ARG A 51 -14.23 7.37 10.45
C ARG A 51 -13.00 6.59 10.93
N ARG A 52 -11.89 7.30 11.05
CA ARG A 52 -10.64 6.68 11.50
C ARG A 52 -10.86 5.86 12.77
N ASN A 53 -11.80 6.30 13.59
CA ASN A 53 -12.11 5.62 14.84
C ASN A 53 -12.33 4.12 14.60
N ARG A 54 -13.28 3.81 13.73
CA ARG A 54 -13.58 2.42 13.42
C ARG A 54 -12.65 1.89 12.33
N ARG A 55 -12.31 2.75 11.38
CA ARG A 55 -11.42 2.36 10.28
C ARG A 55 -10.14 1.73 10.82
N ARG A 56 -9.72 2.17 12.00
CA ARG A 56 -8.50 1.65 12.62
C ARG A 56 -8.54 0.13 12.66
N ARG A 57 -9.73 -0.43 12.79
CA ARG A 57 -9.90 -1.89 12.86
C ARG A 57 -9.62 -2.51 11.50
N TRP A 58 -10.03 -1.83 10.44
CA TRP A 58 -9.83 -2.33 9.07
C TRP A 58 -8.40 -2.09 8.62
N ARG A 59 -7.96 -0.83 8.71
CA ARG A 59 -6.61 -0.46 8.31
C ARG A 59 -5.58 -1.38 8.94
N GLU A 60 -5.88 -1.85 10.15
CA GLU A 60 -4.97 -2.74 10.86
C GLU A 60 -4.54 -3.90 9.98
N ARG A 61 -5.52 -4.57 9.36
CA ARG A 61 -5.24 -5.70 8.49
C ARG A 61 -5.03 -5.24 7.05
N GLN A 62 -5.87 -4.32 6.60
CA GLN A 62 -5.78 -3.80 5.25
C GLN A 62 -4.37 -3.30 4.95
N ARG A 63 -3.71 -2.74 5.96
CA ARG A 63 -2.36 -2.22 5.81
C ARG A 63 -1.45 -3.27 5.17
N GLN A 64 -1.52 -4.50 5.67
CA GLN A 64 -0.71 -5.59 5.15
C GLN A 64 -1.38 -6.26 3.96
N LYS A 65 -2.70 -6.45 4.06
CA LYS A 65 -3.46 -7.08 3.00
C LYS A 65 -3.24 -6.37 1.68
N GLU A 66 -3.45 -5.06 1.67
CA GLU A 66 -3.27 -4.26 0.47
C GLU A 66 -1.90 -4.51 -0.16
N ASN A 67 -0.90 -4.72 0.69
CA ASN A 67 0.46 -4.98 0.23
C ASN A 67 0.50 -6.21 -0.69
N GLU A 68 -0.31 -7.21 -0.36
CA GLU A 68 -0.36 -8.43 -1.14
C GLU A 68 -0.92 -8.16 -2.55
N ILE A 69 -2.14 -7.65 -2.60
CA ILE A 69 -2.77 -7.34 -3.88
C ILE A 69 -1.93 -6.36 -4.69
N SER A 70 -1.28 -5.44 -3.99
CA SER A 70 -0.44 -4.44 -4.65
C SER A 70 0.64 -5.11 -5.51
N HIS A 71 1.16 -6.23 -5.02
CA HIS A 71 2.19 -6.96 -5.74
C HIS A 71 1.76 -7.24 -7.17
N HIS A 72 0.49 -7.59 -7.34
CA HIS A 72 -0.05 -7.89 -8.67
C HIS A 72 -0.46 -6.60 -9.39
N ALA A 73 -1.00 -5.65 -8.63
CA ALA A 73 -1.43 -4.38 -9.19
C ALA A 73 -0.31 -3.73 -9.99
N LYS A 74 0.82 -3.48 -9.34
CA LYS A 74 1.97 -2.86 -9.98
C LYS A 74 2.34 -3.60 -11.27
N GLU A 75 2.27 -4.92 -11.22
CA GLU A 75 2.59 -5.75 -12.37
C GLU A 75 1.65 -5.46 -13.53
N ILE A 76 0.36 -5.36 -13.22
CA ILE A 76 -0.65 -5.08 -14.24
C ILE A 76 -1.98 -4.71 -13.60
N GLU A 77 -2.67 -3.74 -14.19
CA GLU A 77 -3.96 -3.28 -13.68
C GLU A 77 -4.78 -2.62 -14.78
N ARG A 78 -6.09 -2.73 -14.68
CA ARG A 78 -6.99 -2.13 -15.67
C ARG A 78 -7.72 -0.93 -15.09
N LEU A 79 -8.25 -1.08 -13.89
CA LEU A 79 -8.96 0.00 -13.22
C LEU A 79 -8.07 1.23 -13.05
N GLN A 80 -8.35 2.28 -13.81
CA GLN A 80 -7.56 3.51 -13.74
C GLN A 80 -8.47 4.73 -13.87
N LYS A 81 -8.11 5.81 -13.18
CA LYS A 81 -8.88 7.04 -13.21
C LYS A 81 -8.03 8.22 -12.75
N GLU A 82 -8.53 9.44 -13.02
CA GLU A 82 -7.82 10.64 -12.64
C GLU A 82 -8.78 11.72 -12.14
N ILE A 83 -8.24 12.73 -11.48
CA ILE A 83 -9.07 13.81 -10.95
C ILE A 83 -8.68 15.15 -11.58
N GLU A 84 -9.57 15.70 -12.39
CA GLU A 84 -9.32 16.97 -13.05
C GLU A 84 -10.35 18.02 -12.63
N ARG A 85 -10.26 18.45 -11.37
CA ARG A 85 -11.19 19.46 -10.84
C ARG A 85 -10.47 20.77 -10.58
N HIS A 86 -9.33 20.69 -9.89
CA HIS A 86 -8.55 21.88 -9.58
C HIS A 86 -7.06 21.55 -9.53
N LYS A 87 -6.28 22.24 -10.35
CA LYS A 87 -4.84 22.02 -10.41
C LYS A 87 -4.17 23.04 -11.33
N GLN A 88 -2.98 23.49 -10.95
CA GLN A 88 -2.24 24.45 -11.75
C GLN A 88 -0.75 24.38 -11.44
N SER A 89 0.07 24.91 -12.35
CA SER A 89 1.52 24.89 -12.19
C SER A 89 1.97 26.05 -11.30
N ILE A 90 1.29 27.18 -11.40
CA ILE A 90 1.62 28.35 -10.61
C ILE A 90 1.32 28.12 -9.14
N LYS A 91 0.05 27.89 -8.83
CA LYS A 91 -0.37 27.65 -7.46
C LYS A 91 0.48 26.55 -6.81
N LYS A 92 0.89 25.58 -7.61
CA LYS A 92 1.71 24.47 -7.13
C LYS A 92 3.16 24.93 -6.93
N LEU A 93 3.61 25.83 -7.78
CA LEU A 93 4.97 26.34 -7.69
C LEU A 93 5.12 27.32 -6.54
N LYS A 94 4.33 28.39 -6.57
CA LYS A 94 4.36 29.41 -5.53
C LYS A 94 4.24 28.78 -4.15
N GLN A 95 3.43 27.72 -4.06
CA GLN A 95 3.23 27.02 -2.79
C GLN A 95 4.57 26.62 -2.17
N SER A 96 5.51 26.24 -3.02
CA SER A 96 6.83 25.82 -2.56
C SER A 96 7.81 27.00 -2.60
N GLU A 97 7.46 28.08 -1.92
CA GLU A 97 8.30 29.27 -1.87
C GLU A 97 9.62 28.97 -1.15
N CYS A 98 9.55 28.11 -0.15
CA CYS A 98 10.73 27.74 0.62
C CYS A 98 10.53 26.40 1.32
N GLY A 1 10.08 -30.27 10.24
CA GLY A 1 8.67 -29.97 10.47
C GLY A 1 7.75 -31.03 9.90
N GLY A 2 7.55 -30.99 8.59
CA GLY A 2 6.68 -31.95 7.94
C GLY A 2 5.33 -31.36 7.58
N SER A 3 4.78 -30.55 8.48
CA SER A 3 3.49 -29.93 8.25
C SER A 3 3.64 -28.65 7.43
N LYS A 4 2.52 -28.13 6.94
CA LYS A 4 2.52 -26.90 6.14
C LYS A 4 2.68 -25.68 7.03
N GLU A 5 2.06 -25.70 8.20
CA GLU A 5 2.14 -24.60 9.14
C GLU A 5 3.58 -24.24 9.45
N ASN A 6 4.44 -25.26 9.46
CA ASN A 6 5.86 -25.06 9.74
C ASN A 6 6.53 -24.24 8.64
N GLU A 7 6.24 -24.60 7.39
CA GLU A 7 6.82 -23.91 6.25
C GLU A 7 6.39 -22.43 6.24
N ILE A 8 5.11 -22.20 6.48
CA ILE A 8 4.57 -20.84 6.50
C ILE A 8 5.30 -19.98 7.53
N SER A 9 5.53 -20.56 8.71
CA SER A 9 6.21 -19.85 9.78
C SER A 9 7.58 -19.35 9.33
N HIS A 10 8.27 -20.17 8.54
CA HIS A 10 9.59 -19.81 8.04
C HIS A 10 9.50 -18.62 7.07
N HIS A 11 8.54 -18.70 6.15
CA HIS A 11 8.36 -17.64 5.16
C HIS A 11 7.94 -16.34 5.84
N ALA A 12 6.96 -16.42 6.74
CA ALA A 12 6.47 -15.25 7.45
C ALA A 12 7.60 -14.59 8.24
N LYS A 13 8.55 -15.39 8.69
CA LYS A 13 9.69 -14.88 9.46
C LYS A 13 10.43 -13.80 8.68
N GLU A 14 10.55 -14.00 7.38
CA GLU A 14 11.23 -13.05 6.52
C GLU A 14 10.24 -12.07 5.89
N ILE A 15 9.08 -12.58 5.51
CA ILE A 15 8.05 -11.75 4.89
C ILE A 15 7.61 -10.63 5.83
N GLU A 16 7.39 -10.99 7.10
CA GLU A 16 6.96 -10.01 8.09
C GLU A 16 7.91 -8.81 8.11
N ARG A 17 9.16 -9.03 7.75
CA ARG A 17 10.16 -7.98 7.73
C ARG A 17 9.93 -7.04 6.55
N LEU A 18 9.45 -7.60 5.44
CA LEU A 18 9.19 -6.81 4.24
C LEU A 18 7.82 -6.13 4.32
N GLN A 19 6.85 -6.83 4.89
CA GLN A 19 5.50 -6.30 5.04
C GLN A 19 5.49 -5.14 6.03
N LYS A 20 6.46 -5.12 6.93
CA LYS A 20 6.56 -4.06 7.93
C LYS A 20 7.37 -2.88 7.41
N GLU A 21 8.31 -3.16 6.51
CA GLU A 21 9.15 -2.12 5.93
C GLU A 21 8.37 -1.32 4.88
N ILE A 22 7.55 -2.01 4.11
CA ILE A 22 6.76 -1.36 3.07
C ILE A 22 6.02 -0.15 3.62
N GLU A 23 5.60 -0.22 4.88
CA GLU A 23 4.90 0.87 5.53
C GLU A 23 5.68 2.18 5.41
N ARG A 24 7.00 2.07 5.51
CA ARG A 24 7.87 3.24 5.42
C ARG A 24 8.22 3.54 3.97
N HIS A 25 8.73 2.53 3.27
CA HIS A 25 9.10 2.68 1.86
C HIS A 25 7.96 3.30 1.06
N LYS A 26 6.80 2.65 1.12
CA LYS A 26 5.62 3.13 0.39
C LYS A 26 5.36 4.61 0.68
N GLN A 27 5.50 4.99 1.94
CA GLN A 27 5.29 6.37 2.35
C GLN A 27 6.41 7.27 1.84
N SER A 28 7.60 6.69 1.70
CA SER A 28 8.76 7.44 1.23
C SER A 28 8.69 7.66 -0.28
N ILE A 29 8.13 6.69 -0.99
CA ILE A 29 8.00 6.78 -2.44
C ILE A 29 6.77 7.59 -2.83
N LYS A 30 5.74 7.53 -2.00
CA LYS A 30 4.50 8.26 -2.26
C LYS A 30 4.79 9.72 -2.58
N LYS A 31 5.86 10.25 -2.01
CA LYS A 31 6.25 11.63 -2.24
C LYS A 31 6.33 11.93 -3.73
N LEU A 32 6.92 11.02 -4.47
CA LEU A 32 7.07 11.18 -5.92
C LEU A 32 5.81 10.72 -6.65
N LYS A 33 5.18 9.68 -6.12
CA LYS A 33 3.96 9.13 -6.72
C LYS A 33 2.86 10.18 -6.75
N GLN A 34 2.84 11.05 -5.75
CA GLN A 34 1.83 12.11 -5.67
C GLN A 34 1.76 12.89 -6.99
N SER A 35 2.90 13.00 -7.67
CA SER A 35 2.97 13.71 -8.94
C SER A 35 2.10 13.04 -9.99
N GLU A 36 2.10 11.71 -9.99
CA GLU A 36 1.31 10.94 -10.94
C GLU A 36 -0.18 11.07 -10.65
N GLN A 37 -0.60 10.60 -9.48
CA GLN A 37 -1.99 10.66 -9.08
C GLN A 37 -2.50 12.10 -9.12
N SER A 38 -1.63 13.05 -8.78
CA SER A 38 -2.01 14.45 -8.78
C SER A 38 -3.25 14.68 -7.93
N ASN A 39 -3.37 13.93 -6.85
CA ASN A 39 -4.51 14.06 -5.95
C ASN A 39 -4.11 14.71 -4.62
N PRO A 40 -4.96 15.62 -4.14
CA PRO A 40 -4.70 16.34 -2.88
C PRO A 40 -4.83 15.42 -1.66
N PRO A 41 -4.37 15.91 -0.50
CA PRO A 41 -4.43 15.15 0.75
C PRO A 41 -5.85 14.99 1.27
N PRO A 42 -6.02 14.10 2.26
CA PRO A 42 -7.33 13.82 2.86
C PRO A 42 -7.84 15.01 3.70
N ASN A 43 -9.13 15.28 3.59
CA ASN A 43 -9.75 16.38 4.33
C ASN A 43 -11.10 15.96 4.90
N PRO A 44 -11.07 15.05 5.88
CA PRO A 44 -12.28 14.56 6.53
C PRO A 44 -12.95 15.61 7.40
N GLU A 45 -14.09 16.11 6.94
CA GLU A 45 -14.83 17.14 7.67
C GLU A 45 -15.96 16.51 8.48
N GLY A 46 -15.73 15.32 9.00
CA GLY A 46 -16.74 14.63 9.78
C GLY A 46 -16.98 13.22 9.30
N THR A 47 -17.60 13.09 8.13
CA THR A 47 -17.89 11.78 7.55
C THR A 47 -16.64 10.90 7.52
N ARG A 48 -15.73 11.21 6.61
CA ARG A 48 -14.50 10.45 6.47
C ARG A 48 -13.77 10.34 7.81
N GLN A 49 -13.85 11.40 8.61
CA GLN A 49 -13.20 11.41 9.91
C GLN A 49 -13.61 10.19 10.74
N ALA A 50 -14.91 9.94 10.83
CA ALA A 50 -15.42 8.81 11.59
C ALA A 50 -14.89 7.49 11.01
N ARG A 51 -15.10 7.29 9.72
CA ARG A 51 -14.65 6.07 9.06
C ARG A 51 -13.17 5.82 9.33
N ARG A 52 -12.40 6.90 9.40
CA ARG A 52 -10.96 6.79 9.66
C ARG A 52 -10.69 5.93 10.89
N ASN A 53 -11.57 6.06 11.88
CA ASN A 53 -11.43 5.30 13.13
C ASN A 53 -11.25 3.81 12.84
N ARG A 54 -12.25 3.22 12.20
CA ARG A 54 -12.21 1.80 11.87
C ARG A 54 -11.21 1.53 10.75
N ARG A 55 -11.18 2.41 9.75
CA ARG A 55 -10.27 2.27 8.63
C ARG A 55 -8.85 2.09 9.11
N ARG A 56 -8.50 2.77 10.20
CA ARG A 56 -7.15 2.68 10.76
C ARG A 56 -6.92 1.32 11.41
N ARG A 57 -7.96 0.77 12.00
CA ARG A 57 -7.87 -0.53 12.67
C ARG A 57 -7.76 -1.65 11.63
N TRP A 58 -8.42 -1.47 10.50
CA TRP A 58 -8.39 -2.47 9.43
C TRP A 58 -7.15 -2.32 8.57
N ARG A 59 -6.89 -1.10 8.12
CA ARG A 59 -5.73 -0.82 7.27
C ARG A 59 -4.45 -1.33 7.94
N GLU A 60 -4.42 -1.31 9.26
CA GLU A 60 -3.27 -1.78 10.01
C GLU A 60 -2.86 -3.18 9.56
N ARG A 61 -3.83 -4.07 9.48
CA ARG A 61 -3.57 -5.45 9.07
C ARG A 61 -3.69 -5.59 7.55
N GLN A 62 -4.75 -5.02 6.99
CA GLN A 62 -4.99 -5.08 5.56
C GLN A 62 -3.75 -4.64 4.79
N ARG A 63 -3.04 -3.66 5.33
CA ARG A 63 -1.83 -3.14 4.68
C ARG A 63 -0.88 -4.28 4.33
N GLN A 64 -0.83 -5.30 5.18
CA GLN A 64 0.04 -6.44 4.95
C GLN A 64 -0.47 -7.29 3.79
N LYS A 65 -1.80 -7.40 3.68
CA LYS A 65 -2.42 -8.18 2.62
C LYS A 65 -2.34 -7.45 1.29
N GLU A 66 -2.93 -6.25 1.24
CA GLU A 66 -2.92 -5.45 0.02
C GLU A 66 -1.51 -5.30 -0.53
N ASN A 67 -0.53 -5.19 0.37
CA ASN A 67 0.87 -5.05 -0.02
C ASN A 67 1.38 -6.33 -0.68
N GLU A 68 0.91 -7.47 -0.19
CA GLU A 68 1.33 -8.75 -0.73
C GLU A 68 0.70 -8.99 -2.11
N ILE A 69 -0.63 -9.01 -2.15
CA ILE A 69 -1.34 -9.22 -3.41
C ILE A 69 -0.88 -8.24 -4.47
N SER A 70 -0.57 -7.02 -4.06
CA SER A 70 -0.11 -5.98 -4.98
C SER A 70 1.25 -6.35 -5.57
N HIS A 71 2.10 -6.95 -4.76
CA HIS A 71 3.43 -7.35 -5.20
C HIS A 71 3.35 -8.27 -6.40
N HIS A 72 2.34 -9.13 -6.42
CA HIS A 72 2.15 -10.07 -7.53
C HIS A 72 1.42 -9.40 -8.69
N ALA A 73 0.24 -8.85 -8.40
CA ALA A 73 -0.55 -8.18 -9.42
C ALA A 73 0.28 -7.14 -10.18
N LYS A 74 1.04 -6.35 -9.43
CA LYS A 74 1.88 -5.32 -10.03
C LYS A 74 2.76 -5.90 -11.13
N GLU A 75 3.25 -7.12 -10.91
CA GLU A 75 4.10 -7.79 -11.88
C GLU A 75 3.43 -7.86 -13.24
N ILE A 76 2.11 -8.03 -13.24
CA ILE A 76 1.35 -8.12 -14.48
C ILE A 76 0.10 -7.25 -14.40
N GLU A 77 0.29 -5.94 -14.46
CA GLU A 77 -0.83 -5.01 -14.40
C GLU A 77 -0.51 -3.73 -15.18
N ARG A 78 -1.49 -3.25 -15.94
CA ARG A 78 -1.31 -2.04 -16.72
C ARG A 78 -2.67 -1.48 -17.17
N LEU A 79 -2.94 -0.24 -16.76
CA LEU A 79 -4.19 0.42 -17.11
C LEU A 79 -3.95 1.85 -17.59
N GLN A 80 -5.02 2.50 -18.04
CA GLN A 80 -4.91 3.87 -18.52
C GLN A 80 -6.30 4.46 -18.79
N LYS A 81 -6.64 5.53 -18.08
CA LYS A 81 -7.93 6.19 -18.24
C LYS A 81 -7.82 7.68 -17.96
N GLU A 82 -8.74 8.45 -18.53
CA GLU A 82 -8.74 9.90 -18.34
C GLU A 82 -10.10 10.38 -17.84
N ILE A 83 -10.43 9.98 -16.61
CA ILE A 83 -11.70 10.36 -16.00
C ILE A 83 -11.50 11.41 -14.91
N GLU A 84 -12.58 11.80 -14.25
CA GLU A 84 -12.52 12.78 -13.19
C GLU A 84 -13.68 12.62 -12.21
N ARG A 85 -13.46 12.97 -10.96
CA ARG A 85 -14.49 12.86 -9.93
C ARG A 85 -14.54 14.12 -9.08
N HIS A 86 -15.68 14.33 -8.41
CA HIS A 86 -15.86 15.50 -7.56
C HIS A 86 -17.11 15.37 -6.71
N LYS A 87 -16.97 15.57 -5.41
CA LYS A 87 -18.10 15.46 -4.49
C LYS A 87 -17.95 16.45 -3.33
N GLN A 88 -19.04 16.70 -2.63
CA GLN A 88 -19.02 17.62 -1.49
C GLN A 88 -19.74 17.02 -0.29
N SER A 89 -19.10 16.06 0.35
CA SER A 89 -19.68 15.39 1.52
C SER A 89 -20.15 16.41 2.54
N ILE A 90 -19.48 17.55 2.60
CA ILE A 90 -19.83 18.61 3.54
C ILE A 90 -21.31 18.96 3.44
N LYS A 91 -21.85 18.86 2.22
CA LYS A 91 -23.26 19.16 1.99
C LYS A 91 -24.15 18.39 2.96
N LYS A 92 -23.71 17.19 3.34
CA LYS A 92 -24.47 16.36 4.26
C LYS A 92 -24.57 17.02 5.62
N LEU A 93 -23.52 17.74 6.02
CA LEU A 93 -23.50 18.42 7.30
C LEU A 93 -24.10 19.82 7.19
N LYS A 94 -23.64 20.58 6.19
CA LYS A 94 -24.13 21.94 5.98
C LYS A 94 -25.66 21.96 5.90
N GLN A 95 -26.22 20.97 5.20
CA GLN A 95 -27.67 20.87 5.06
C GLN A 95 -28.36 20.94 6.40
N SER A 96 -27.71 20.40 7.43
CA SER A 96 -28.27 20.39 8.78
C SER A 96 -27.50 21.35 9.68
N GLU A 97 -27.60 22.64 9.38
CA GLU A 97 -26.91 23.66 10.17
C GLU A 97 -27.24 23.52 11.64
N CYS A 98 -28.48 23.11 11.93
CA CYS A 98 -28.92 22.94 13.31
C CYS A 98 -28.18 21.78 13.98
N GLY A 1 7.38 -32.48 12.80
CA GLY A 1 6.84 -33.25 11.70
C GLY A 1 6.83 -32.49 10.40
N GLY A 2 5.88 -32.82 9.52
CA GLY A 2 5.79 -32.15 8.24
C GLY A 2 4.58 -31.22 8.16
N SER A 3 4.41 -30.39 9.19
CA SER A 3 3.29 -29.47 9.23
C SER A 3 3.46 -28.37 8.18
N LYS A 4 2.34 -27.88 7.66
CA LYS A 4 2.35 -26.83 6.65
C LYS A 4 2.70 -25.48 7.27
N GLU A 5 2.24 -25.26 8.49
CA GLU A 5 2.51 -24.00 9.20
C GLU A 5 4.01 -23.72 9.24
N ASN A 6 4.80 -24.79 9.32
CA ASN A 6 6.26 -24.65 9.37
C ASN A 6 6.78 -23.99 8.11
N GLU A 7 6.35 -24.49 6.95
CA GLU A 7 6.77 -23.94 5.67
C GLU A 7 6.37 -22.47 5.54
N ILE A 8 5.20 -22.14 6.07
CA ILE A 8 4.70 -20.77 6.01
C ILE A 8 5.52 -19.85 6.91
N SER A 9 5.84 -20.33 8.10
CA SER A 9 6.62 -19.56 9.07
C SER A 9 7.97 -19.18 8.48
N HIS A 10 8.57 -20.10 7.74
CA HIS A 10 9.88 -19.86 7.13
C HIS A 10 9.86 -18.58 6.29
N HIS A 11 8.89 -18.49 5.38
CA HIS A 11 8.76 -17.32 4.52
C HIS A 11 8.29 -16.11 5.32
N ALA A 12 7.42 -16.35 6.29
CA ALA A 12 6.90 -15.28 7.14
C ALA A 12 8.01 -14.61 7.94
N LYS A 13 9.02 -15.39 8.30
CA LYS A 13 10.15 -14.88 9.07
C LYS A 13 10.79 -13.69 8.36
N GLU A 14 10.82 -13.75 7.04
CA GLU A 14 11.40 -12.67 6.25
C GLU A 14 10.33 -11.72 5.74
N ILE A 15 9.19 -12.28 5.32
CA ILE A 15 8.09 -11.48 4.82
C ILE A 15 7.62 -10.46 5.86
N GLU A 16 7.72 -10.83 7.13
CA GLU A 16 7.31 -9.97 8.22
C GLU A 16 8.04 -8.63 8.15
N ARG A 17 9.36 -8.67 8.09
CA ARG A 17 10.17 -7.47 8.01
C ARG A 17 9.83 -6.65 6.77
N LEU A 18 9.27 -7.32 5.77
CA LEU A 18 8.88 -6.66 4.53
C LEU A 18 7.53 -5.97 4.67
N GLN A 19 6.53 -6.73 5.09
CA GLN A 19 5.19 -6.20 5.28
C GLN A 19 5.19 -5.03 6.26
N LYS A 20 6.18 -5.03 7.15
CA LYS A 20 6.30 -3.96 8.14
C LYS A 20 7.14 -2.80 7.60
N GLU A 21 8.09 -3.12 6.73
CA GLU A 21 8.95 -2.10 6.15
C GLU A 21 8.22 -1.32 5.06
N ILE A 22 7.40 -2.04 4.29
CA ILE A 22 6.64 -1.41 3.21
C ILE A 22 5.89 -0.17 3.71
N GLU A 23 5.44 -0.22 4.96
CA GLU A 23 4.73 0.90 5.55
C GLU A 23 5.54 2.18 5.46
N ARG A 24 6.85 2.06 5.62
CA ARG A 24 7.74 3.21 5.56
C ARG A 24 8.17 3.49 4.11
N HIS A 25 8.71 2.47 3.45
CA HIS A 25 9.15 2.60 2.07
C HIS A 25 8.05 3.20 1.21
N LYS A 26 6.88 2.55 1.20
CA LYS A 26 5.75 3.01 0.42
C LYS A 26 5.46 4.49 0.68
N GLN A 27 5.60 4.89 1.94
CA GLN A 27 5.36 6.28 2.32
C GLN A 27 6.50 7.18 1.86
N SER A 28 7.70 6.61 1.77
CA SER A 28 8.87 7.37 1.35
C SER A 28 8.88 7.55 -0.16
N ILE A 29 8.35 6.57 -0.88
CA ILE A 29 8.29 6.62 -2.33
C ILE A 29 7.09 7.43 -2.80
N LYS A 30 6.01 7.40 -2.02
CA LYS A 30 4.80 8.13 -2.36
C LYS A 30 5.11 9.58 -2.71
N LYS A 31 6.15 10.12 -2.08
CA LYS A 31 6.57 11.49 -2.33
C LYS A 31 6.71 11.77 -3.82
N LEU A 32 7.33 10.82 -4.53
CA LEU A 32 7.53 10.96 -5.97
C LEU A 32 6.30 10.48 -6.74
N LYS A 33 5.65 9.44 -6.21
CA LYS A 33 4.46 8.89 -6.84
C LYS A 33 3.36 9.95 -6.97
N GLN A 34 3.28 10.82 -5.97
CA GLN A 34 2.27 11.88 -5.96
C GLN A 34 2.31 12.66 -7.27
N SER A 35 3.48 12.76 -7.87
CA SER A 35 3.65 13.48 -9.13
C SER A 35 2.90 12.79 -10.26
N GLU A 36 2.90 11.46 -10.22
CA GLU A 36 2.22 10.67 -11.25
C GLU A 36 0.74 10.54 -10.94
N GLN A 37 0.42 9.91 -9.82
CA GLN A 37 -0.98 9.71 -9.41
C GLN A 37 -1.70 11.05 -9.31
N SER A 38 -0.99 12.07 -8.83
CA SER A 38 -1.56 13.40 -8.68
C SER A 38 -2.84 13.34 -7.83
N ASN A 39 -2.83 12.47 -6.83
CA ASN A 39 -3.99 12.31 -5.96
C ASN A 39 -4.42 13.66 -5.38
N PRO A 40 -5.73 13.83 -5.20
CA PRO A 40 -6.30 15.07 -4.66
C PRO A 40 -5.97 15.26 -3.17
N PRO A 41 -6.22 16.47 -2.66
CA PRO A 41 -5.95 16.82 -1.26
C PRO A 41 -6.91 16.11 -0.31
N PRO A 42 -6.58 16.15 0.99
CA PRO A 42 -7.40 15.52 2.03
C PRO A 42 -8.73 16.24 2.25
N ASN A 43 -9.79 15.46 2.43
CA ASN A 43 -11.12 16.01 2.64
C ASN A 43 -11.87 15.25 3.72
N PRO A 44 -11.41 15.37 4.97
CA PRO A 44 -12.03 14.68 6.12
C PRO A 44 -13.40 15.26 6.46
N GLU A 45 -14.45 14.49 6.16
CA GLU A 45 -15.81 14.92 6.44
C GLU A 45 -16.14 14.74 7.92
N GLY A 46 -17.40 14.98 8.27
CA GLY A 46 -17.83 14.84 9.65
C GLY A 46 -18.01 13.38 10.05
N THR A 47 -18.88 12.68 9.33
CA THR A 47 -19.15 11.28 9.62
C THR A 47 -17.97 10.40 9.22
N ARG A 48 -17.45 10.62 8.01
CA ARG A 48 -16.32 9.85 7.51
C ARG A 48 -15.17 9.86 8.51
N GLN A 49 -15.00 10.99 9.20
CA GLN A 49 -13.93 11.13 10.18
C GLN A 49 -14.17 10.21 11.37
N ALA A 50 -15.37 10.29 11.94
CA ALA A 50 -15.73 9.47 13.09
C ALA A 50 -15.44 8.00 12.82
N ARG A 51 -15.66 7.57 11.58
CA ARG A 51 -15.43 6.18 11.19
C ARG A 51 -13.96 5.95 10.88
N ARG A 52 -13.32 6.95 10.30
CA ARG A 52 -11.91 6.86 9.93
C ARG A 52 -11.07 6.40 11.11
N ASN A 53 -11.46 6.84 12.32
CA ASN A 53 -10.76 6.48 13.53
C ASN A 53 -10.57 4.97 13.62
N ARG A 54 -11.68 4.24 13.67
CA ARG A 54 -11.63 2.79 13.76
C ARG A 54 -11.21 2.17 12.43
N ARG A 55 -11.75 2.69 11.33
CA ARG A 55 -11.42 2.20 10.00
C ARG A 55 -9.92 2.16 9.79
N ARG A 56 -9.21 3.14 10.37
CA ARG A 56 -7.77 3.22 10.24
C ARG A 56 -7.09 2.11 11.04
N ARG A 57 -7.44 2.00 12.31
CA ARG A 57 -6.86 0.97 13.17
C ARG A 57 -7.02 -0.41 12.56
N TRP A 58 -8.12 -0.62 11.85
CA TRP A 58 -8.39 -1.90 11.21
C TRP A 58 -7.58 -2.05 9.93
N ARG A 59 -7.78 -1.12 9.00
CA ARG A 59 -7.07 -1.16 7.73
C ARG A 59 -5.56 -1.24 7.95
N GLU A 60 -5.10 -0.66 9.05
CA GLU A 60 -3.67 -0.66 9.38
C GLU A 60 -3.11 -2.07 9.30
N ARG A 61 -3.90 -3.05 9.76
CA ARG A 61 -3.47 -4.44 9.75
C ARG A 61 -3.89 -5.12 8.44
N GLN A 62 -5.14 -4.93 8.05
CA GLN A 62 -5.65 -5.52 6.81
C GLN A 62 -4.74 -5.21 5.63
N ARG A 63 -4.14 -4.02 5.66
CA ARG A 63 -3.24 -3.60 4.58
C ARG A 63 -2.18 -4.66 4.32
N GLN A 64 -1.73 -5.33 5.38
CA GLN A 64 -0.72 -6.37 5.26
C GLN A 64 -1.23 -7.54 4.42
N LYS A 65 -2.52 -7.83 4.56
CA LYS A 65 -3.13 -8.93 3.82
C LYS A 65 -3.20 -8.59 2.33
N GLU A 66 -3.42 -7.32 2.02
CA GLU A 66 -3.52 -6.87 0.64
C GLU A 66 -2.13 -6.69 0.03
N ASN A 67 -1.20 -6.19 0.84
CA ASN A 67 0.17 -5.96 0.38
C ASN A 67 0.74 -7.21 -0.28
N GLU A 68 0.37 -8.38 0.25
CA GLU A 68 0.85 -9.65 -0.29
C GLU A 68 0.54 -9.76 -1.78
N ILE A 69 -0.75 -9.70 -2.11
CA ILE A 69 -1.18 -9.78 -3.50
C ILE A 69 -0.77 -8.54 -4.29
N SER A 70 -0.77 -7.40 -3.62
CA SER A 70 -0.40 -6.14 -4.25
C SER A 70 0.96 -6.25 -4.93
N HIS A 71 1.86 -7.00 -4.31
CA HIS A 71 3.20 -7.20 -4.85
C HIS A 71 3.14 -7.65 -6.31
N HIS A 72 2.28 -8.63 -6.58
CA HIS A 72 2.13 -9.15 -7.93
C HIS A 72 1.16 -8.30 -8.74
N ALA A 73 0.13 -7.77 -8.08
CA ALA A 73 -0.86 -6.94 -8.74
C ALA A 73 -0.20 -5.78 -9.48
N LYS A 74 0.53 -4.95 -8.73
CA LYS A 74 1.22 -3.81 -9.33
C LYS A 74 2.07 -4.24 -10.51
N GLU A 75 2.66 -5.43 -10.41
CA GLU A 75 3.51 -5.95 -11.47
C GLU A 75 2.78 -5.92 -12.81
N ILE A 76 1.48 -6.18 -12.78
CA ILE A 76 0.67 -6.17 -13.98
C ILE A 76 -0.82 -6.27 -13.65
N GLU A 77 -1.63 -5.48 -14.36
CA GLU A 77 -3.07 -5.48 -14.13
C GLU A 77 -3.79 -4.74 -15.26
N ARG A 78 -4.58 -5.50 -16.03
CA ARG A 78 -5.31 -4.92 -17.15
C ARG A 78 -6.75 -5.44 -17.17
N LEU A 79 -7.39 -5.44 -16.00
CA LEU A 79 -8.76 -5.91 -15.88
C LEU A 79 -9.70 -4.76 -15.55
N GLN A 80 -10.35 -4.21 -16.56
CA GLN A 80 -11.28 -3.11 -16.37
C GLN A 80 -12.66 -3.46 -16.91
N LYS A 81 -13.41 -4.25 -16.16
CA LYS A 81 -14.75 -4.66 -16.56
C LYS A 81 -15.81 -3.83 -15.84
N GLU A 82 -16.22 -2.74 -16.47
CA GLU A 82 -17.23 -1.87 -15.88
C GLU A 82 -17.75 -0.86 -16.91
N ILE A 83 -19.02 -0.96 -17.25
CA ILE A 83 -19.65 -0.07 -18.22
C ILE A 83 -20.73 0.79 -17.57
N GLU A 84 -21.46 0.20 -16.64
CA GLU A 84 -22.53 0.90 -15.93
C GLU A 84 -22.59 0.49 -14.47
N ARG A 85 -22.64 1.48 -13.58
CA ARG A 85 -22.71 1.22 -12.14
C ARG A 85 -23.98 1.79 -11.54
N HIS A 86 -25.12 1.49 -12.17
CA HIS A 86 -26.41 1.96 -11.69
C HIS A 86 -27.00 1.02 -10.66
N LYS A 87 -27.75 1.57 -9.72
CA LYS A 87 -28.37 0.78 -8.67
C LYS A 87 -29.84 1.17 -8.48
N GLN A 88 -30.69 0.18 -8.29
CA GLN A 88 -32.12 0.43 -8.09
C GLN A 88 -32.64 -0.36 -6.89
N SER A 89 -31.83 -0.44 -5.85
CA SER A 89 -32.21 -1.16 -4.64
C SER A 89 -33.57 -0.69 -4.13
N ILE A 90 -33.86 0.59 -4.33
CA ILE A 90 -35.13 1.18 -3.90
C ILE A 90 -36.30 0.33 -4.37
N LYS A 91 -36.16 -0.26 -5.56
CA LYS A 91 -37.20 -1.10 -6.13
C LYS A 91 -37.67 -2.15 -5.13
N LYS A 92 -36.75 -2.63 -4.31
CA LYS A 92 -37.06 -3.64 -3.30
C LYS A 92 -38.09 -3.11 -2.30
N LEU A 93 -38.01 -1.82 -1.99
CA LEU A 93 -38.93 -1.19 -1.07
C LEU A 93 -40.18 -0.68 -1.78
N LYS A 94 -39.97 0.03 -2.87
CA LYS A 94 -41.07 0.58 -3.67
C LYS A 94 -42.06 -0.53 -4.03
N GLN A 95 -41.55 -1.70 -4.38
CA GLN A 95 -42.39 -2.82 -4.75
C GLN A 95 -43.16 -3.35 -3.55
N SER A 96 -42.53 -3.29 -2.38
CA SER A 96 -43.15 -3.77 -1.16
C SER A 96 -43.57 -2.60 -0.27
N GLU A 97 -44.38 -1.71 -0.83
CA GLU A 97 -44.86 -0.54 -0.10
C GLU A 97 -46.28 -0.76 0.42
N CYS A 98 -46.52 -1.95 0.97
CA CYS A 98 -47.84 -2.29 1.50
C CYS A 98 -48.91 -2.18 0.42
N GLY A 1 10.23 -32.67 8.89
CA GLY A 1 9.62 -33.57 9.85
C GLY A 1 8.50 -32.91 10.63
N GLY A 2 7.47 -32.46 9.93
CA GLY A 2 6.36 -31.81 10.58
C GLY A 2 5.15 -31.67 9.67
N SER A 3 4.81 -30.42 9.33
CA SER A 3 3.66 -30.16 8.47
C SER A 3 3.96 -29.00 7.53
N LYS A 4 2.96 -28.61 6.74
CA LYS A 4 3.11 -27.50 5.79
C LYS A 4 3.14 -26.17 6.52
N GLU A 5 2.36 -26.06 7.60
CA GLU A 5 2.31 -24.84 8.38
C GLU A 5 3.70 -24.38 8.79
N ASN A 6 4.57 -25.35 9.08
CA ASN A 6 5.94 -25.04 9.48
C ASN A 6 6.69 -24.32 8.35
N GLU A 7 6.58 -24.84 7.14
CA GLU A 7 7.24 -24.24 6.00
C GLU A 7 6.72 -22.83 5.73
N ILE A 8 5.40 -22.69 5.71
CA ILE A 8 4.77 -21.40 5.47
C ILE A 8 5.31 -20.35 6.43
N SER A 9 5.60 -20.76 7.66
CA SER A 9 6.13 -19.84 8.67
C SER A 9 7.46 -19.24 8.21
N HIS A 10 8.26 -20.05 7.53
CA HIS A 10 9.56 -19.59 7.03
C HIS A 10 9.42 -18.32 6.23
N HIS A 11 8.60 -18.37 5.18
CA HIS A 11 8.37 -17.21 4.32
C HIS A 11 7.89 -16.01 5.13
N ALA A 12 6.97 -16.27 6.06
CA ALA A 12 6.43 -15.20 6.90
C ALA A 12 7.51 -14.60 7.78
N LYS A 13 8.47 -15.42 8.19
CA LYS A 13 9.56 -14.97 9.04
C LYS A 13 10.28 -13.79 8.40
N GLU A 14 10.39 -13.80 7.08
CA GLU A 14 11.06 -12.73 6.35
C GLU A 14 10.04 -11.72 5.83
N ILE A 15 8.91 -12.22 5.33
CA ILE A 15 7.86 -11.36 4.80
C ILE A 15 7.37 -10.37 5.86
N GLU A 16 7.37 -10.80 7.12
CA GLU A 16 6.93 -9.95 8.22
C GLU A 16 7.69 -8.63 8.22
N ARG A 17 9.01 -8.71 8.22
CA ARG A 17 9.86 -7.53 8.22
C ARG A 17 9.59 -6.66 6.99
N LEU A 18 9.06 -7.28 5.94
CA LEU A 18 8.76 -6.58 4.70
C LEU A 18 7.42 -5.86 4.81
N GLN A 19 6.38 -6.60 5.17
CA GLN A 19 5.04 -6.03 5.30
C GLN A 19 5.05 -4.87 6.29
N LYS A 20 6.00 -4.89 7.22
CA LYS A 20 6.11 -3.86 8.23
C LYS A 20 7.01 -2.72 7.74
N GLU A 21 8.00 -3.07 6.94
CA GLU A 21 8.94 -2.08 6.41
C GLU A 21 8.28 -1.25 5.30
N ILE A 22 7.44 -1.91 4.49
CA ILE A 22 6.76 -1.23 3.40
C ILE A 22 6.07 0.04 3.89
N GLU A 23 5.62 0.02 5.13
CA GLU A 23 4.94 1.18 5.71
C GLU A 23 5.80 2.44 5.57
N ARG A 24 7.11 2.26 5.68
CA ARG A 24 8.03 3.38 5.56
C ARG A 24 8.41 3.64 4.10
N HIS A 25 8.89 2.60 3.43
CA HIS A 25 9.28 2.71 2.03
C HIS A 25 8.16 3.34 1.20
N LYS A 26 6.96 2.76 1.31
CA LYS A 26 5.81 3.26 0.58
C LYS A 26 5.65 4.77 0.77
N GLN A 27 5.81 5.22 2.00
CA GLN A 27 5.68 6.63 2.33
C GLN A 27 6.83 7.44 1.70
N SER A 28 8.00 6.82 1.64
CA SER A 28 9.18 7.48 1.07
C SER A 28 9.04 7.63 -0.44
N ILE A 29 8.42 6.65 -1.06
CA ILE A 29 8.22 6.66 -2.51
C ILE A 29 6.98 7.47 -2.88
N LYS A 30 5.97 7.45 -2.01
CA LYS A 30 4.74 8.18 -2.25
C LYS A 30 5.02 9.63 -2.64
N LYS A 31 6.08 10.19 -2.08
CA LYS A 31 6.46 11.56 -2.37
C LYS A 31 6.55 11.79 -3.87
N LEU A 32 7.14 10.83 -4.58
CA LEU A 32 7.29 10.93 -6.03
C LEU A 32 6.02 10.44 -6.74
N LYS A 33 5.38 9.42 -6.17
CA LYS A 33 4.16 8.87 -6.73
C LYS A 33 3.07 9.92 -6.81
N GLN A 34 3.04 10.82 -5.84
CA GLN A 34 2.05 11.88 -5.80
C GLN A 34 1.98 12.61 -7.14
N SER A 35 3.13 12.70 -7.82
CA SER A 35 3.19 13.37 -9.11
C SER A 35 2.35 12.66 -10.15
N GLU A 36 2.37 11.32 -10.10
CA GLU A 36 1.61 10.52 -11.05
C GLU A 36 0.11 10.58 -10.72
N GLN A 37 -0.24 10.20 -9.51
CA GLN A 37 -1.63 10.21 -9.07
C GLN A 37 -2.28 11.57 -9.34
N SER A 38 -1.66 12.62 -8.79
CA SER A 38 -2.18 13.98 -8.97
C SER A 38 -3.52 14.14 -8.26
N ASN A 39 -3.63 13.59 -7.06
CA ASN A 39 -4.86 13.68 -6.28
C ASN A 39 -4.65 14.47 -5.00
N PRO A 40 -5.71 15.13 -4.53
CA PRO A 40 -5.66 15.95 -3.31
C PRO A 40 -5.52 15.10 -2.05
N PRO A 41 -5.20 15.75 -0.93
CA PRO A 41 -5.02 15.07 0.36
C PRO A 41 -6.35 14.53 0.92
N PRO A 42 -6.25 13.68 1.95
CA PRO A 42 -7.43 13.09 2.60
C PRO A 42 -8.23 14.12 3.39
N ASN A 43 -9.55 14.11 3.20
CA ASN A 43 -10.43 15.03 3.89
C ASN A 43 -11.79 14.38 4.17
N PRO A 44 -11.83 13.48 5.15
CA PRO A 44 -13.05 12.77 5.54
C PRO A 44 -14.06 13.69 6.21
N GLU A 45 -15.13 14.02 5.50
CA GLU A 45 -16.17 14.89 6.04
C GLU A 45 -16.66 14.38 7.39
N GLY A 46 -17.46 15.21 8.07
CA GLY A 46 -17.97 14.83 9.37
C GLY A 46 -16.91 14.83 10.45
N THR A 47 -16.17 13.73 10.54
CA THR A 47 -15.12 13.61 11.54
C THR A 47 -14.19 12.43 11.22
N ARG A 48 -12.91 12.73 11.00
CA ARG A 48 -11.94 11.70 10.68
C ARG A 48 -11.83 10.68 11.81
N GLN A 49 -11.98 11.16 13.04
CA GLN A 49 -11.89 10.29 14.22
C GLN A 49 -13.15 9.42 14.34
N ALA A 50 -14.29 9.99 13.96
CA ALA A 50 -15.55 9.27 14.03
C ALA A 50 -15.47 7.95 13.25
N ARG A 51 -14.91 8.02 12.05
CA ARG A 51 -14.79 6.84 11.20
C ARG A 51 -13.52 6.07 11.54
N ARG A 52 -12.45 6.79 11.86
CA ARG A 52 -11.18 6.17 12.20
C ARG A 52 -11.36 5.12 13.29
N ASN A 53 -12.35 5.34 14.16
CA ASN A 53 -12.62 4.41 15.25
C ASN A 53 -12.73 2.98 14.73
N ARG A 54 -13.70 2.75 13.84
CA ARG A 54 -13.91 1.42 13.27
C ARG A 54 -12.97 1.19 12.10
N ARG A 55 -12.78 2.21 11.26
CA ARG A 55 -11.90 2.11 10.11
C ARG A 55 -10.52 1.58 10.51
N ARG A 56 -10.09 1.94 11.71
CA ARG A 56 -8.80 1.50 12.22
C ARG A 56 -8.78 -0.01 12.44
N ARG A 57 -9.89 -0.54 12.92
CA ARG A 57 -10.01 -1.97 13.19
C ARG A 57 -9.83 -2.77 11.90
N TRP A 58 -10.31 -2.22 10.79
CA TRP A 58 -10.20 -2.89 9.50
C TRP A 58 -8.86 -2.57 8.83
N ARG A 59 -8.61 -1.28 8.63
CA ARG A 59 -7.37 -0.84 8.00
C ARG A 59 -6.16 -1.47 8.69
N GLU A 60 -6.29 -1.71 9.99
CA GLU A 60 -5.20 -2.31 10.76
C GLU A 60 -4.64 -3.54 10.06
N ARG A 61 -5.51 -4.49 9.75
CA ARG A 61 -5.10 -5.72 9.08
C ARG A 61 -5.17 -5.55 7.56
N GLN A 62 -6.24 -4.92 7.09
CA GLN A 62 -6.42 -4.70 5.66
C GLN A 62 -5.19 -4.04 5.04
N ARG A 63 -4.54 -3.17 5.81
CA ARG A 63 -3.35 -2.47 5.34
C ARG A 63 -2.35 -3.46 4.75
N GLN A 64 -2.14 -4.57 5.44
CA GLN A 64 -1.21 -5.60 4.99
C GLN A 64 -1.88 -6.55 3.99
N LYS A 65 -3.16 -6.81 4.22
CA LYS A 65 -3.92 -7.70 3.34
C LYS A 65 -3.84 -7.25 1.89
N GLU A 66 -4.13 -5.97 1.66
CA GLU A 66 -4.09 -5.41 0.32
C GLU A 66 -2.65 -5.14 -0.12
N ASN A 67 -1.84 -4.67 0.82
CA ASN A 67 -0.44 -4.38 0.54
C ASN A 67 0.24 -5.56 -0.15
N GLU A 68 -0.13 -6.77 0.26
CA GLU A 68 0.45 -7.97 -0.31
C GLU A 68 0.31 -7.98 -1.82
N ILE A 69 -0.93 -7.93 -2.30
CA ILE A 69 -1.19 -7.93 -3.73
C ILE A 69 -0.75 -6.62 -4.37
N SER A 70 -0.87 -5.53 -3.62
CA SER A 70 -0.48 -4.21 -4.11
C SER A 70 0.95 -4.23 -4.65
N HIS A 71 1.81 -5.00 -3.99
CA HIS A 71 3.21 -5.11 -4.39
C HIS A 71 3.31 -5.44 -5.87
N HIS A 72 2.51 -6.40 -6.32
CA HIS A 72 2.52 -6.81 -7.72
C HIS A 72 1.66 -5.89 -8.56
N ALA A 73 0.55 -5.42 -7.99
CA ALA A 73 -0.37 -4.54 -8.69
C ALA A 73 0.35 -3.27 -9.15
N LYS A 74 0.99 -2.57 -8.21
CA LYS A 74 1.70 -1.35 -8.51
C LYS A 74 2.68 -1.56 -9.66
N GLU A 75 3.28 -2.75 -9.71
CA GLU A 75 4.24 -3.07 -10.76
C GLU A 75 3.65 -2.80 -12.14
N ILE A 76 2.35 -3.04 -12.29
CA ILE A 76 1.67 -2.82 -13.55
C ILE A 76 0.37 -2.04 -13.34
N GLU A 77 0.44 -0.97 -12.57
CA GLU A 77 -0.72 -0.13 -12.30
C GLU A 77 -0.73 1.10 -13.18
N ARG A 78 -1.93 1.60 -13.48
CA ARG A 78 -2.07 2.78 -14.32
C ARG A 78 -2.34 4.02 -13.48
N LEU A 79 -2.55 5.16 -14.15
CA LEU A 79 -2.82 6.41 -13.46
C LEU A 79 -4.20 6.94 -13.80
N GLN A 80 -4.58 8.04 -13.16
CA GLN A 80 -5.89 8.65 -13.41
C GLN A 80 -5.81 10.17 -13.29
N LYS A 81 -6.91 10.84 -13.64
CA LYS A 81 -6.97 12.29 -13.56
C LYS A 81 -8.07 12.75 -12.62
N GLU A 82 -7.85 13.85 -11.91
CA GLU A 82 -8.83 14.39 -10.98
C GLU A 82 -8.37 15.72 -10.41
N ILE A 83 -9.32 16.62 -10.19
CA ILE A 83 -9.01 17.93 -9.64
C ILE A 83 -9.99 18.33 -8.54
N GLU A 84 -9.45 18.71 -7.39
CA GLU A 84 -10.28 19.12 -6.26
C GLU A 84 -9.43 19.75 -5.16
N ARG A 85 -9.99 20.77 -4.51
CA ARG A 85 -9.29 21.46 -3.44
C ARG A 85 -10.26 21.95 -2.38
N HIS A 86 -9.84 21.85 -1.11
CA HIS A 86 -10.69 22.28 0.00
C HIS A 86 -9.96 22.10 1.33
N LYS A 87 -9.94 23.15 2.14
CA LYS A 87 -9.29 23.10 3.45
C LYS A 87 -9.57 24.38 4.25
N GLN A 88 -9.45 24.27 5.56
CA GLN A 88 -9.69 25.41 6.43
C GLN A 88 -11.14 25.90 6.32
N SER A 89 -12.06 24.96 6.21
CA SER A 89 -13.48 25.28 6.08
C SER A 89 -13.91 26.23 7.19
N ILE A 90 -13.31 26.10 8.36
CA ILE A 90 -13.63 26.94 9.50
C ILE A 90 -13.59 28.42 9.11
N LYS A 91 -12.69 28.76 8.20
CA LYS A 91 -12.54 30.14 7.74
C LYS A 91 -13.89 30.70 7.30
N LYS A 92 -14.74 29.84 6.75
CA LYS A 92 -16.06 30.25 6.29
C LYS A 92 -16.90 30.78 7.45
N LEU A 93 -16.72 30.19 8.62
CA LEU A 93 -17.46 30.59 9.81
C LEU A 93 -16.73 31.72 10.55
N LYS A 94 -15.42 31.55 10.72
CA LYS A 94 -14.61 32.55 11.40
C LYS A 94 -14.82 33.93 10.81
N GLN A 95 -14.84 34.00 9.47
CA GLN A 95 -15.04 35.27 8.79
C GLN A 95 -16.51 35.67 8.81
N SER A 96 -17.39 34.68 8.75
CA SER A 96 -18.82 34.93 8.77
C SER A 96 -19.43 34.59 10.12
N GLU A 97 -18.95 35.27 11.16
CA GLU A 97 -19.45 35.02 12.52
C GLU A 97 -20.70 35.85 12.79
N CYS A 98 -21.85 35.29 12.41
CA CYS A 98 -23.13 35.97 12.61
C CYS A 98 -23.65 35.73 14.02
N GLY A 1 8.98 -27.79 4.70
CA GLY A 1 9.25 -28.83 5.68
C GLY A 1 8.19 -29.91 5.69
N GLY A 2 7.42 -29.98 6.77
CA GLY A 2 6.37 -30.98 6.87
C GLY A 2 4.99 -30.38 6.84
N SER A 3 4.54 -29.84 7.96
CA SER A 3 3.22 -29.23 8.06
C SER A 3 3.15 -27.95 7.24
N LYS A 4 1.93 -27.50 6.97
CA LYS A 4 1.73 -26.28 6.19
C LYS A 4 1.93 -25.03 7.05
N GLU A 5 1.52 -25.13 8.31
CA GLU A 5 1.65 -24.01 9.24
C GLU A 5 3.11 -23.58 9.37
N ASN A 6 4.02 -24.55 9.32
CA ASN A 6 5.45 -24.27 9.42
C ASN A 6 5.93 -23.47 8.22
N GLU A 7 5.48 -23.87 7.03
CA GLU A 7 5.87 -23.19 5.79
C GLU A 7 5.38 -21.75 5.80
N ILE A 8 4.14 -21.54 6.20
CA ILE A 8 3.56 -20.21 6.24
C ILE A 8 4.37 -19.28 7.14
N SER A 9 4.80 -19.80 8.29
CA SER A 9 5.58 -19.03 9.24
C SER A 9 6.92 -18.60 8.63
N HIS A 10 7.54 -19.52 7.90
CA HIS A 10 8.82 -19.24 7.26
C HIS A 10 8.72 -18.01 6.36
N HIS A 11 7.62 -17.93 5.61
CA HIS A 11 7.41 -16.81 4.70
C HIS A 11 7.19 -15.51 5.48
N ALA A 12 6.40 -15.58 6.54
CA ALA A 12 6.12 -14.42 7.37
C ALA A 12 7.39 -13.89 8.02
N LYS A 13 8.31 -14.81 8.35
CA LYS A 13 9.56 -14.44 8.98
C LYS A 13 10.30 -13.38 8.16
N GLU A 14 10.18 -13.48 6.84
CA GLU A 14 10.83 -12.53 5.95
C GLU A 14 9.85 -11.45 5.49
N ILE A 15 8.62 -11.86 5.21
CA ILE A 15 7.59 -10.93 4.76
C ILE A 15 7.37 -9.82 5.79
N GLU A 16 7.54 -10.16 7.07
CA GLU A 16 7.36 -9.20 8.14
C GLU A 16 8.26 -7.97 7.94
N ARG A 17 9.55 -8.22 7.77
CA ARG A 17 10.51 -7.15 7.56
C ARG A 17 10.17 -6.33 6.32
N LEU A 18 9.43 -6.96 5.41
CA LEU A 18 9.03 -6.28 4.16
C LEU A 18 7.80 -5.41 4.39
N GLN A 19 6.75 -6.00 4.95
CA GLN A 19 5.51 -5.27 5.21
C GLN A 19 5.77 -4.08 6.14
N LYS A 20 6.83 -4.19 6.94
CA LYS A 20 7.19 -3.12 7.86
C LYS A 20 8.13 -2.11 7.19
N GLU A 21 8.94 -2.58 6.26
CA GLU A 21 9.88 -1.72 5.56
C GLU A 21 9.16 -0.89 4.50
N ILE A 22 8.18 -1.50 3.84
CA ILE A 22 7.41 -0.81 2.81
C ILE A 22 6.89 0.53 3.31
N GLU A 23 6.58 0.59 4.60
CA GLU A 23 6.08 1.83 5.20
C GLU A 23 7.04 2.98 4.95
N ARG A 24 8.33 2.68 4.93
CA ARG A 24 9.35 3.71 4.70
C ARG A 24 9.58 3.90 3.21
N HIS A 25 9.92 2.82 2.52
CA HIS A 25 10.18 2.88 1.09
C HIS A 25 9.03 3.56 0.35
N LYS A 26 7.81 3.10 0.59
CA LYS A 26 6.64 3.68 -0.04
C LYS A 26 6.61 5.20 0.14
N GLN A 27 6.93 5.65 1.33
CA GLN A 27 6.96 7.08 1.63
C GLN A 27 8.09 7.78 0.89
N SER A 28 9.21 7.07 0.73
CA SER A 28 10.37 7.63 0.04
C SER A 28 10.09 7.76 -1.46
N ILE A 29 9.32 6.82 -2.00
CA ILE A 29 8.98 6.84 -3.43
C ILE A 29 7.77 7.73 -3.69
N LYS A 30 6.87 7.79 -2.72
CA LYS A 30 5.67 8.61 -2.85
C LYS A 30 6.02 10.02 -3.27
N LYS A 31 7.17 10.51 -2.82
CA LYS A 31 7.63 11.85 -3.15
C LYS A 31 7.57 12.09 -4.66
N LEU A 32 8.00 11.09 -5.42
CA LEU A 32 8.01 11.19 -6.88
C LEU A 32 6.66 10.80 -7.45
N LYS A 33 6.01 9.83 -6.81
CA LYS A 33 4.70 9.36 -7.26
C LYS A 33 3.68 10.49 -7.24
N GLN A 34 3.81 11.37 -6.26
CA GLN A 34 2.90 12.51 -6.13
C GLN A 34 2.77 13.26 -7.45
N SER A 35 3.84 13.26 -8.23
CA SER A 35 3.86 13.94 -9.51
C SER A 35 2.82 13.35 -10.45
N GLU A 36 2.82 12.02 -10.57
CA GLU A 36 1.87 11.34 -11.44
C GLU A 36 0.49 11.29 -10.81
N GLN A 37 0.45 11.14 -9.49
CA GLN A 37 -0.82 11.07 -8.76
C GLN A 37 -1.69 12.27 -9.09
N SER A 38 -1.16 13.47 -8.88
CA SER A 38 -1.89 14.71 -9.16
C SER A 38 -3.25 14.69 -8.47
N ASN A 39 -3.29 14.11 -7.27
CA ASN A 39 -4.53 14.03 -6.51
C ASN A 39 -5.16 15.41 -6.35
N PRO A 40 -6.50 15.47 -6.50
CA PRO A 40 -7.26 16.72 -6.38
C PRO A 40 -7.30 17.22 -4.95
N PRO A 41 -7.75 18.48 -4.77
CA PRO A 41 -7.85 19.11 -3.46
C PRO A 41 -8.96 18.50 -2.61
N PRO A 42 -8.57 17.81 -1.53
CA PRO A 42 -9.51 17.16 -0.61
C PRO A 42 -10.32 18.17 0.20
N ASN A 43 -11.60 17.88 0.40
CA ASN A 43 -12.47 18.76 1.17
C ASN A 43 -13.49 17.96 1.96
N PRO A 44 -13.00 17.23 2.98
CA PRO A 44 -13.86 16.40 3.85
C PRO A 44 -14.75 17.24 4.75
N GLU A 45 -16.05 17.26 4.44
CA GLU A 45 -17.01 18.03 5.23
C GLU A 45 -16.93 17.65 6.71
N GLY A 46 -17.60 18.43 7.55
CA GLY A 46 -17.59 18.15 8.97
C GLY A 46 -16.27 18.50 9.62
N THR A 47 -15.30 17.60 9.52
CA THR A 47 -13.98 17.82 10.10
C THR A 47 -12.97 16.83 9.55
N ARG A 48 -12.02 17.34 8.76
CA ARG A 48 -10.99 16.49 8.17
C ARG A 48 -10.30 15.65 9.24
N GLN A 49 -10.16 16.22 10.43
CA GLN A 49 -9.52 15.52 11.54
C GLN A 49 -10.41 14.42 12.08
N ALA A 50 -11.71 14.68 12.13
CA ALA A 50 -12.67 13.71 12.63
C ALA A 50 -12.57 12.39 11.86
N ARG A 51 -12.38 12.49 10.55
CA ARG A 51 -12.25 11.30 9.71
C ARG A 51 -10.82 10.79 9.69
N ARG A 52 -9.86 11.71 9.73
CA ARG A 52 -8.45 11.35 9.72
C ARG A 52 -8.15 10.32 10.80
N ASN A 53 -8.82 10.45 11.94
CA ASN A 53 -8.61 9.55 13.07
C ASN A 53 -9.24 8.19 12.77
N ARG A 54 -10.44 8.20 12.22
CA ARG A 54 -11.14 6.96 11.89
C ARG A 54 -10.41 6.19 10.80
N ARG A 55 -10.18 6.85 9.67
CA ARG A 55 -9.48 6.23 8.55
C ARG A 55 -8.16 5.60 9.01
N ARG A 56 -7.50 6.25 9.97
CA ARG A 56 -6.24 5.76 10.48
C ARG A 56 -6.35 4.29 10.90
N ARG A 57 -7.41 3.98 11.64
CA ARG A 57 -7.63 2.61 12.10
C ARG A 57 -7.65 1.63 10.93
N TRP A 58 -8.08 2.12 9.77
CA TRP A 58 -8.15 1.28 8.57
C TRP A 58 -6.81 1.27 7.85
N ARG A 59 -6.34 2.45 7.44
CA ARG A 59 -5.08 2.57 6.73
C ARG A 59 -3.95 1.89 7.51
N GLU A 60 -4.07 1.87 8.83
CA GLU A 60 -3.06 1.24 9.68
C GLU A 60 -2.77 -0.18 9.22
N ARG A 61 -3.82 -0.96 9.02
CA ARG A 61 -3.66 -2.34 8.57
C ARG A 61 -3.69 -2.42 7.05
N GLN A 62 -4.50 -1.58 6.42
CA GLN A 62 -4.60 -1.56 4.97
C GLN A 62 -3.23 -1.43 4.32
N ARG A 63 -2.41 -0.51 4.85
CA ARG A 63 -1.07 -0.28 4.32
C ARG A 63 -0.31 -1.60 4.23
N GLN A 64 -0.54 -2.48 5.18
CA GLN A 64 0.14 -3.77 5.20
C GLN A 64 -0.61 -4.80 4.36
N LYS A 65 -1.94 -4.72 4.38
CA LYS A 65 -2.76 -5.63 3.61
C LYS A 65 -2.55 -5.45 2.12
N GLU A 66 -2.85 -4.25 1.63
CA GLU A 66 -2.68 -3.95 0.21
C GLU A 66 -1.28 -4.30 -0.27
N ASN A 67 -0.30 -4.09 0.60
CA ASN A 67 1.09 -4.39 0.27
C ASN A 67 1.28 -5.88 0.00
N GLU A 68 0.59 -6.71 0.77
CA GLU A 68 0.68 -8.15 0.62
C GLU A 68 0.15 -8.59 -0.75
N ILE A 69 -1.11 -8.29 -1.00
CA ILE A 69 -1.75 -8.64 -2.27
C ILE A 69 -0.95 -8.10 -3.45
N SER A 70 -0.36 -6.92 -3.27
CA SER A 70 0.43 -6.30 -4.32
C SER A 70 1.57 -7.21 -4.76
N HIS A 71 2.14 -7.94 -3.81
CA HIS A 71 3.24 -8.86 -4.11
C HIS A 71 2.87 -9.79 -5.25
N HIS A 72 1.61 -10.20 -5.29
CA HIS A 72 1.12 -11.10 -6.33
C HIS A 72 0.77 -10.33 -7.60
N ALA A 73 0.23 -9.13 -7.43
CA ALA A 73 -0.15 -8.29 -8.56
C ALA A 73 1.06 -7.90 -9.39
N LYS A 74 2.06 -7.32 -8.73
CA LYS A 74 3.28 -6.90 -9.40
C LYS A 74 3.88 -8.05 -10.22
N GLU A 75 3.76 -9.26 -9.69
CA GLU A 75 4.28 -10.44 -10.38
C GLU A 75 3.77 -10.50 -11.81
N ILE A 76 2.46 -10.53 -11.97
CA ILE A 76 1.85 -10.59 -13.30
C ILE A 76 0.48 -9.93 -13.30
N GLU A 77 0.23 -9.08 -14.28
CA GLU A 77 -1.05 -8.38 -14.40
C GLU A 77 -1.11 -7.57 -15.69
N ARG A 78 -2.31 -7.39 -16.21
CA ARG A 78 -2.52 -6.63 -17.44
C ARG A 78 -3.47 -5.46 -17.21
N LEU A 79 -4.68 -5.77 -16.78
CA LEU A 79 -5.69 -4.74 -16.52
C LEU A 79 -5.56 -4.19 -15.11
N GLN A 80 -5.08 -2.96 -15.00
CA GLN A 80 -4.89 -2.32 -13.70
C GLN A 80 -5.44 -0.89 -13.71
N LYS A 81 -6.71 -0.74 -13.34
CA LYS A 81 -7.34 0.57 -13.32
C LYS A 81 -8.70 0.50 -12.62
N GLU A 82 -8.87 1.33 -11.59
CA GLU A 82 -10.12 1.36 -10.84
C GLU A 82 -10.43 2.77 -10.34
N ILE A 83 -11.67 3.18 -10.49
CA ILE A 83 -12.10 4.51 -10.06
C ILE A 83 -13.41 4.44 -9.28
N GLU A 84 -13.55 5.31 -8.30
CA GLU A 84 -14.77 5.36 -7.48
C GLU A 84 -14.74 6.55 -6.53
N ARG A 85 -15.92 6.97 -6.09
CA ARG A 85 -16.03 8.10 -5.17
C ARG A 85 -16.34 7.63 -3.75
N HIS A 86 -15.82 8.34 -2.77
CA HIS A 86 -16.05 7.99 -1.37
C HIS A 86 -16.92 9.05 -0.68
N LYS A 87 -18.20 9.07 -1.00
CA LYS A 87 -19.12 10.02 -0.41
C LYS A 87 -20.58 9.61 -0.68
N GLN A 88 -21.31 9.34 0.40
CA GLN A 88 -22.71 8.94 0.29
C GLN A 88 -23.47 9.27 1.56
N SER A 89 -24.77 8.98 1.55
CA SER A 89 -25.62 9.25 2.70
C SER A 89 -25.51 8.14 3.74
N ILE A 90 -25.32 6.91 3.26
CA ILE A 90 -25.20 5.76 4.14
C ILE A 90 -24.00 5.90 5.07
N LYS A 91 -22.81 6.01 4.48
CA LYS A 91 -21.58 6.15 5.25
C LYS A 91 -21.70 7.30 6.24
N LYS A 92 -22.45 8.33 5.87
CA LYS A 92 -22.65 9.50 6.73
C LYS A 92 -23.66 9.20 7.83
N LEU A 93 -24.63 8.34 7.51
CA LEU A 93 -25.66 7.96 8.48
C LEU A 93 -25.13 6.95 9.48
N LYS A 94 -24.62 5.83 8.99
CA LYS A 94 -24.07 4.79 9.85
C LYS A 94 -23.06 5.37 10.82
N GLN A 95 -22.22 6.28 10.34
CA GLN A 95 -21.21 6.91 11.17
C GLN A 95 -21.83 7.92 12.13
N SER A 96 -22.91 8.57 11.68
CA SER A 96 -23.60 9.56 12.49
C SER A 96 -24.75 8.92 13.27
N GLU A 97 -24.45 7.82 13.95
CA GLU A 97 -25.47 7.12 14.73
C GLU A 97 -25.30 7.39 16.22
N CYS A 98 -25.89 8.48 16.70
CA CYS A 98 -25.80 8.85 18.11
C CYS A 98 -27.19 8.99 18.72
N GLY A 1 7.13 -33.41 11.90
CA GLY A 1 8.54 -33.12 11.83
C GLY A 1 9.03 -32.89 10.42
N GLY A 2 8.24 -32.13 9.65
CA GLY A 2 8.60 -31.85 8.27
C GLY A 2 7.40 -31.67 7.37
N SER A 3 6.65 -30.59 7.60
CA SER A 3 5.46 -30.31 6.81
C SER A 3 5.64 -29.04 5.98
N LYS A 4 4.64 -28.71 5.17
CA LYS A 4 4.68 -27.53 4.33
C LYS A 4 4.36 -26.28 5.13
N GLU A 5 3.39 -26.40 6.04
CA GLU A 5 2.99 -25.28 6.88
C GLU A 5 4.19 -24.66 7.59
N ASN A 6 5.05 -25.51 8.13
CA ASN A 6 6.24 -25.05 8.84
C ASN A 6 7.07 -24.12 7.96
N GLU A 7 7.29 -24.53 6.72
CA GLU A 7 8.08 -23.74 5.78
C GLU A 7 7.44 -22.37 5.58
N ILE A 8 6.14 -22.35 5.35
CA ILE A 8 5.41 -21.10 5.14
C ILE A 8 5.69 -20.11 6.27
N SER A 9 5.71 -20.61 7.50
CA SER A 9 5.96 -19.77 8.66
C SER A 9 7.34 -19.11 8.57
N HIS A 10 8.31 -19.85 8.05
CA HIS A 10 9.67 -19.35 7.91
C HIS A 10 9.70 -18.12 6.99
N HIS A 11 9.09 -18.25 5.83
CA HIS A 11 9.04 -17.15 4.86
C HIS A 11 8.36 -15.93 5.47
N ALA A 12 7.25 -16.15 6.16
CA ALA A 12 6.50 -15.07 6.80
C ALA A 12 7.34 -14.38 7.87
N LYS A 13 8.20 -15.15 8.53
CA LYS A 13 9.07 -14.61 9.57
C LYS A 13 9.87 -13.43 9.05
N GLU A 14 10.28 -13.50 7.79
CA GLU A 14 11.06 -12.44 7.17
C GLU A 14 10.17 -11.51 6.36
N ILE A 15 9.21 -12.09 5.65
CA ILE A 15 8.28 -11.31 4.83
C ILE A 15 7.54 -10.28 5.67
N GLU A 16 7.25 -10.64 6.91
CA GLU A 16 6.54 -9.74 7.82
C GLU A 16 7.24 -8.40 7.92
N ARG A 17 8.53 -8.43 8.26
CA ARG A 17 9.32 -7.22 8.39
C ARG A 17 9.33 -6.43 7.08
N LEU A 18 9.09 -7.12 5.97
CA LEU A 18 9.06 -6.49 4.67
C LEU A 18 7.71 -5.82 4.40
N GLN A 19 6.64 -6.60 4.52
CA GLN A 19 5.30 -6.08 4.30
C GLN A 19 5.02 -4.89 5.21
N LYS A 20 5.72 -4.81 6.33
CA LYS A 20 5.55 -3.73 7.28
C LYS A 20 6.51 -2.58 6.97
N GLU A 21 7.67 -2.92 6.44
CA GLU A 21 8.68 -1.91 6.09
C GLU A 21 8.28 -1.17 4.82
N ILE A 22 7.67 -1.89 3.88
CA ILE A 22 7.24 -1.30 2.62
C ILE A 22 6.47 -0.01 2.86
N GLU A 23 5.74 0.05 3.97
CA GLU A 23 4.97 1.24 4.31
C GLU A 23 5.82 2.50 4.23
N ARG A 24 7.09 2.36 4.61
CA ARG A 24 8.01 3.49 4.59
C ARG A 24 8.65 3.63 3.21
N HIS A 25 9.21 2.54 2.71
CA HIS A 25 9.87 2.55 1.41
C HIS A 25 8.95 3.13 0.34
N LYS A 26 7.73 2.64 0.28
CA LYS A 26 6.75 3.11 -0.70
C LYS A 26 6.64 4.64 -0.66
N GLN A 27 6.62 5.18 0.55
CA GLN A 27 6.52 6.64 0.73
C GLN A 27 7.81 7.33 0.29
N SER A 28 8.94 6.66 0.51
CA SER A 28 10.23 7.21 0.14
C SER A 28 10.41 7.21 -1.37
N ILE A 29 9.89 6.19 -2.02
CA ILE A 29 9.98 6.07 -3.47
C ILE A 29 8.89 6.87 -4.16
N LYS A 30 7.73 6.98 -3.51
CA LYS A 30 6.61 7.73 -4.07
C LYS A 30 7.06 9.11 -4.54
N LYS A 31 8.02 9.69 -3.84
CA LYS A 31 8.54 11.01 -4.18
C LYS A 31 8.94 11.06 -5.64
N LEU A 32 9.60 10.02 -6.12
CA LEU A 32 10.05 9.95 -7.51
C LEU A 32 8.93 9.42 -8.41
N LYS A 33 8.12 8.52 -7.86
CA LYS A 33 7.01 7.94 -8.62
C LYS A 33 6.03 9.02 -9.06
N GLN A 34 5.92 10.08 -8.25
CA GLN A 34 5.02 11.18 -8.55
C GLN A 34 5.22 11.66 -9.99
N SER A 35 6.44 11.53 -10.49
CA SER A 35 6.76 11.97 -11.84
C SER A 35 5.78 11.38 -12.84
N GLU A 36 5.64 10.05 -12.81
CA GLU A 36 4.73 9.36 -13.72
C GLU A 36 3.32 9.29 -13.13
N GLN A 37 3.24 9.10 -11.83
CA GLN A 37 1.94 9.01 -11.14
C GLN A 37 1.05 10.18 -11.53
N SER A 38 1.66 11.34 -11.75
CA SER A 38 0.91 12.53 -12.12
C SER A 38 -0.15 12.86 -11.08
N ASN A 39 0.17 12.60 -9.81
CA ASN A 39 -0.76 12.86 -8.72
C ASN A 39 -1.29 14.29 -8.79
N PRO A 40 -2.54 14.48 -8.34
CA PRO A 40 -3.19 15.78 -8.34
C PRO A 40 -2.59 16.74 -7.33
N PRO A 41 -2.92 18.03 -7.46
CA PRO A 41 -2.41 19.07 -6.55
C PRO A 41 -3.00 18.96 -5.15
N PRO A 42 -2.41 19.69 -4.20
CA PRO A 42 -2.87 19.70 -2.80
C PRO A 42 -4.22 20.38 -2.64
N ASN A 43 -5.13 19.72 -1.91
CA ASN A 43 -6.46 20.26 -1.69
C ASN A 43 -6.94 19.92 -0.28
N PRO A 44 -6.39 20.61 0.72
CA PRO A 44 -6.74 20.40 2.13
C PRO A 44 -8.15 20.89 2.45
N GLU A 45 -9.07 19.95 2.64
CA GLU A 45 -10.45 20.29 2.95
C GLU A 45 -10.83 19.83 4.36
N GLY A 46 -11.85 20.46 4.93
CA GLY A 46 -12.28 20.11 6.28
C GLY A 46 -12.52 18.62 6.43
N THR A 47 -12.95 17.97 5.35
CA THR A 47 -13.22 16.54 5.37
C THR A 47 -11.98 15.75 5.76
N ARG A 48 -10.83 16.18 5.24
CA ARG A 48 -9.56 15.51 5.53
C ARG A 48 -9.37 15.35 7.04
N GLN A 49 -9.90 16.29 7.80
CA GLN A 49 -9.79 16.26 9.25
C GLN A 49 -10.72 15.21 9.85
N ALA A 50 -11.96 15.20 9.38
CA ALA A 50 -12.95 14.24 9.86
C ALA A 50 -12.58 12.82 9.46
N ARG A 51 -11.99 12.67 8.27
CA ARG A 51 -11.60 11.37 7.77
C ARG A 51 -10.27 10.93 8.39
N ARG A 52 -9.39 11.90 8.63
CA ARG A 52 -8.09 11.60 9.21
C ARG A 52 -8.23 10.74 10.46
N ASN A 53 -9.29 10.99 11.23
CA ASN A 53 -9.55 10.24 12.44
C ASN A 53 -9.59 8.74 12.17
N ARG A 54 -10.29 8.37 11.09
CA ARG A 54 -10.42 6.96 10.71
C ARG A 54 -9.21 6.50 9.90
N ARG A 55 -8.66 7.41 9.09
CA ARG A 55 -7.52 7.10 8.26
C ARG A 55 -6.39 6.50 9.10
N ARG A 56 -6.27 6.97 10.34
CA ARG A 56 -5.24 6.47 11.25
C ARG A 56 -5.52 5.04 11.67
N ARG A 57 -6.69 4.81 12.26
CA ARG A 57 -7.07 3.48 12.72
C ARG A 57 -7.07 2.49 11.56
N TRP A 58 -7.47 2.96 10.39
CA TRP A 58 -7.51 2.13 9.20
C TRP A 58 -6.12 1.90 8.63
N ARG A 59 -5.27 2.93 8.74
CA ARG A 59 -3.91 2.85 8.23
C ARG A 59 -3.20 1.60 8.76
N GLU A 60 -3.40 1.33 10.05
CA GLU A 60 -2.78 0.16 10.69
C GLU A 60 -3.06 -1.10 9.89
N ARG A 61 -4.26 -1.18 9.32
CA ARG A 61 -4.65 -2.35 8.52
C ARG A 61 -4.26 -2.16 7.06
N GLN A 62 -4.35 -0.92 6.59
CA GLN A 62 -4.02 -0.62 5.20
C GLN A 62 -2.64 -1.17 4.84
N ARG A 63 -1.75 -1.21 5.81
CA ARG A 63 -0.40 -1.71 5.60
C ARG A 63 -0.43 -3.08 4.92
N GLN A 64 -1.20 -4.00 5.49
CA GLN A 64 -1.31 -5.35 4.94
C GLN A 64 -2.42 -5.42 3.91
N LYS A 65 -3.50 -4.66 4.13
CA LYS A 65 -4.62 -4.63 3.21
C LYS A 65 -4.17 -4.26 1.80
N GLU A 66 -3.44 -3.15 1.69
CA GLU A 66 -2.94 -2.69 0.39
C GLU A 66 -2.21 -3.82 -0.33
N ASN A 67 -1.54 -4.68 0.42
CA ASN A 67 -0.80 -5.80 -0.15
C ASN A 67 -1.69 -6.61 -1.10
N GLU A 68 -2.96 -6.72 -0.74
CA GLU A 68 -3.91 -7.47 -1.55
C GLU A 68 -3.89 -6.99 -3.00
N ILE A 69 -4.19 -5.71 -3.20
CA ILE A 69 -4.20 -5.13 -4.53
C ILE A 69 -2.79 -4.99 -5.09
N SER A 70 -1.84 -4.72 -4.19
CA SER A 70 -0.45 -4.57 -4.59
C SER A 70 0.02 -5.77 -5.41
N HIS A 71 -0.47 -6.94 -5.05
CA HIS A 71 -0.10 -8.18 -5.75
C HIS A 71 -0.29 -8.02 -7.25
N HIS A 72 -1.33 -7.29 -7.64
CA HIS A 72 -1.62 -7.06 -9.05
C HIS A 72 -0.73 -5.96 -9.63
N ALA A 73 -0.45 -4.95 -8.80
CA ALA A 73 0.38 -3.84 -9.23
C ALA A 73 1.82 -4.28 -9.50
N LYS A 74 2.39 -5.01 -8.55
CA LYS A 74 3.76 -5.51 -8.69
C LYS A 74 3.93 -6.26 -10.01
N GLU A 75 2.88 -6.95 -10.43
CA GLU A 75 2.92 -7.70 -11.68
C GLU A 75 3.41 -6.82 -12.84
N ILE A 76 3.01 -5.56 -12.81
CA ILE A 76 3.40 -4.61 -13.84
C ILE A 76 4.28 -3.50 -13.27
N GLU A 77 5.45 -3.31 -13.87
CA GLU A 77 6.37 -2.28 -13.42
C GLU A 77 7.59 -2.20 -14.34
N ARG A 78 8.56 -1.38 -13.96
CA ARG A 78 9.79 -1.22 -14.74
C ARG A 78 11.01 -1.25 -13.85
N LEU A 79 10.92 -0.59 -12.69
CA LEU A 79 12.03 -0.54 -11.75
C LEU A 79 11.52 -0.32 -10.32
N GLN A 80 12.44 -0.32 -9.36
CA GLN A 80 12.08 -0.11 -7.97
C GLN A 80 12.64 1.20 -7.44
N LYS A 81 13.96 1.33 -7.48
CA LYS A 81 14.62 2.55 -7.01
C LYS A 81 16.08 2.57 -7.43
N GLU A 82 16.66 3.76 -7.49
CA GLU A 82 18.06 3.92 -7.87
C GLU A 82 18.88 4.54 -6.74
N ILE A 83 18.53 4.17 -5.50
CA ILE A 83 19.23 4.69 -4.35
C ILE A 83 20.34 3.75 -3.90
N GLU A 84 21.03 3.16 -4.87
CA GLU A 84 22.12 2.22 -4.58
C GLU A 84 23.19 2.90 -3.73
N ARG A 85 23.89 3.86 -4.32
CA ARG A 85 24.94 4.58 -3.62
C ARG A 85 25.98 3.62 -3.05
N HIS A 86 26.44 2.70 -3.90
CA HIS A 86 27.43 1.72 -3.48
C HIS A 86 28.85 2.21 -3.77
N LYS A 87 29.83 1.36 -3.53
CA LYS A 87 31.23 1.70 -3.76
C LYS A 87 32.09 0.46 -3.90
N GLN A 88 32.89 0.39 -4.96
CA GLN A 88 33.75 -0.74 -5.20
C GLN A 88 35.18 -0.45 -4.75
N SER A 89 35.34 -0.17 -3.46
CA SER A 89 36.65 0.14 -2.90
C SER A 89 37.67 -0.93 -3.28
N ILE A 90 37.20 -2.18 -3.40
CA ILE A 90 38.07 -3.29 -3.76
C ILE A 90 38.89 -2.96 -5.00
N LYS A 91 38.34 -2.14 -5.87
CA LYS A 91 39.02 -1.74 -7.10
C LYS A 91 40.43 -1.23 -6.79
N LYS A 92 40.58 -0.59 -5.64
CA LYS A 92 41.88 -0.05 -5.23
C LYS A 92 42.92 -1.16 -5.15
N LEU A 93 42.48 -2.35 -4.75
CA LEU A 93 43.38 -3.49 -4.64
C LEU A 93 43.49 -4.25 -5.95
N LYS A 94 42.34 -4.60 -6.52
CA LYS A 94 42.31 -5.33 -7.79
C LYS A 94 43.09 -4.57 -8.86
N GLN A 95 43.00 -3.25 -8.82
CA GLN A 95 43.70 -2.41 -9.79
C GLN A 95 45.18 -2.77 -9.86
N SER A 96 45.78 -3.02 -8.70
CA SER A 96 47.19 -3.38 -8.64
C SER A 96 47.38 -4.77 -8.03
N GLU A 97 46.89 -5.77 -8.75
CA GLU A 97 47.01 -7.15 -8.28
C GLU A 97 47.53 -8.06 -9.39
N CYS A 98 48.76 -8.54 -9.23
CA CYS A 98 49.37 -9.42 -10.21
C CYS A 98 48.69 -10.79 -10.24
N GLY A 1 7.97 -34.36 9.37
CA GLY A 1 6.64 -33.87 9.06
C GLY A 1 5.89 -33.41 10.28
N GLY A 2 5.89 -32.09 10.51
CA GLY A 2 5.19 -31.55 11.66
C GLY A 2 3.87 -30.91 11.29
N SER A 3 3.93 -29.82 10.54
CA SER A 3 2.74 -29.10 10.12
C SER A 3 3.04 -28.14 8.97
N LYS A 4 2.00 -27.77 8.22
CA LYS A 4 2.15 -26.86 7.10
C LYS A 4 2.44 -25.44 7.59
N GLU A 5 1.79 -25.06 8.68
CA GLU A 5 1.98 -23.72 9.25
C GLU A 5 3.46 -23.43 9.47
N ASN A 6 4.19 -24.43 9.92
CA ASN A 6 5.62 -24.28 10.16
C ASN A 6 6.34 -23.75 8.92
N GLU A 7 5.99 -24.32 7.77
CA GLU A 7 6.60 -23.91 6.51
C GLU A 7 6.21 -22.48 6.14
N ILE A 8 4.93 -22.16 6.33
CA ILE A 8 4.42 -20.82 6.03
C ILE A 8 5.11 -19.77 6.89
N SER A 9 5.30 -20.08 8.16
CA SER A 9 5.94 -19.16 9.10
C SER A 9 7.33 -18.77 8.60
N HIS A 10 8.02 -19.72 7.99
CA HIS A 10 9.36 -19.48 7.46
C HIS A 10 9.36 -18.28 6.51
N HIS A 11 8.38 -18.24 5.62
CA HIS A 11 8.26 -17.15 4.65
C HIS A 11 7.79 -15.88 5.33
N ALA A 12 6.81 -16.00 6.21
CA ALA A 12 6.25 -14.86 6.93
C ALA A 12 7.33 -14.18 7.77
N LYS A 13 8.28 -14.96 8.27
CA LYS A 13 9.36 -14.45 9.08
C LYS A 13 10.13 -13.35 8.35
N GLU A 14 10.32 -13.56 7.05
CA GLU A 14 11.03 -12.59 6.22
C GLU A 14 10.07 -11.61 5.56
N ILE A 15 8.91 -12.11 5.16
CA ILE A 15 7.89 -11.27 4.53
C ILE A 15 7.42 -10.17 5.46
N GLU A 16 7.20 -10.52 6.72
CA GLU A 16 6.76 -9.55 7.72
C GLU A 16 7.65 -8.32 7.72
N ARG A 17 8.93 -8.53 7.44
CA ARG A 17 9.89 -7.43 7.42
C ARG A 17 9.65 -6.52 6.22
N LEU A 18 9.23 -7.11 5.10
CA LEU A 18 8.97 -6.34 3.89
C LEU A 18 7.59 -5.68 3.96
N GLN A 19 6.64 -6.36 4.59
CA GLN A 19 5.28 -5.83 4.73
C GLN A 19 5.26 -4.64 5.68
N LYS A 20 6.25 -4.58 6.58
CA LYS A 20 6.34 -3.49 7.54
C LYS A 20 7.15 -2.33 6.97
N GLU A 21 8.07 -2.64 6.06
CA GLU A 21 8.90 -1.62 5.45
C GLU A 21 8.12 -0.84 4.39
N ILE A 22 7.30 -1.56 3.63
CA ILE A 22 6.50 -0.94 2.58
C ILE A 22 5.76 0.28 3.10
N GLU A 23 5.34 0.22 4.37
CA GLU A 23 4.62 1.32 4.98
C GLU A 23 5.44 2.61 4.95
N ARG A 24 6.75 2.48 5.18
CA ARG A 24 7.64 3.63 5.17
C ARG A 24 8.14 3.91 3.76
N HIS A 25 8.45 2.84 3.02
CA HIS A 25 8.95 2.98 1.65
C HIS A 25 7.90 3.66 0.77
N LYS A 26 6.73 3.04 0.67
CA LYS A 26 5.65 3.59 -0.15
C LYS A 26 5.39 5.05 0.20
N GLN A 27 5.40 5.35 1.49
CA GLN A 27 5.16 6.71 1.96
C GLN A 27 6.33 7.63 1.61
N SER A 28 7.53 7.07 1.62
CA SER A 28 8.72 7.84 1.29
C SER A 28 8.78 8.16 -0.20
N ILE A 29 8.30 7.24 -1.02
CA ILE A 29 8.28 7.43 -2.47
C ILE A 29 7.05 8.22 -2.91
N LYS A 30 5.95 8.01 -2.21
CA LYS A 30 4.70 8.71 -2.52
C LYS A 30 4.94 10.21 -2.63
N LYS A 31 5.84 10.73 -1.81
CA LYS A 31 6.15 12.15 -1.81
C LYS A 31 6.48 12.63 -3.23
N LEU A 32 7.25 11.82 -3.95
CA LEU A 32 7.64 12.17 -5.32
C LEU A 32 6.55 11.76 -6.31
N LYS A 33 5.79 10.72 -5.96
CA LYS A 33 4.72 10.23 -6.82
C LYS A 33 3.58 11.23 -6.88
N GLN A 34 3.37 11.96 -5.79
CA GLN A 34 2.31 12.96 -5.72
C GLN A 34 2.35 13.88 -6.93
N SER A 35 3.55 14.12 -7.45
CA SER A 35 3.73 14.99 -8.61
C SER A 35 2.81 14.56 -9.75
N GLU A 36 2.63 13.25 -9.90
CA GLU A 36 1.78 12.71 -10.95
C GLU A 36 0.31 12.73 -10.53
N GLN A 37 0.06 12.48 -9.25
CA GLN A 37 -1.29 12.48 -8.72
C GLN A 37 -2.02 13.76 -9.08
N SER A 38 -1.39 14.89 -8.83
CA SER A 38 -1.98 16.20 -9.13
C SER A 38 -3.22 16.43 -8.28
N ASN A 39 -3.24 15.83 -7.09
CA ASN A 39 -4.37 15.98 -6.17
C ASN A 39 -4.18 17.18 -5.26
N PRO A 40 -5.30 17.81 -4.87
CA PRO A 40 -5.28 18.99 -3.99
C PRO A 40 -4.87 18.63 -2.57
N PRO A 41 -4.58 19.66 -1.77
CA PRO A 41 -4.18 19.49 -0.37
C PRO A 41 -5.32 18.99 0.51
N PRO A 42 -4.99 18.56 1.74
CA PRO A 42 -5.97 18.07 2.70
C PRO A 42 -6.88 19.18 3.23
N ASN A 43 -8.17 18.86 3.39
CA ASN A 43 -9.13 19.83 3.89
C ASN A 43 -10.18 19.15 4.76
N PRO A 44 -9.76 18.77 5.99
CA PRO A 44 -10.65 18.12 6.95
C PRO A 44 -11.72 19.05 7.50
N GLU A 45 -12.95 18.85 7.07
CA GLU A 45 -14.07 19.68 7.51
C GLU A 45 -14.59 19.20 8.87
N GLY A 46 -13.71 19.16 9.85
CA GLY A 46 -14.09 18.72 11.18
C GLY A 46 -14.34 17.23 11.26
N THR A 47 -15.52 16.80 10.80
CA THR A 47 -15.89 15.39 10.81
C THR A 47 -14.80 14.55 10.17
N ARG A 48 -14.36 14.95 8.98
CA ARG A 48 -13.32 14.22 8.26
C ARG A 48 -12.11 13.98 9.15
N GLN A 49 -11.80 14.96 10.00
CA GLN A 49 -10.66 14.85 10.90
C GLN A 49 -10.90 13.77 11.96
N ALA A 50 -12.13 13.70 12.45
CA ALA A 50 -12.49 12.72 13.47
C ALA A 50 -12.45 11.30 12.90
N ARG A 51 -12.84 11.17 11.64
CA ARG A 51 -12.85 9.87 10.98
C ARG A 51 -11.43 9.41 10.66
N ARG A 52 -10.69 10.23 9.93
CA ARG A 52 -9.32 9.91 9.56
C ARG A 52 -8.51 9.53 10.79
N ASN A 53 -8.78 10.20 11.90
CA ASN A 53 -8.07 9.94 13.16
C ASN A 53 -8.09 8.45 13.49
N ARG A 54 -9.27 7.84 13.35
CA ARG A 54 -9.42 6.42 13.64
C ARG A 54 -9.01 5.56 12.45
N ARG A 55 -9.18 6.12 11.25
CA ARG A 55 -8.82 5.42 10.02
C ARG A 55 -7.41 4.84 10.11
N ARG A 56 -6.53 5.54 10.81
CA ARG A 56 -5.16 5.10 10.98
C ARG A 56 -5.10 3.66 11.48
N ARG A 57 -6.09 3.28 12.28
CA ARG A 57 -6.15 1.92 12.83
C ARG A 57 -6.46 0.92 11.73
N TRP A 58 -7.27 1.32 10.76
CA TRP A 58 -7.63 0.44 9.66
C TRP A 58 -6.51 0.36 8.63
N ARG A 59 -6.07 1.52 8.15
CA ARG A 59 -5.01 1.57 7.16
C ARG A 59 -3.79 0.78 7.62
N GLU A 60 -3.57 0.76 8.94
CA GLU A 60 -2.44 0.04 9.51
C GLU A 60 -2.41 -1.40 9.00
N ARG A 61 -3.59 -2.01 8.92
CA ARG A 61 -3.69 -3.40 8.45
C ARG A 61 -3.87 -3.45 6.94
N GLN A 62 -4.75 -2.60 6.42
CA GLN A 62 -5.01 -2.56 4.99
C GLN A 62 -3.71 -2.40 4.20
N ARG A 63 -2.83 -1.56 4.71
CA ARG A 63 -1.55 -1.31 4.06
C ARG A 63 -0.81 -2.62 3.79
N GLN A 64 -0.93 -3.55 4.72
CA GLN A 64 -0.28 -4.86 4.59
C GLN A 64 -1.05 -5.75 3.63
N LYS A 65 -2.37 -5.67 3.69
CA LYS A 65 -3.23 -6.48 2.83
C LYS A 65 -2.98 -6.16 1.35
N GLU A 66 -3.21 -4.90 0.98
CA GLU A 66 -3.00 -4.47 -0.40
C GLU A 66 -1.61 -4.86 -0.89
N ASN A 67 -0.63 -4.78 0.01
CA ASN A 67 0.75 -5.12 -0.33
C ASN A 67 0.89 -6.61 -0.58
N GLU A 68 0.15 -7.41 0.17
CA GLU A 68 0.20 -8.86 0.02
C GLU A 68 -0.24 -9.28 -1.37
N ILE A 69 -1.47 -8.94 -1.72
CA ILE A 69 -2.02 -9.28 -3.02
C ILE A 69 -1.11 -8.81 -4.15
N SER A 70 -0.48 -7.65 -3.94
CA SER A 70 0.43 -7.08 -4.92
C SER A 70 1.71 -7.88 -5.02
N HIS A 71 2.17 -8.39 -3.88
CA HIS A 71 3.39 -9.18 -3.83
C HIS A 71 3.35 -10.31 -4.86
N HIS A 72 2.17 -10.88 -5.04
CA HIS A 72 1.99 -11.98 -5.99
C HIS A 72 2.01 -11.46 -7.43
N ALA A 73 1.44 -10.28 -7.63
CA ALA A 73 1.39 -9.68 -8.95
C ALA A 73 2.80 -9.38 -9.47
N LYS A 74 3.69 -8.98 -8.56
CA LYS A 74 5.06 -8.67 -8.92
C LYS A 74 5.95 -9.91 -8.86
N GLU A 75 5.67 -10.78 -7.89
CA GLU A 75 6.44 -12.01 -7.73
C GLU A 75 6.51 -12.78 -9.05
N ILE A 76 5.37 -12.93 -9.70
CA ILE A 76 5.31 -13.66 -10.97
C ILE A 76 6.35 -13.12 -11.95
N GLU A 77 6.58 -11.81 -11.90
CA GLU A 77 7.55 -11.17 -12.79
C GLU A 77 8.84 -10.83 -12.04
N ARG A 78 9.79 -10.24 -12.75
CA ARG A 78 11.06 -9.86 -12.14
C ARG A 78 10.84 -9.03 -10.89
N LEU A 79 11.90 -8.83 -10.13
CA LEU A 79 11.83 -8.04 -8.89
C LEU A 79 13.20 -7.53 -8.49
N GLN A 80 13.25 -6.28 -8.02
CA GLN A 80 14.51 -5.67 -7.59
C GLN A 80 14.26 -4.56 -6.58
N LYS A 81 14.69 -4.79 -5.34
CA LYS A 81 14.52 -3.81 -4.28
C LYS A 81 15.72 -3.81 -3.34
N GLU A 82 15.77 -2.82 -2.45
CA GLU A 82 16.87 -2.71 -1.50
C GLU A 82 16.34 -2.70 -0.07
N ILE A 83 17.19 -3.13 0.87
CA ILE A 83 16.81 -3.18 2.27
C ILE A 83 17.26 -1.92 3.00
N GLU A 84 16.46 -1.48 3.97
CA GLU A 84 16.79 -0.29 4.74
C GLU A 84 16.35 -0.45 6.19
N ARG A 85 17.33 -0.44 7.10
CA ARG A 85 17.05 -0.60 8.53
C ARG A 85 16.20 0.57 9.04
N HIS A 86 15.88 0.54 10.32
CA HIS A 86 15.07 1.58 10.94
C HIS A 86 15.72 2.08 12.23
N LYS A 87 15.04 2.99 12.92
CA LYS A 87 15.55 3.54 14.16
C LYS A 87 14.57 3.30 15.31
N GLN A 88 13.29 3.55 15.05
CA GLN A 88 12.26 3.34 16.07
C GLN A 88 12.51 4.23 17.29
N SER A 89 12.99 5.44 17.04
CA SER A 89 13.27 6.38 18.11
C SER A 89 12.06 6.54 19.03
N ILE A 90 10.87 6.45 18.45
CA ILE A 90 9.64 6.58 19.22
C ILE A 90 9.65 5.67 20.44
N LYS A 91 10.33 4.54 20.31
CA LYS A 91 10.43 3.58 21.41
C LYS A 91 10.92 4.25 22.68
N LYS A 92 11.77 5.27 22.52
CA LYS A 92 12.32 6.00 23.66
C LYS A 92 11.27 6.91 24.27
N LEU A 93 10.32 7.36 23.46
CA LEU A 93 9.25 8.22 23.93
C LEU A 93 8.08 7.42 24.48
N LYS A 94 7.52 6.55 23.64
CA LYS A 94 6.40 5.71 24.04
C LYS A 94 6.69 5.01 25.36
N GLN A 95 7.89 4.45 25.48
CA GLN A 95 8.29 3.75 26.69
C GLN A 95 8.06 4.63 27.92
N SER A 96 8.25 5.92 27.76
CA SER A 96 8.07 6.87 28.86
C SER A 96 6.61 7.29 28.98
N GLU A 97 5.73 6.31 29.19
CA GLU A 97 4.31 6.59 29.31
C GLU A 97 3.75 5.98 30.59
N CYS A 98 3.59 6.81 31.61
CA CYS A 98 3.07 6.36 32.90
C CYS A 98 1.56 6.55 32.97
N GLY A 1 8.54 -35.95 5.75
CA GLY A 1 8.40 -34.71 5.01
C GLY A 1 8.46 -33.48 5.91
N GLY A 2 7.29 -32.94 6.25
CA GLY A 2 7.25 -31.77 7.09
C GLY A 2 5.83 -31.25 7.28
N SER A 3 5.70 -30.19 8.07
CA SER A 3 4.38 -29.61 8.34
C SER A 3 4.09 -28.48 7.35
N LYS A 4 2.82 -28.07 7.30
CA LYS A 4 2.40 -27.01 6.40
C LYS A 4 2.70 -25.63 7.00
N GLU A 5 2.53 -25.53 8.31
CA GLU A 5 2.79 -24.27 9.01
C GLU A 5 4.29 -23.99 9.11
N ASN A 6 5.06 -25.06 9.30
CA ASN A 6 6.51 -24.93 9.40
C ASN A 6 7.09 -24.18 8.21
N GLU A 7 6.54 -24.44 7.02
CA GLU A 7 6.99 -23.80 5.80
C GLU A 7 6.55 -22.33 5.76
N ILE A 8 5.33 -22.08 6.22
CA ILE A 8 4.79 -20.73 6.25
C ILE A 8 5.62 -19.82 7.14
N SER A 9 6.12 -20.37 8.24
CA SER A 9 6.93 -19.59 9.18
C SER A 9 8.24 -19.15 8.52
N HIS A 10 8.79 -20.01 7.68
CA HIS A 10 10.04 -19.72 7.00
C HIS A 10 9.88 -18.48 6.11
N HIS A 11 8.73 -18.36 5.46
CA HIS A 11 8.45 -17.23 4.59
C HIS A 11 7.99 -16.02 5.39
N ALA A 12 7.14 -16.27 6.38
CA ALA A 12 6.63 -15.19 7.22
C ALA A 12 7.75 -14.52 8.01
N LYS A 13 8.76 -15.31 8.38
CA LYS A 13 9.89 -14.78 9.12
C LYS A 13 10.53 -13.60 8.41
N GLU A 14 10.54 -13.66 7.08
CA GLU A 14 11.12 -12.60 6.27
C GLU A 14 10.04 -11.63 5.78
N ILE A 15 8.90 -12.19 5.39
CA ILE A 15 7.78 -11.39 4.90
C ILE A 15 7.34 -10.38 5.94
N GLU A 16 7.46 -10.75 7.21
CA GLU A 16 7.08 -9.87 8.31
C GLU A 16 7.81 -8.53 8.23
N ARG A 17 9.14 -8.59 8.15
CA ARG A 17 9.95 -7.38 8.06
C ARG A 17 9.59 -6.58 6.82
N LEU A 18 9.03 -7.24 5.82
CA LEU A 18 8.65 -6.59 4.57
C LEU A 18 7.30 -5.88 4.73
N GLN A 19 6.29 -6.64 5.18
CA GLN A 19 4.95 -6.09 5.36
C GLN A 19 4.98 -4.91 6.33
N LYS A 20 5.98 -4.90 7.21
CA LYS A 20 6.11 -3.83 8.18
C LYS A 20 6.96 -2.69 7.62
N GLU A 21 7.90 -3.02 6.75
CA GLU A 21 8.77 -2.02 6.15
C GLU A 21 8.03 -1.25 5.06
N ILE A 22 7.20 -1.95 4.30
CA ILE A 22 6.43 -1.33 3.23
C ILE A 22 5.71 -0.08 3.72
N GLU A 23 5.28 -0.11 4.98
CA GLU A 23 4.58 1.03 5.57
C GLU A 23 5.37 2.32 5.38
N ARG A 24 6.69 2.21 5.51
CA ARG A 24 7.56 3.38 5.36
C ARG A 24 7.94 3.58 3.89
N HIS A 25 8.38 2.51 3.25
CA HIS A 25 8.77 2.56 1.84
C HIS A 25 7.67 3.20 1.00
N LYS A 26 6.47 2.64 1.09
CA LYS A 26 5.32 3.15 0.33
C LYS A 26 5.16 4.65 0.53
N GLN A 27 5.32 5.10 1.78
CA GLN A 27 5.19 6.50 2.11
C GLN A 27 6.35 7.30 1.53
N SER A 28 7.53 6.69 1.48
CA SER A 28 8.72 7.35 0.95
C SER A 28 8.62 7.51 -0.56
N ILE A 29 8.01 6.53 -1.21
CA ILE A 29 7.85 6.56 -2.66
C ILE A 29 6.62 7.37 -3.07
N LYS A 30 5.59 7.32 -2.23
CA LYS A 30 4.36 8.04 -2.49
C LYS A 30 4.65 9.52 -2.82
N LYS A 31 5.71 10.05 -2.21
CA LYS A 31 6.09 11.43 -2.43
C LYS A 31 6.42 11.68 -3.90
N LEU A 32 7.02 10.68 -4.54
CA LEU A 32 7.38 10.78 -5.94
C LEU A 32 6.21 10.43 -6.85
N LYS A 33 5.39 9.48 -6.39
CA LYS A 33 4.22 9.05 -7.15
C LYS A 33 3.16 10.14 -7.19
N GLN A 34 2.96 10.81 -6.07
CA GLN A 34 1.98 11.88 -5.97
C GLN A 34 2.19 12.92 -7.06
N SER A 35 3.44 13.07 -7.48
CA SER A 35 3.80 14.03 -8.52
C SER A 35 2.91 13.85 -9.75
N GLU A 36 2.89 12.64 -10.29
CA GLU A 36 2.09 12.34 -11.47
C GLU A 36 0.68 11.90 -11.07
N GLN A 37 0.60 11.11 -10.01
CA GLN A 37 -0.70 10.62 -9.53
C GLN A 37 -1.64 11.78 -9.26
N SER A 38 -1.13 12.83 -8.64
CA SER A 38 -1.94 14.01 -8.33
C SER A 38 -3.09 13.65 -7.40
N ASN A 39 -2.75 13.14 -6.22
CA ASN A 39 -3.75 12.74 -5.23
C ASN A 39 -3.37 13.24 -3.84
N PRO A 40 -3.48 14.56 -3.64
CA PRO A 40 -3.15 15.20 -2.36
C PRO A 40 -4.16 14.85 -1.27
N PRO A 41 -3.81 15.18 -0.01
CA PRO A 41 -4.67 14.91 1.14
C PRO A 41 -5.92 15.80 1.16
N PRO A 42 -6.88 15.46 2.02
CA PRO A 42 -8.13 16.21 2.15
C PRO A 42 -7.92 17.59 2.78
N ASN A 43 -8.83 18.50 2.50
CA ASN A 43 -8.74 19.86 3.03
C ASN A 43 -8.43 19.83 4.53
N PRO A 44 -7.94 20.96 5.05
CA PRO A 44 -7.59 21.10 6.47
C PRO A 44 -8.81 21.10 7.36
N GLU A 45 -9.09 19.97 8.00
CA GLU A 45 -10.25 19.86 8.89
C GLU A 45 -9.83 19.26 10.23
N GLY A 46 -10.15 19.96 11.31
CA GLY A 46 -9.81 19.49 12.63
C GLY A 46 -8.34 19.13 12.77
N THR A 47 -8.05 17.83 12.75
CA THR A 47 -6.67 17.36 12.87
C THR A 47 -6.52 15.95 12.30
N ARG A 48 -5.88 15.86 11.14
CA ARG A 48 -5.67 14.58 10.48
C ARG A 48 -5.04 13.58 11.44
N GLN A 49 -4.18 14.08 12.34
CA GLN A 49 -3.51 13.24 13.30
C GLN A 49 -4.48 12.74 14.36
N ALA A 50 -5.43 13.59 14.73
CA ALA A 50 -6.42 13.24 15.73
C ALA A 50 -7.09 11.91 15.42
N ARG A 51 -7.52 11.76 14.16
CA ARG A 51 -8.17 10.53 13.73
C ARG A 51 -7.15 9.49 13.30
N ARG A 52 -6.12 9.94 12.59
CA ARG A 52 -5.06 9.03 12.12
C ARG A 52 -4.52 8.19 13.27
N ASN A 53 -4.51 8.76 14.47
CA ASN A 53 -4.02 8.06 15.65
C ASN A 53 -4.66 6.68 15.77
N ARG A 54 -5.99 6.64 15.79
CA ARG A 54 -6.72 5.39 15.91
C ARG A 54 -6.88 4.73 14.53
N ARG A 55 -7.09 5.55 13.51
CA ARG A 55 -7.27 5.05 12.16
C ARG A 55 -6.13 4.10 11.77
N ARG A 56 -4.96 4.34 12.33
CA ARG A 56 -3.79 3.52 12.05
C ARG A 56 -4.11 2.04 12.25
N ARG A 57 -5.00 1.76 13.20
CA ARG A 57 -5.39 0.38 13.49
C ARG A 57 -5.98 -0.29 12.25
N TRP A 58 -6.68 0.50 11.43
CA TRP A 58 -7.29 -0.01 10.21
C TRP A 58 -6.29 0.00 9.05
N ARG A 59 -5.60 1.13 8.89
CA ARG A 59 -4.63 1.28 7.82
C ARG A 59 -3.53 0.21 7.93
N GLU A 60 -3.17 -0.13 9.16
CA GLU A 60 -2.14 -1.13 9.41
C GLU A 60 -2.56 -2.49 8.87
N ARG A 61 -3.79 -2.89 9.18
CA ARG A 61 -4.32 -4.18 8.74
C ARG A 61 -4.63 -4.14 7.25
N GLN A 62 -5.12 -3.00 6.78
CA GLN A 62 -5.47 -2.84 5.37
C GLN A 62 -4.23 -2.95 4.50
N ARG A 63 -3.27 -2.05 4.71
CA ARG A 63 -2.03 -2.05 3.94
C ARG A 63 -1.38 -3.42 3.96
N GLN A 64 -1.16 -3.96 5.15
CA GLN A 64 -0.54 -5.27 5.30
C GLN A 64 -1.33 -6.34 4.56
N LYS A 65 -2.65 -6.20 4.56
CA LYS A 65 -3.53 -7.15 3.88
C LYS A 65 -3.37 -7.04 2.36
N GLU A 66 -3.68 -5.86 1.83
CA GLU A 66 -3.59 -5.62 0.38
C GLU A 66 -2.19 -5.96 -0.12
N ASN A 67 -1.18 -5.66 0.69
CA ASN A 67 0.20 -5.93 0.33
C ASN A 67 0.48 -7.44 0.30
N GLU A 68 -0.15 -8.17 1.21
CA GLU A 68 0.03 -9.61 1.28
C GLU A 68 -0.46 -10.29 0.00
N ILE A 69 -1.74 -10.11 -0.30
CA ILE A 69 -2.33 -10.70 -1.50
C ILE A 69 -1.53 -10.35 -2.74
N SER A 70 -0.98 -9.13 -2.76
CA SER A 70 -0.19 -8.66 -3.89
C SER A 70 1.13 -9.44 -3.98
N HIS A 71 1.84 -9.52 -2.86
CA HIS A 71 3.11 -10.23 -2.81
C HIS A 71 2.96 -11.65 -3.36
N HIS A 72 1.82 -12.26 -3.10
CA HIS A 72 1.56 -13.62 -3.57
C HIS A 72 1.34 -13.64 -5.08
N ALA A 73 0.70 -12.60 -5.59
CA ALA A 73 0.43 -12.49 -7.02
C ALA A 73 1.70 -12.16 -7.80
N LYS A 74 2.34 -11.05 -7.44
CA LYS A 74 3.57 -10.63 -8.09
C LYS A 74 4.59 -11.76 -8.13
N GLU A 75 4.62 -12.56 -7.07
CA GLU A 75 5.55 -13.69 -6.98
C GLU A 75 5.45 -14.57 -8.22
N ILE A 76 4.24 -14.72 -8.74
CA ILE A 76 4.01 -15.54 -9.92
C ILE A 76 3.26 -14.76 -10.99
N GLU A 77 3.93 -13.77 -11.59
CA GLU A 77 3.33 -12.96 -12.63
C GLU A 77 3.98 -13.23 -13.98
N ARG A 78 3.59 -12.45 -14.99
CA ARG A 78 4.14 -12.61 -16.33
C ARG A 78 4.36 -11.25 -16.99
N LEU A 79 5.63 -10.89 -17.20
CA LEU A 79 5.97 -9.63 -17.82
C LEU A 79 7.24 -9.75 -18.66
N GLN A 80 7.37 -8.89 -19.67
CA GLN A 80 8.53 -8.90 -20.53
C GLN A 80 8.64 -7.61 -21.34
N LYS A 81 9.86 -7.16 -21.57
CA LYS A 81 10.10 -5.93 -22.32
C LYS A 81 10.22 -6.22 -23.81
N GLU A 82 9.18 -6.83 -24.38
CA GLU A 82 9.16 -7.16 -25.80
C GLU A 82 7.99 -6.48 -26.51
N ILE A 83 8.27 -5.92 -27.69
CA ILE A 83 7.25 -5.24 -28.47
C ILE A 83 7.61 -5.21 -29.95
N GLU A 84 6.60 -5.27 -30.81
CA GLU A 84 6.81 -5.25 -32.24
C GLU A 84 5.85 -4.28 -32.92
N ARG A 85 4.57 -4.59 -32.92
CA ARG A 85 3.56 -3.74 -33.52
C ARG A 85 3.79 -3.62 -35.03
N HIS A 86 4.06 -4.75 -35.67
CA HIS A 86 4.31 -4.77 -37.11
C HIS A 86 3.25 -5.61 -37.83
N LYS A 87 1.98 -5.25 -37.64
CA LYS A 87 0.89 -5.98 -38.27
C LYS A 87 0.86 -5.72 -39.77
N GLN A 88 1.20 -4.51 -40.18
CA GLN A 88 1.21 -4.14 -41.58
C GLN A 88 -0.19 -4.23 -42.18
N SER A 89 -1.16 -3.68 -41.48
CA SER A 89 -2.55 -3.70 -41.94
C SER A 89 -2.80 -2.57 -42.94
N ILE A 90 -2.13 -1.45 -42.74
CA ILE A 90 -2.28 -0.30 -43.62
C ILE A 90 -2.15 -0.70 -45.09
N LYS A 91 -1.34 -1.73 -45.34
CA LYS A 91 -1.12 -2.22 -46.69
C LYS A 91 -2.45 -2.53 -47.37
N LYS A 92 -3.42 -2.98 -46.59
CA LYS A 92 -4.74 -3.30 -47.13
C LYS A 92 -5.47 -2.05 -47.60
N LEU A 93 -5.18 -0.93 -46.95
CA LEU A 93 -5.80 0.35 -47.30
C LEU A 93 -5.02 1.04 -48.41
N LYS A 94 -3.71 1.18 -48.23
CA LYS A 94 -2.86 1.81 -49.21
C LYS A 94 -3.07 1.20 -50.60
N GLN A 95 -3.28 -0.12 -50.63
CA GLN A 95 -3.49 -0.82 -51.88
C GLN A 95 -4.62 -0.18 -52.69
N SER A 96 -5.64 0.31 -51.98
CA SER A 96 -6.78 0.94 -52.63
C SER A 96 -7.16 2.24 -51.91
N GLU A 97 -6.25 3.21 -51.96
CA GLU A 97 -6.49 4.50 -51.31
C GLU A 97 -7.82 5.09 -51.76
N CYS A 98 -8.18 4.86 -53.01
CA CYS A 98 -9.43 5.36 -53.56
C CYS A 98 -10.56 4.37 -53.35
#